data_8U2C
#
_entry.id   8U2C
#
loop_
_entity.id
_entity.type
_entity.pdbx_description
1 polymer 'Broad substrate specificity ATP-binding cassette transporter ABCG2'
2 polymer '5D3 Fab light chain variable domain'
3 polymer '5D3 Fab heavy chain variable domain'
4 polymer 'FAB heavy chain constant domain'
5 polymer 'Fab light chain constant domain'
#
loop_
_entity_poly.entity_id
_entity_poly.type
_entity_poly.pdbx_seq_one_letter_code
_entity_poly.pdbx_strand_id
1 'polypeptide(L)'
;MSSSNVEVFIPVSQGNTNGFPATASNDLKAFTEGAVLSFHNICYRVKLKSGFLPCRKPVEKEILSNINGIMKPGLNAILG
PTGGGKSSLLDVLAARKDPSGLSGDVLINGAPRPANFKCNSGYVVQDDVVMGTLTVRENLQFSAALRLATTMTNHEKNER
INRVIQELGLDKVADSKVGTQFIRGVSGGERKRTSIGMELITDPSILFLDEPTTGLDSSTANAVLLLLKRMSKQGRTIIF
SIHQPRYSIFKLFDSLTLLASGRLMFHGPAQEALGYFESAGYHCEAYNNPADFFLDIINGDSTAVALNREEDFKATEIIE
PSKQDKPLIEKLAEIYVNSSFYKETKAELHQLSGGEKKKKITVFKEISYTTSFCHQLRWVSKRSFKNLLGNPQASIAQII
VTVVLGLVIGAIYFGLKNDSTGIQNRAGVLFFLTTNQCFSSVSAVELFVVEKKLFIHEYISGYYRVSSYFLGKLLSDLLP
MRMLPSIIFTCIVYFMLGLKPKADAFFVMMFTLMMVAYSASSMALAIAAGQSVVSVATLLMTICFVFMMIFSGLLVNLTT
IASWLSWLQYFSIPRYGFTALQHNEFLGQNFCPGLNATGNNPCNYATCTGEEYLVKQGIDLSPWGLWKNHVALACMIVIF
LTIAYLKLLFLKKYS
;
A,B
2 'polypeptide(L)'
;DIVLTQSPSSFSVSLGDRVTISCKASGYILNRLAWYQQKPGNAPRLLISGATSLETGFPSRFSGTGSGKDYTLSISSLQT
EDVGTYYCQQYWSTPWTFGGGTKLEIRRADAAPTVSIFPPSSEQLTSGGASVVCFLNNFYPKDINVKWKIDGSERQNGVL
NSWTDQDSKDSTYSMSSTLTLTKDEYERHNSYTCEATHKTSTSPIVKSFNRNEC
;
C,E
3 'polypeptide(L)'
;QVQLQESGPGLVKPSQSLSLTCTVTGFSITSDYAWNWIRQFPGKKLEWMGYINFDGGTTYNPSLRGRISITRDTSKNQFF
LQLRSVTPEDTATYYCATFYGAKGTLDYWGQGTSVTVSSAKTTPPSVYPLAPVCGDTSGSSVTLGCLVKGYFPEPVTLTW
NSGSLSSGVHTFPAVLQSDLYTLSSSVTVTSSTWPSQSITCNVAHPASSTKVDKKIEPRGP
;
D,F
4 'polypeptide(L)'
;AVQLEQSGPGLVRPSQTLSLTCTVSGTSFDDYYWTWVRQPPGRGLEWIGYVFYTGTTLLDPSLRGRVTMLVNTSKNQFSL
RLSSVTAADTAVYYCARNLIAGGIDVWGQGSLVTVSSASTKGPSVFPLAPSSKSTSGGTAALGCLVKDYFPEPVTVSWNS
GALTSGVHTFPAVLQSSGLYSLSSVVTVPSSSLGTQTYICNVNHKPSNTKVDKKVEP
;
I,J
5 'polypeptide(L)'
;QMTQSPSSLSASVGDRVTITCRASQSVSSAVAWYQQKPGKAPKLLIYSASSLYSGVPSRFSGSRSGTDYTLTISSLQPED
FATYYCQQDGWSLITFGQGTKVEIKRTVAAPSVFIFPPSDEQLKSGTASVVCLLNNFYPREAKVQWKVDNALQSGNSQES
VTEQDSKDSTYSLSSTLTLSKADYEKHKVYACEVTHQGLSSPVTKSFNRG
;
K,L
#
# COMPACT_ATOMS: atom_id res chain seq x y z
N ALA A 35 -9.21 58.91 31.84
CA ALA A 35 -10.46 58.79 31.07
C ALA A 35 -11.51 57.99 31.83
N VAL A 36 -12.78 58.44 31.81
CA VAL A 36 -13.91 57.77 32.47
C VAL A 36 -14.79 57.07 31.44
N LEU A 37 -15.11 55.81 31.68
CA LEU A 37 -15.86 54.93 30.79
C LEU A 37 -17.24 54.71 31.42
N SER A 38 -18.30 55.09 30.74
CA SER A 38 -19.67 55.03 31.27
C SER A 38 -20.57 54.24 30.35
N PHE A 39 -21.27 53.25 30.91
CA PHE A 39 -22.18 52.36 30.20
C PHE A 39 -23.61 52.61 30.69
N HIS A 40 -24.52 52.90 29.77
CA HIS A 40 -25.92 53.24 30.04
C HIS A 40 -26.90 52.28 29.37
N ASN A 41 -27.80 51.70 30.15
CA ASN A 41 -28.85 50.78 29.69
C ASN A 41 -28.34 49.63 28.80
N ILE A 42 -27.16 49.07 29.11
CA ILE A 42 -26.59 47.94 28.35
C ILE A 42 -27.52 46.74 28.47
N CYS A 43 -27.91 46.20 27.32
CA CYS A 43 -28.52 44.87 27.17
C CYS A 43 -27.77 44.14 26.04
N TYR A 44 -27.66 42.83 26.10
CA TYR A 44 -27.04 42.03 25.05
C TYR A 44 -27.76 40.70 24.89
N ARG A 45 -28.01 40.27 23.64
CA ARG A 45 -28.64 38.98 23.31
C ARG A 45 -27.88 38.20 22.24
N VAL A 46 -27.85 36.87 22.37
CA VAL A 46 -27.17 35.97 21.42
C VAL A 46 -28.06 35.63 20.22
N LYS A 61 -32.16 35.41 22.74
CA LYS A 61 -31.88 35.10 24.14
C LYS A 61 -30.97 36.16 24.78
N GLU A 62 -31.51 36.91 25.74
CA GLU A 62 -30.73 37.88 26.54
C GLU A 62 -29.66 37.18 27.41
N ILE A 63 -28.52 37.84 27.61
CA ILE A 63 -27.54 37.46 28.64
C ILE A 63 -27.13 38.63 29.55
N LEU A 64 -27.22 39.89 29.09
CA LEU A 64 -27.18 41.09 29.94
C LEU A 64 -28.54 41.80 29.81
N SER A 65 -29.22 42.05 30.92
CA SER A 65 -30.66 42.41 30.89
C SER A 65 -30.90 43.92 30.81
N ASN A 66 -30.41 44.68 31.78
CA ASN A 66 -30.25 46.13 31.71
C ASN A 66 -29.24 46.55 32.78
N ILE A 67 -28.15 47.20 32.39
CA ILE A 67 -27.01 47.51 33.25
C ILE A 67 -26.59 48.97 33.09
N ASN A 68 -26.27 49.64 34.18
CA ASN A 68 -25.89 51.05 34.24
C ASN A 68 -24.71 51.25 35.19
N GLY A 69 -23.71 52.05 34.82
CA GLY A 69 -22.58 52.33 35.71
C GLY A 69 -21.52 53.22 35.08
N ILE A 70 -20.63 53.78 35.90
CA ILE A 70 -19.43 54.49 35.43
C ILE A 70 -18.17 53.92 36.08
N MET A 71 -17.08 53.92 35.32
CA MET A 71 -15.76 53.47 35.71
C MET A 71 -14.74 54.58 35.50
N LYS A 72 -13.73 54.67 36.37
CA LYS A 72 -12.91 55.88 36.57
C LYS A 72 -11.44 55.53 36.79
N PRO A 73 -10.50 56.48 36.65
CA PRO A 73 -9.09 56.24 36.94
C PRO A 73 -8.91 55.64 38.33
N GLY A 74 -8.14 54.56 38.42
CA GLY A 74 -8.20 53.64 39.53
C GLY A 74 -8.40 52.19 39.07
N LEU A 75 -8.65 51.33 40.05
CA LEU A 75 -8.67 49.88 39.93
C LEU A 75 -10.12 49.40 40.12
N ASN A 76 -10.80 48.94 39.06
CA ASN A 76 -12.25 48.67 39.06
C ASN A 76 -12.56 47.18 38.79
N ALA A 77 -13.21 46.52 39.75
CA ALA A 77 -13.40 45.07 39.73
C ALA A 77 -14.84 44.64 39.39
N ILE A 78 -14.99 43.65 38.51
CA ILE A 78 -16.27 43.03 38.14
C ILE A 78 -16.34 41.60 38.70
N LEU A 79 -17.30 41.32 39.58
CA LEU A 79 -17.41 40.08 40.36
C LEU A 79 -18.77 39.39 40.19
N GLY A 80 -18.83 38.11 40.55
CA GLY A 80 -20.05 37.30 40.51
C GLY A 80 -19.75 35.85 40.15
N PRO A 81 -20.77 34.97 40.15
CA PRO A 81 -20.63 33.59 39.72
C PRO A 81 -20.27 33.49 38.23
N THR A 82 -19.62 32.39 37.84
CA THR A 82 -18.94 32.23 36.55
C THR A 82 -19.88 32.33 35.35
N GLY A 83 -21.09 31.77 35.45
CA GLY A 83 -22.11 31.85 34.39
C GLY A 83 -22.87 33.18 34.34
N GLY A 84 -22.60 34.10 35.25
CA GLY A 84 -23.23 35.43 35.31
C GLY A 84 -22.72 36.36 34.21
N GLY A 85 -23.01 37.65 34.36
CA GLY A 85 -22.63 38.65 33.35
C GLY A 85 -21.15 39.02 33.33
N LYS A 86 -20.35 38.64 34.34
CA LYS A 86 -19.02 39.24 34.63
C LYS A 86 -18.07 39.33 33.43
N SER A 87 -17.93 38.25 32.66
CA SER A 87 -17.05 38.18 31.49
C SER A 87 -17.66 38.88 30.29
N SER A 88 -18.98 38.72 30.09
CA SER A 88 -19.68 39.35 28.97
C SER A 88 -19.74 40.86 29.09
N LEU A 89 -19.87 41.42 30.30
CA LEU A 89 -19.80 42.87 30.46
C LEU A 89 -18.40 43.38 30.11
N LEU A 90 -17.32 42.75 30.59
CA LEU A 90 -15.97 43.14 30.23
C LEU A 90 -15.77 43.15 28.70
N ASP A 91 -16.24 42.12 28.00
CA ASP A 91 -16.14 42.04 26.55
C ASP A 91 -17.09 42.97 25.78
N VAL A 92 -18.17 43.46 26.38
CA VAL A 92 -18.98 44.54 25.82
C VAL A 92 -18.28 45.88 26.00
N LEU A 93 -17.81 46.17 27.22
CA LEU A 93 -17.08 47.40 27.52
C LEU A 93 -15.84 47.55 26.62
N ALA A 94 -15.12 46.46 26.39
CA ALA A 94 -13.92 46.40 25.56
C ALA A 94 -14.16 46.33 24.04
N ALA A 95 -15.41 46.28 23.56
CA ALA A 95 -15.75 46.07 22.16
C ALA A 95 -15.23 44.74 21.57
N ARG A 96 -15.12 43.69 22.41
CA ARG A 96 -14.69 42.33 22.04
C ARG A 96 -15.86 41.42 21.65
N LYS A 97 -17.11 41.78 21.97
CA LYS A 97 -18.34 41.09 21.52
C LYS A 97 -18.96 41.71 20.27
N ASP A 98 -19.80 40.93 19.59
CA ASP A 98 -20.44 41.30 18.33
C ASP A 98 -21.45 42.46 18.52
N PRO A 99 -21.32 43.61 17.84
CA PRO A 99 -22.28 44.71 17.94
C PRO A 99 -23.72 44.37 17.58
N SER A 100 -24.03 43.23 16.95
CA SER A 100 -25.40 42.88 16.58
C SER A 100 -26.34 42.69 17.77
N GLY A 101 -25.85 42.23 18.93
CA GLY A 101 -26.65 42.01 20.13
C GLY A 101 -26.76 43.22 21.07
N LEU A 102 -25.79 44.13 21.04
CA LEU A 102 -25.67 45.23 21.99
C LEU A 102 -26.76 46.30 21.79
N SER A 103 -27.55 46.57 22.83
CA SER A 103 -28.75 47.43 22.77
C SER A 103 -28.69 48.70 23.63
N GLY A 104 -27.60 48.96 24.34
CA GLY A 104 -27.39 50.18 25.14
C GLY A 104 -26.39 51.14 24.51
N ASP A 105 -25.80 52.04 25.31
CA ASP A 105 -24.78 52.97 24.84
C ASP A 105 -23.57 53.08 25.79
N VAL A 106 -22.35 53.09 25.24
CA VAL A 106 -21.08 53.22 25.97
C VAL A 106 -20.32 54.45 25.50
N LEU A 107 -19.92 55.31 26.44
CA LEU A 107 -19.26 56.59 26.19
C LEU A 107 -17.93 56.67 26.95
N ILE A 108 -16.95 57.37 26.39
CA ILE A 108 -15.68 57.72 27.02
C ILE A 108 -15.63 59.24 27.19
N ASN A 109 -15.40 59.74 28.40
CA ASN A 109 -15.43 61.18 28.71
C ASN A 109 -16.69 61.92 28.16
N GLY A 110 -17.83 61.22 28.08
CA GLY A 110 -19.08 61.77 27.55
C GLY A 110 -19.23 61.77 26.03
N ALA A 111 -18.32 61.15 25.27
CA ALA A 111 -18.41 61.00 23.81
C ALA A 111 -18.42 59.51 23.39
N PRO A 112 -19.11 59.10 22.31
CA PRO A 112 -19.20 57.69 21.90
C PRO A 112 -17.85 57.00 21.69
N ARG A 113 -17.78 55.67 21.90
CA ARG A 113 -16.60 54.88 21.50
C ARG A 113 -16.40 54.99 19.98
N PRO A 114 -15.21 55.35 19.48
CA PRO A 114 -14.92 55.30 18.05
C PRO A 114 -14.76 53.84 17.59
N ALA A 115 -14.94 53.56 16.30
CA ALA A 115 -14.63 52.23 15.75
C ALA A 115 -13.15 51.85 15.93
N ASN A 116 -12.28 52.85 16.01
CA ASN A 116 -10.85 52.78 16.29
C ASN A 116 -10.50 52.33 17.74
N PHE A 117 -11.47 52.17 18.64
CA PHE A 117 -11.22 51.96 20.08
C PHE A 117 -10.36 50.73 20.41
N LYS A 118 -10.50 49.65 19.64
CA LYS A 118 -9.73 48.40 19.80
C LYS A 118 -8.22 48.61 19.65
N CYS A 119 -7.80 49.66 18.95
CA CYS A 119 -6.40 50.02 18.74
C CYS A 119 -5.86 50.97 19.81
N ASN A 120 -6.73 51.72 20.50
CA ASN A 120 -6.33 52.78 21.44
C ASN A 120 -6.37 52.34 22.92
N SER A 121 -6.90 51.15 23.19
CA SER A 121 -7.07 50.56 24.52
C SER A 121 -6.35 49.21 24.61
N GLY A 122 -5.86 48.84 25.79
CA GLY A 122 -5.22 47.56 26.02
C GLY A 122 -6.22 46.49 26.47
N TYR A 123 -6.06 45.24 26.05
CA TYR A 123 -6.86 44.13 26.57
C TYR A 123 -5.98 42.90 26.81
N VAL A 124 -5.96 42.40 28.04
CA VAL A 124 -5.12 41.28 28.47
C VAL A 124 -5.98 40.04 28.69
N VAL A 125 -5.68 38.97 27.96
CA VAL A 125 -6.39 37.67 28.02
C VAL A 125 -6.13 36.94 29.34
N GLN A 126 -7.02 36.06 29.79
CA GLN A 126 -6.82 35.27 31.00
C GLN A 126 -5.59 34.37 30.92
N ASP A 127 -5.61 33.37 30.03
CA ASP A 127 -4.45 32.51 29.75
C ASP A 127 -3.55 33.18 28.72
N ASP A 128 -2.29 33.42 29.10
CA ASP A 128 -1.32 34.18 28.30
C ASP A 128 -1.02 33.51 26.96
N VAL A 129 -1.10 34.30 25.88
CA VAL A 129 -0.82 33.89 24.50
C VAL A 129 0.61 34.22 24.03
N VAL A 130 1.47 34.73 24.93
CA VAL A 130 2.86 35.15 24.62
C VAL A 130 3.69 34.02 24.02
N MET A 131 4.68 34.36 23.19
CA MET A 131 5.55 33.36 22.55
C MET A 131 6.53 32.76 23.54
N GLY A 132 6.32 31.50 23.92
CA GLY A 132 7.13 30.79 24.92
C GLY A 132 8.58 30.50 24.51
N THR A 133 8.95 30.69 23.25
CA THR A 133 10.31 30.41 22.75
C THR A 133 11.06 31.65 22.25
N LEU A 134 10.40 32.80 22.18
CA LEU A 134 11.06 34.09 22.12
C LEU A 134 11.45 34.53 23.54
N THR A 135 12.33 35.52 23.67
CA THR A 135 12.61 36.18 24.96
C THR A 135 11.68 37.36 25.26
N VAL A 136 11.66 37.87 26.49
CA VAL A 136 10.79 38.99 26.92
C VAL A 136 11.04 40.25 26.09
N ARG A 137 12.31 40.59 25.82
CA ARG A 137 12.74 41.64 24.90
C ARG A 137 12.14 41.47 23.50
N GLU A 138 12.15 40.25 22.96
CA GLU A 138 11.64 39.97 21.61
C GLU A 138 10.11 40.04 21.51
N ASN A 139 9.39 39.58 22.53
CA ASN A 139 7.93 39.68 22.56
C ASN A 139 7.49 41.15 22.57
N LEU A 140 8.10 41.98 23.43
CA LEU A 140 7.85 43.42 23.45
C LEU A 140 8.25 44.08 22.12
N GLN A 141 9.39 43.70 21.54
CA GLN A 141 9.81 44.20 20.22
C GLN A 141 8.81 43.87 19.11
N PHE A 142 8.22 42.66 19.06
CA PHE A 142 7.19 42.34 18.06
C PHE A 142 5.95 43.21 18.24
N SER A 143 5.48 43.43 19.47
CA SER A 143 4.37 44.35 19.72
C SER A 143 4.72 45.78 19.28
N ALA A 144 5.89 46.30 19.67
CA ALA A 144 6.35 47.63 19.27
C ALA A 144 6.56 47.76 17.75
N ALA A 145 6.98 46.71 17.08
CA ALA A 145 7.20 46.70 15.64
C ALA A 145 5.91 46.91 14.84
N LEU A 146 4.74 46.63 15.42
CA LEU A 146 3.45 46.62 14.70
C LEU A 146 2.39 47.56 15.29
N ARG A 147 2.40 47.85 16.60
CA ARG A 147 1.41 48.76 17.23
C ARG A 147 1.83 50.22 17.25
N LEU A 148 3.14 50.52 17.26
CA LEU A 148 3.66 51.88 17.12
C LEU A 148 3.67 52.32 15.65
N ALA A 149 3.69 53.62 15.39
CA ALA A 149 3.71 54.16 14.03
C ALA A 149 5.02 53.84 13.28
N THR A 150 4.94 53.70 11.96
CA THR A 150 6.11 53.54 11.06
C THR A 150 7.03 54.76 11.03
N THR A 151 6.57 55.92 11.53
CA THR A 151 7.36 57.16 11.67
C THR A 151 8.62 57.00 12.53
N MET A 152 8.55 56.16 13.57
CA MET A 152 9.48 56.18 14.69
C MET A 152 10.78 55.41 14.41
N THR A 153 11.93 56.01 14.71
CA THR A 153 13.24 55.34 14.67
C THR A 153 13.32 54.17 15.64
N ASN A 154 14.16 53.16 15.38
CA ASN A 154 14.33 52.01 16.28
C ASN A 154 14.70 52.43 17.72
N HIS A 155 15.49 53.48 17.89
CA HIS A 155 15.80 54.07 19.21
C HIS A 155 14.58 54.71 19.89
N GLU A 156 13.67 55.31 19.11
CA GLU A 156 12.43 55.91 19.62
C GLU A 156 11.42 54.82 20.04
N LYS A 157 11.50 53.62 19.43
CA LYS A 157 10.74 52.43 19.85
C LYS A 157 11.37 51.74 21.05
N ASN A 158 12.70 51.65 21.12
CA ASN A 158 13.40 51.12 22.28
C ASN A 158 13.26 52.01 23.52
N GLU A 159 13.17 53.34 23.39
CA GLU A 159 12.78 54.21 24.51
C GLU A 159 11.39 53.83 25.06
N ARG A 160 10.40 53.55 24.19
CA ARG A 160 9.09 53.05 24.64
C ARG A 160 9.20 51.68 25.31
N ILE A 161 9.93 50.74 24.72
CA ILE A 161 10.14 49.40 25.31
C ILE A 161 10.87 49.49 26.65
N ASN A 162 11.87 50.35 26.79
CA ASN A 162 12.65 50.47 28.02
C ASN A 162 11.84 51.09 29.16
N ARG A 163 11.04 52.13 28.86
CA ARG A 163 10.09 52.68 29.83
C ARG A 163 9.12 51.60 30.30
N VAL A 164 8.58 50.78 29.39
CA VAL A 164 7.67 49.68 29.74
C VAL A 164 8.34 48.57 30.54
N ILE A 165 9.47 48.02 30.09
CA ILE A 165 10.10 46.85 30.73
C ILE A 165 10.66 47.14 32.13
N GLN A 166 11.08 48.40 32.37
CA GLN A 166 11.46 48.91 33.69
C GLN A 166 10.24 49.09 34.60
N GLU A 167 9.17 49.72 34.11
CA GLU A 167 7.94 49.96 34.89
C GLU A 167 7.29 48.66 35.39
N LEU A 168 7.39 47.56 34.64
CA LEU A 168 6.88 46.24 35.00
C LEU A 168 7.82 45.43 35.91
N GLY A 169 9.05 45.90 36.17
CA GLY A 169 10.01 45.17 36.99
C GLY A 169 10.52 43.86 36.38
N LEU A 170 10.65 43.79 35.06
CA LEU A 170 11.13 42.61 34.31
C LEU A 170 12.66 42.59 34.09
N ASP A 171 13.42 43.51 34.67
CA ASP A 171 14.83 43.74 34.31
C ASP A 171 15.75 42.50 34.39
N LYS A 172 15.53 41.61 35.36
CA LYS A 172 16.34 40.38 35.52
C LYS A 172 16.01 39.25 34.54
N VAL A 173 14.93 39.37 33.77
CA VAL A 173 14.46 38.36 32.80
C VAL A 173 14.31 38.88 31.38
N ALA A 174 14.73 40.12 31.10
CA ALA A 174 14.54 40.75 29.79
C ALA A 174 15.07 39.90 28.62
N ASP A 175 16.18 39.20 28.83
CA ASP A 175 16.82 38.33 27.83
C ASP A 175 16.66 36.82 28.14
N SER A 176 15.74 36.43 29.04
CA SER A 176 15.39 35.02 29.30
C SER A 176 14.24 34.55 28.41
N LYS A 177 14.21 33.27 28.02
CA LYS A 177 13.09 32.70 27.25
C LYS A 177 11.84 32.51 28.12
N VAL A 178 10.67 32.72 27.52
CA VAL A 178 9.39 32.83 28.24
C VAL A 178 8.79 31.45 28.62
N GLY A 179 9.50 30.36 28.35
CA GLY A 179 9.17 29.00 28.80
C GLY A 179 8.29 28.22 27.84
N THR A 180 8.69 26.98 27.52
CA THR A 180 8.05 26.05 26.57
C THR A 180 8.20 24.60 27.06
N GLN A 181 7.45 23.65 26.52
CA GLN A 181 7.53 22.20 26.83
C GLN A 181 8.98 21.66 26.92
N PHE A 182 9.85 22.10 26.01
CA PHE A 182 11.26 21.67 25.92
C PHE A 182 12.27 22.68 26.50
N ILE A 183 11.80 23.79 27.08
CA ILE A 183 12.63 24.93 27.52
C ILE A 183 12.13 25.45 28.86
N ARG A 184 12.82 25.12 29.96
CA ARG A 184 12.60 25.77 31.25
C ARG A 184 12.96 27.26 31.16
N GLY A 185 12.16 28.12 31.75
CA GLY A 185 12.31 29.56 31.62
C GLY A 185 11.54 30.37 32.67
N VAL A 186 11.18 31.59 32.28
CA VAL A 186 10.51 32.60 33.11
C VAL A 186 9.25 32.07 33.80
N SER A 187 9.00 32.47 35.05
CA SER A 187 7.92 31.92 35.90
C SER A 187 6.53 32.50 35.58
N GLY A 188 5.46 31.83 36.04
CA GLY A 188 4.07 32.21 35.72
C GLY A 188 3.67 33.64 36.09
N GLY A 189 4.20 34.19 37.18
CA GLY A 189 3.98 35.60 37.53
C GLY A 189 4.65 36.57 36.56
N GLU A 190 5.87 36.28 36.16
CA GLU A 190 6.60 37.07 35.16
C GLU A 190 6.00 36.90 33.75
N ARG A 191 5.45 35.72 33.44
CA ARG A 191 4.68 35.46 32.21
C ARG A 191 3.43 36.33 32.13
N LYS A 192 2.75 36.55 33.25
CA LYS A 192 1.61 37.47 33.31
C LYS A 192 2.03 38.93 33.15
N ARG A 193 3.12 39.36 33.81
CA ARG A 193 3.72 40.70 33.58
C ARG A 193 4.11 40.94 32.13
N THR A 194 4.67 39.94 31.46
CA THR A 194 5.09 40.04 30.05
C THR A 194 3.90 40.33 29.15
N SER A 195 2.80 39.60 29.36
CA SER A 195 1.54 39.80 28.63
C SER A 195 0.94 41.19 28.84
N ILE A 196 1.00 41.74 30.06
CA ILE A 196 0.58 43.12 30.35
C ILE A 196 1.45 44.13 29.58
N GLY A 197 2.77 43.94 29.57
CA GLY A 197 3.68 44.81 28.82
C GLY A 197 3.42 44.88 27.32
N MET A 198 2.95 43.81 26.69
CA MET A 198 2.59 43.85 25.27
C MET A 198 1.44 44.81 24.95
N GLU A 199 0.57 45.10 25.92
CA GLU A 199 -0.48 46.12 25.80
C GLU A 199 -0.02 47.52 26.20
N LEU A 200 0.93 47.65 27.14
CA LEU A 200 1.44 48.96 27.57
C LEU A 200 2.32 49.67 26.54
N ILE A 201 2.78 48.99 25.50
CA ILE A 201 3.54 49.59 24.40
C ILE A 201 2.87 50.86 23.85
N THR A 202 1.54 50.88 23.74
CA THR A 202 0.81 52.00 23.13
C THR A 202 0.41 53.13 24.11
N ASP A 203 0.84 53.09 25.38
CA ASP A 203 0.32 53.95 26.47
C ASP A 203 -1.23 54.04 26.49
N PRO A 204 -1.94 52.91 26.65
CA PRO A 204 -3.39 52.91 26.60
C PRO A 204 -3.98 53.62 27.83
N SER A 205 -4.98 54.47 27.61
CA SER A 205 -5.67 55.17 28.70
C SER A 205 -6.56 54.24 29.53
N ILE A 206 -7.04 53.15 28.92
CA ILE A 206 -7.86 52.11 29.53
C ILE A 206 -7.19 50.74 29.33
N LEU A 207 -7.01 49.97 30.40
CA LEU A 207 -6.65 48.54 30.34
C LEU A 207 -7.84 47.70 30.76
N PHE A 208 -8.16 46.68 29.97
CA PHE A 208 -9.09 45.62 30.34
C PHE A 208 -8.31 44.36 30.67
N LEU A 209 -8.56 43.69 31.79
CA LEU A 209 -7.98 42.39 32.09
C LEU A 209 -9.04 41.34 32.37
N ASP A 210 -9.05 40.28 31.58
CA ASP A 210 -9.90 39.13 31.81
C ASP A 210 -9.28 38.25 32.90
N GLU A 211 -9.90 38.17 34.08
CA GLU A 211 -9.56 37.21 35.13
C GLU A 211 -8.07 37.18 35.56
N PRO A 212 -7.39 38.32 35.83
CA PRO A 212 -5.94 38.41 35.74
C PRO A 212 -5.14 37.57 36.73
N THR A 213 -5.75 37.15 37.83
CA THR A 213 -5.11 36.32 38.87
C THR A 213 -5.72 34.93 38.98
N THR A 214 -6.73 34.60 38.16
CA THR A 214 -7.36 33.28 38.11
C THR A 214 -6.47 32.31 37.33
N GLY A 215 -5.40 31.88 37.99
CA GLY A 215 -4.37 30.99 37.45
C GLY A 215 -3.01 31.06 38.18
N LEU A 216 -2.86 31.92 39.20
CA LEU A 216 -1.62 32.20 39.91
C LEU A 216 -1.78 31.95 41.42
N ASP A 217 -0.71 31.56 42.10
CA ASP A 217 -0.69 31.39 43.57
C ASP A 217 -0.86 32.74 44.30
N SER A 218 -1.43 32.72 45.50
CA SER A 218 -1.84 33.94 46.23
C SER A 218 -0.71 34.94 46.48
N SER A 219 0.50 34.46 46.76
CA SER A 219 1.69 35.30 46.96
C SER A 219 2.26 35.89 45.67
N THR A 220 1.88 35.34 44.50
CA THR A 220 2.07 36.02 43.19
C THR A 220 0.91 36.98 42.90
N ALA A 221 -0.33 36.54 43.10
CA ALA A 221 -1.53 37.31 42.80
C ALA A 221 -1.56 38.67 43.52
N ASN A 222 -1.13 38.74 44.78
CA ASN A 222 -1.02 40.02 45.50
C ASN A 222 0.04 40.93 44.83
N ALA A 223 1.17 40.41 44.38
CA ALA A 223 2.20 41.21 43.72
C ALA A 223 1.71 41.74 42.35
N VAL A 224 0.96 40.93 41.60
CA VAL A 224 0.29 41.37 40.36
C VAL A 224 -0.73 42.49 40.63
N LEU A 225 -1.56 42.38 41.67
CA LEU A 225 -2.54 43.43 41.99
C LEU A 225 -1.91 44.67 42.64
N LEU A 226 -0.82 44.54 43.37
CA LEU A 226 -0.04 45.68 43.87
C LEU A 226 0.64 46.43 42.71
N LEU A 227 1.16 45.71 41.72
CA LEU A 227 1.64 46.29 40.47
C LEU A 227 0.52 47.05 39.76
N LEU A 228 -0.65 46.45 39.61
CA LEU A 228 -1.81 47.12 39.01
C LEU A 228 -2.25 48.36 39.81
N LYS A 229 -2.25 48.33 41.15
CA LYS A 229 -2.58 49.56 41.90
C LYS A 229 -1.55 50.67 41.69
N ARG A 230 -0.24 50.38 41.65
CA ARG A 230 0.78 51.39 41.29
C ARG A 230 0.57 51.95 39.88
N MET A 231 0.19 51.12 38.91
CA MET A 231 -0.18 51.60 37.58
C MET A 231 -1.41 52.50 37.60
N SER A 232 -2.42 52.21 38.42
CA SER A 232 -3.64 53.00 38.46
C SER A 232 -3.38 54.44 38.94
N LYS A 233 -2.40 54.63 39.83
CA LYS A 233 -1.95 55.95 40.31
C LYS A 233 -1.24 56.80 39.24
N GLN A 234 -0.86 56.20 38.11
CA GLN A 234 -0.35 56.94 36.95
C GLN A 234 -1.48 57.61 36.13
N GLY A 235 -2.74 57.43 36.54
CA GLY A 235 -3.92 57.96 35.86
C GLY A 235 -4.57 57.01 34.85
N ARG A 236 -4.07 55.77 34.70
CA ARG A 236 -4.69 54.74 33.84
C ARG A 236 -5.93 54.15 34.50
N THR A 237 -7.00 53.97 33.72
CA THR A 237 -8.24 53.29 34.15
C THR A 237 -8.12 51.80 33.93
N ILE A 238 -8.15 51.00 35.00
CA ILE A 238 -7.94 49.56 34.94
C ILE A 238 -9.25 48.85 35.28
N ILE A 239 -9.78 48.06 34.35
CA ILE A 239 -11.08 47.39 34.46
C ILE A 239 -10.86 45.89 34.34
N PHE A 240 -11.27 45.10 35.32
CA PHE A 240 -10.98 43.66 35.31
C PHE A 240 -12.04 42.82 36.01
N SER A 241 -12.21 41.58 35.55
CA SER A 241 -13.03 40.55 36.22
C SER A 241 -12.18 39.66 37.14
N ILE A 242 -12.74 39.06 38.20
CA ILE A 242 -11.99 38.10 39.05
C ILE A 242 -12.85 36.97 39.61
N HIS A 243 -12.21 35.89 40.05
CA HIS A 243 -12.87 34.76 40.71
C HIS A 243 -12.48 34.68 42.20
N GLN A 244 -13.47 34.82 43.08
CA GLN A 244 -13.38 34.71 44.55
C GLN A 244 -12.07 35.28 45.17
N PRO A 245 -11.84 36.62 45.11
CA PRO A 245 -10.65 37.24 45.67
C PRO A 245 -10.59 37.16 47.20
N ARG A 246 -9.38 37.06 47.78
CA ARG A 246 -9.17 37.14 49.23
C ARG A 246 -9.51 38.52 49.76
N TYR A 247 -9.84 38.64 51.05
CA TYR A 247 -9.96 39.93 51.72
C TYR A 247 -8.73 40.83 51.47
N SER A 248 -7.54 40.23 51.48
CA SER A 248 -6.24 40.88 51.20
C SER A 248 -6.18 41.60 49.85
N ILE A 249 -6.97 41.15 48.88
CA ILE A 249 -7.14 41.77 47.55
C ILE A 249 -8.29 42.76 47.58
N PHE A 250 -9.45 42.37 48.09
CA PHE A 250 -10.66 43.18 48.05
C PHE A 250 -10.48 44.60 48.64
N LYS A 251 -9.58 44.78 49.62
CA LYS A 251 -9.26 46.10 50.19
C LYS A 251 -8.69 47.10 49.18
N LEU A 252 -8.18 46.66 48.03
CA LEU A 252 -7.49 47.49 47.04
C LEU A 252 -8.42 48.20 46.05
N PHE A 253 -9.65 47.72 45.86
CA PHE A 253 -10.52 48.18 44.77
C PHE A 253 -11.03 49.60 44.97
N ASP A 254 -11.09 50.39 43.89
CA ASP A 254 -11.66 51.73 43.87
C ASP A 254 -13.15 51.74 43.45
N SER A 255 -13.64 50.65 42.85
CA SER A 255 -15.04 50.43 42.53
C SER A 255 -15.35 48.94 42.45
N LEU A 256 -16.58 48.55 42.73
CA LEU A 256 -17.06 47.17 42.59
C LEU A 256 -18.34 47.12 41.76
N THR A 257 -18.39 46.24 40.77
CA THR A 257 -19.59 45.88 40.01
C THR A 257 -19.90 44.40 40.20
N LEU A 258 -21.09 44.04 40.67
CA LEU A 258 -21.46 42.67 41.06
C LEU A 258 -22.63 42.16 40.20
N LEU A 259 -22.50 41.04 39.50
CA LEU A 259 -23.47 40.56 38.50
C LEU A 259 -23.88 39.09 38.74
N ALA A 260 -25.16 38.77 38.60
CA ALA A 260 -25.67 37.40 38.69
C ALA A 260 -26.79 37.12 37.69
N SER A 261 -26.70 36.05 36.91
CA SER A 261 -27.69 35.66 35.88
C SER A 261 -28.09 36.78 34.91
N GLY A 262 -27.18 37.70 34.59
CA GLY A 262 -27.45 38.84 33.71
C GLY A 262 -28.23 39.98 34.34
N ARG A 263 -28.37 40.01 35.68
CA ARG A 263 -28.88 41.13 36.48
C ARG A 263 -27.74 41.78 37.24
N LEU A 264 -27.73 43.11 37.35
CA LEU A 264 -26.84 43.84 38.24
C LEU A 264 -27.28 43.73 39.72
N MET A 265 -26.39 43.29 40.61
CA MET A 265 -26.63 43.16 42.05
C MET A 265 -26.08 44.32 42.87
N PHE A 266 -24.96 44.93 42.46
CA PHE A 266 -24.44 46.18 43.03
C PHE A 266 -23.51 46.89 42.03
N HIS A 267 -23.47 48.21 42.07
CA HIS A 267 -22.42 49.02 41.46
C HIS A 267 -22.19 50.25 42.35
N GLY A 268 -20.94 50.56 42.67
CA GLY A 268 -20.59 51.70 43.52
C GLY A 268 -19.11 51.71 43.90
N PRO A 269 -18.70 52.50 44.90
CA PRO A 269 -17.41 52.37 45.56
C PRO A 269 -17.31 51.01 46.26
N ALA A 270 -16.13 50.40 46.30
CA ALA A 270 -16.01 48.99 46.67
C ALA A 270 -16.24 48.71 48.15
N GLN A 271 -15.74 49.56 49.05
CA GLN A 271 -15.85 49.33 50.50
C GLN A 271 -17.26 49.57 51.04
N GLU A 272 -18.14 50.23 50.28
CA GLU A 272 -19.54 50.45 50.67
C GLU A 272 -20.41 49.20 50.48
N ALA A 273 -19.98 48.22 49.68
CA ALA A 273 -20.78 47.04 49.38
C ALA A 273 -21.18 46.24 50.63
N LEU A 274 -20.26 46.06 51.59
CA LEU A 274 -20.54 45.38 52.85
C LEU A 274 -21.65 46.09 53.64
N GLY A 275 -21.51 47.41 53.83
CA GLY A 275 -22.53 48.22 54.50
C GLY A 275 -23.88 48.20 53.77
N TYR A 276 -23.88 48.21 52.43
CA TYR A 276 -25.09 48.08 51.62
C TYR A 276 -25.81 46.75 51.85
N PHE A 277 -25.11 45.60 51.78
CA PHE A 277 -25.73 44.30 52.01
C PHE A 277 -26.14 44.06 53.47
N GLU A 278 -25.41 44.59 54.45
CA GLU A 278 -25.86 44.57 55.85
C GLU A 278 -27.07 45.48 56.10
N SER A 279 -27.18 46.60 55.37
CA SER A 279 -28.39 47.45 55.40
C SER A 279 -29.58 46.79 54.71
N ALA A 280 -29.36 46.09 53.58
CA ALA A 280 -30.40 45.36 52.86
C ALA A 280 -30.99 44.18 53.66
N GLY A 281 -30.31 43.71 54.71
CA GLY A 281 -30.85 42.75 55.69
C GLY A 281 -30.02 41.50 55.95
N TYR A 282 -28.85 41.35 55.33
CA TYR A 282 -27.94 40.22 55.56
C TYR A 282 -26.95 40.52 56.72
N HIS A 283 -26.17 39.53 57.15
CA HIS A 283 -25.25 39.69 58.27
C HIS A 283 -23.90 39.05 57.97
N CYS A 284 -22.81 39.79 58.20
CA CYS A 284 -21.45 39.27 58.17
C CYS A 284 -20.92 39.11 59.60
N GLU A 285 -20.38 37.95 59.93
CA GLU A 285 -19.66 37.73 61.18
C GLU A 285 -18.21 38.25 61.12
N ALA A 286 -17.56 38.29 62.27
CA ALA A 286 -16.09 38.34 62.33
C ALA A 286 -15.47 37.18 61.55
N TYR A 287 -14.23 37.35 61.11
CA TYR A 287 -13.42 36.28 60.52
C TYR A 287 -13.88 35.74 59.17
N ASN A 288 -14.70 36.51 58.45
CA ASN A 288 -15.31 36.12 57.18
C ASN A 288 -15.07 37.18 56.10
N ASN A 289 -14.73 36.74 54.88
CA ASN A 289 -14.39 37.59 53.74
C ASN A 289 -15.65 38.16 53.05
N PRO A 290 -15.84 39.49 52.96
CA PRO A 290 -16.93 40.11 52.23
C PRO A 290 -17.12 39.57 50.81
N ALA A 291 -16.04 39.34 50.06
CA ALA A 291 -16.13 38.87 48.68
C ALA A 291 -16.72 37.45 48.55
N ASP A 292 -16.64 36.62 49.59
CA ASP A 292 -17.35 35.34 49.64
C ASP A 292 -18.78 35.53 50.13
N PHE A 293 -18.99 36.41 51.10
CA PHE A 293 -20.30 36.77 51.64
C PHE A 293 -21.24 37.32 50.55
N PHE A 294 -20.75 38.09 49.57
CA PHE A 294 -21.57 38.53 48.44
C PHE A 294 -22.03 37.35 47.57
N LEU A 295 -21.13 36.49 47.10
CA LEU A 295 -21.51 35.32 46.30
C LEU A 295 -22.37 34.34 47.10
N ASP A 296 -22.21 34.25 48.42
CA ASP A 296 -23.11 33.48 49.28
C ASP A 296 -24.55 34.04 49.28
N ILE A 297 -24.72 35.36 49.35
CA ILE A 297 -26.04 36.00 49.23
C ILE A 297 -26.67 35.67 47.88
N ILE A 298 -25.90 35.77 46.78
CA ILE A 298 -26.39 35.42 45.44
C ILE A 298 -26.87 33.96 45.39
N ASN A 299 -26.13 33.04 46.02
CA ASN A 299 -26.44 31.61 46.09
C ASN A 299 -27.46 31.24 47.19
N GLY A 300 -28.09 32.21 47.87
CA GLY A 300 -29.12 31.94 48.87
C GLY A 300 -28.60 31.35 50.18
N ASP A 301 -27.43 31.80 50.64
CA ASP A 301 -26.70 31.31 51.81
C ASP A 301 -26.33 29.83 51.68
N LEU A 328 -34.90 34.25 43.77
CA LEU A 328 -34.22 35.11 44.73
C LEU A 328 -33.55 36.31 44.07
N ILE A 329 -32.97 36.13 42.89
CA ILE A 329 -32.27 37.22 42.19
C ILE A 329 -33.21 38.36 41.80
N GLU A 330 -34.50 38.10 41.63
CA GLU A 330 -35.52 39.14 41.46
C GLU A 330 -35.59 40.10 42.66
N LYS A 331 -35.49 39.57 43.90
CA LYS A 331 -35.43 40.40 45.12
C LYS A 331 -34.18 41.30 45.10
N LEU A 332 -33.02 40.72 44.79
CA LEU A 332 -31.74 41.44 44.80
C LEU A 332 -31.66 42.50 43.69
N ALA A 333 -32.22 42.22 42.52
CA ALA A 333 -32.37 43.19 41.43
C ALA A 333 -33.32 44.33 41.80
N GLU A 334 -34.50 44.04 42.36
CA GLU A 334 -35.47 45.06 42.76
C GLU A 334 -34.94 45.96 43.88
N ILE A 335 -34.23 45.42 44.89
CA ILE A 335 -33.62 46.26 45.93
C ILE A 335 -32.62 47.23 45.31
N TYR A 336 -31.73 46.78 44.41
CA TYR A 336 -30.75 47.70 43.85
C TYR A 336 -31.40 48.85 43.09
N VAL A 337 -32.45 48.59 42.29
CA VAL A 337 -33.22 49.63 41.59
C VAL A 337 -33.79 50.70 42.54
N ASN A 338 -34.09 50.34 43.79
CA ASN A 338 -34.61 51.22 44.83
C ASN A 338 -33.53 51.89 45.68
N SER A 339 -32.32 51.33 45.72
CA SER A 339 -31.21 51.74 46.57
C SER A 339 -30.57 53.07 46.16
N SER A 340 -30.00 53.81 47.12
CA SER A 340 -29.34 55.11 46.91
C SER A 340 -28.26 55.09 45.82
N PHE A 341 -27.45 54.03 45.78
CA PHE A 341 -26.36 53.86 44.81
C PHE A 341 -26.86 53.81 43.35
N TYR A 342 -28.08 53.32 43.10
CA TYR A 342 -28.68 53.37 41.76
C TYR A 342 -29.03 54.79 41.37
N LYS A 343 -29.77 55.52 42.23
CA LYS A 343 -30.24 56.89 41.93
C LYS A 343 -29.08 57.83 41.64
N GLU A 344 -28.00 57.73 42.40
CA GLU A 344 -26.77 58.50 42.17
C GLU A 344 -26.11 58.16 40.81
N THR A 345 -26.09 56.87 40.44
CA THR A 345 -25.55 56.41 39.15
C THR A 345 -26.41 56.89 37.98
N LYS A 346 -27.73 56.78 38.09
CA LYS A 346 -28.70 57.20 37.07
C LYS A 346 -28.59 58.70 36.79
N ALA A 347 -28.44 59.52 37.84
CA ALA A 347 -28.22 60.96 37.70
C ALA A 347 -26.93 61.27 36.92
N GLU A 348 -25.82 60.60 37.26
CA GLU A 348 -24.55 60.78 36.57
C GLU A 348 -24.64 60.48 35.06
N LEU A 349 -25.32 59.40 34.67
CA LEU A 349 -25.43 59.02 33.25
C LEU A 349 -26.30 59.98 32.45
N HIS A 350 -27.36 60.53 33.03
CA HIS A 350 -28.15 61.60 32.41
C HIS A 350 -27.39 62.94 32.36
N GLN A 351 -26.43 63.18 33.27
CA GLN A 351 -25.55 64.34 33.19
C GLN A 351 -24.47 64.19 32.10
N LEU A 352 -23.86 63.00 31.96
CA LEU A 352 -22.87 62.71 30.92
C LEU A 352 -23.47 62.72 29.50
N SER A 353 -24.74 62.33 29.35
CA SER A 353 -25.47 62.26 28.07
C SER A 353 -25.89 63.65 27.51
N GLY A 354 -25.04 64.67 27.68
CA GLY A 354 -25.33 66.05 27.26
C GLY A 354 -25.44 66.21 25.75
N TYR A 369 -5.03 50.28 7.55
CA TYR A 369 -4.22 49.87 8.69
C TYR A 369 -3.12 50.89 9.00
N THR A 370 -2.57 50.84 10.22
CA THR A 370 -1.47 51.69 10.70
C THR A 370 -0.19 51.57 9.87
N THR A 371 -0.02 50.43 9.19
CA THR A 371 1.23 49.92 8.64
C THR A 371 0.98 49.21 7.31
N SER A 372 1.97 49.12 6.42
CA SER A 372 1.82 48.44 5.13
C SER A 372 1.76 46.91 5.25
N PHE A 373 1.23 46.26 4.21
CA PHE A 373 1.27 44.81 4.03
C PHE A 373 2.70 44.24 4.10
N CYS A 374 3.69 44.88 3.47
CA CYS A 374 5.06 44.35 3.38
C CYS A 374 5.75 44.26 4.75
N HIS A 375 5.59 45.28 5.58
CA HIS A 375 6.16 45.32 6.92
C HIS A 375 5.51 44.26 7.82
N GLN A 376 4.21 44.04 7.69
CA GLN A 376 3.50 42.99 8.40
C GLN A 376 3.94 41.60 7.97
N LEU A 377 4.06 41.34 6.67
CA LEU A 377 4.62 40.12 6.14
C LEU A 377 6.02 39.84 6.72
N ARG A 378 6.91 40.84 6.68
CA ARG A 378 8.29 40.76 7.18
C ARG A 378 8.37 40.38 8.65
N TRP A 379 7.63 41.06 9.52
CA TRP A 379 7.65 40.77 10.95
C TRP A 379 6.89 39.50 11.32
N VAL A 380 5.76 39.19 10.69
CA VAL A 380 5.06 37.91 10.93
C VAL A 380 5.95 36.74 10.58
N SER A 381 6.56 36.76 9.40
CA SER A 381 7.50 35.75 8.95
C SER A 381 8.68 35.59 9.90
N LYS A 382 9.31 36.70 10.32
CA LYS A 382 10.40 36.72 11.30
C LYS A 382 10.05 36.04 12.62
N ARG A 383 8.94 36.42 13.27
CA ARG A 383 8.50 35.77 14.53
C ARG A 383 8.26 34.28 14.32
N SER A 384 7.64 33.92 13.20
CA SER A 384 7.34 32.54 12.86
C SER A 384 8.60 31.70 12.65
N PHE A 385 9.66 32.29 12.10
CA PHE A 385 10.94 31.62 11.89
C PHE A 385 11.70 31.38 13.19
N LYS A 386 11.84 32.40 14.06
CA LYS A 386 12.38 32.22 15.41
C LYS A 386 11.64 31.13 16.19
N ASN A 387 10.32 31.04 16.02
CA ASN A 387 9.53 29.97 16.64
C ASN A 387 9.85 28.59 16.09
N LEU A 388 10.04 28.43 14.77
CA LEU A 388 10.46 27.18 14.17
C LEU A 388 11.84 26.72 14.66
N LEU A 389 12.78 27.66 14.82
CA LEU A 389 14.12 27.34 15.33
C LEU A 389 14.12 26.99 16.81
N GLY A 390 13.23 27.58 17.59
CA GLY A 390 13.07 27.34 19.01
C GLY A 390 12.26 26.09 19.39
N ASN A 391 12.26 25.05 18.56
CA ASN A 391 11.46 23.84 18.76
C ASN A 391 12.11 22.60 18.09
N PRO A 392 12.41 21.50 18.83
CA PRO A 392 13.00 20.29 18.24
C PRO A 392 12.07 19.50 17.32
N GLN A 393 10.79 19.36 17.69
CA GLN A 393 9.85 18.44 17.05
C GLN A 393 9.44 18.93 15.65
N ALA A 394 9.22 20.24 15.51
CA ALA A 394 8.82 20.89 14.26
C ALA A 394 9.93 20.93 13.20
N SER A 395 11.17 20.57 13.54
CA SER A 395 12.33 20.72 12.66
C SER A 395 13.23 19.48 12.72
N ILE A 396 14.09 19.37 13.74
CA ILE A 396 15.12 18.32 13.82
C ILE A 396 14.51 16.92 13.77
N ALA A 397 13.43 16.66 14.50
CA ALA A 397 12.85 15.32 14.55
C ALA A 397 12.38 14.83 13.17
N GLN A 398 11.70 15.67 12.40
CA GLN A 398 11.25 15.30 11.04
C GLN A 398 12.41 15.10 10.07
N ILE A 399 13.49 15.89 10.20
CA ILE A 399 14.69 15.71 9.38
C ILE A 399 15.36 14.38 9.72
N ILE A 400 15.55 14.05 10.99
CA ILE A 400 16.15 12.77 11.43
C ILE A 400 15.32 11.58 10.95
N VAL A 401 13.99 11.60 11.13
CA VAL A 401 13.12 10.53 10.65
C VAL A 401 13.21 10.39 9.13
N THR A 402 13.31 11.49 8.39
CA THR A 402 13.49 11.45 6.94
C THR A 402 14.78 10.77 6.54
N VAL A 403 15.91 11.12 7.16
CA VAL A 403 17.21 10.51 6.84
C VAL A 403 17.24 9.02 7.18
N VAL A 404 16.71 8.63 8.35
CA VAL A 404 16.65 7.22 8.75
C VAL A 404 15.77 6.42 7.80
N LEU A 405 14.55 6.86 7.53
CA LEU A 405 13.67 6.16 6.60
C LEU A 405 14.25 6.10 5.19
N GLY A 406 14.93 7.15 4.73
CA GLY A 406 15.64 7.16 3.47
C GLY A 406 16.73 6.11 3.37
N LEU A 407 17.52 5.90 4.42
CA LEU A 407 18.53 4.84 4.44
C LEU A 407 17.94 3.44 4.61
N VAL A 408 16.82 3.28 5.33
CA VAL A 408 16.14 1.98 5.43
C VAL A 408 15.56 1.55 4.09
N ILE A 409 14.85 2.44 3.39
CA ILE A 409 14.40 2.19 2.02
C ILE A 409 15.58 1.94 1.09
N GLY A 410 16.67 2.70 1.23
CA GLY A 410 17.87 2.52 0.43
C GLY A 410 18.53 1.15 0.60
N ALA A 411 18.41 0.52 1.77
CA ALA A 411 18.95 -0.82 2.02
C ALA A 411 18.04 -1.94 1.50
N ILE A 412 16.72 -1.84 1.71
CA ILE A 412 15.76 -2.87 1.31
C ILE A 412 15.67 -2.99 -0.22
N TYR A 413 15.65 -1.87 -0.94
CA TYR A 413 15.59 -1.83 -2.40
C TYR A 413 16.95 -1.69 -3.07
N PHE A 414 18.06 -2.02 -2.41
CA PHE A 414 19.38 -1.78 -2.97
C PHE A 414 19.62 -2.49 -4.31
N GLY A 415 20.06 -1.75 -5.32
CA GLY A 415 20.47 -2.29 -6.62
C GLY A 415 19.34 -2.96 -7.41
N LEU A 416 18.35 -2.19 -7.87
CA LEU A 416 17.23 -2.68 -8.69
C LEU A 416 17.71 -3.43 -9.94
N LYS A 417 17.01 -4.50 -10.32
CA LYS A 417 17.36 -5.37 -11.45
C LYS A 417 16.46 -5.14 -12.67
N ASN A 418 16.91 -5.61 -13.82
CA ASN A 418 16.13 -5.65 -15.07
C ASN A 418 15.67 -7.08 -15.32
N ASP A 419 14.83 -7.61 -14.43
CA ASP A 419 14.30 -8.98 -14.51
C ASP A 419 12.82 -9.03 -14.11
N SER A 420 12.26 -10.23 -14.00
CA SER A 420 10.86 -10.48 -13.64
C SER A 420 10.40 -9.84 -12.32
N THR A 421 11.30 -9.48 -11.41
CA THR A 421 10.98 -8.80 -10.15
C THR A 421 11.15 -7.29 -10.23
N GLY A 422 11.80 -6.78 -11.28
CA GLY A 422 12.15 -5.37 -11.43
C GLY A 422 10.97 -4.42 -11.57
N ILE A 423 9.88 -4.84 -12.21
CA ILE A 423 8.65 -4.04 -12.28
C ILE A 423 8.02 -3.94 -10.90
N GLN A 424 7.82 -5.06 -10.20
CA GLN A 424 7.25 -5.06 -8.85
C GLN A 424 8.04 -4.16 -7.90
N ASN A 425 9.37 -4.22 -7.92
CA ASN A 425 10.20 -3.37 -7.06
C ASN A 425 10.05 -1.87 -7.39
N ARG A 426 10.09 -1.48 -8.67
CA ARG A 426 9.96 -0.08 -9.07
C ARG A 426 8.57 0.46 -8.83
N ALA A 427 7.53 -0.31 -9.09
CA ALA A 427 6.18 0.09 -8.76
C ALA A 427 6.00 0.28 -7.25
N GLY A 428 6.46 -0.68 -6.44
CA GLY A 428 6.29 -0.62 -5.00
C GLY A 428 7.10 0.47 -4.32
N VAL A 429 8.36 0.72 -4.71
CA VAL A 429 9.16 1.78 -4.07
C VAL A 429 8.62 3.17 -4.39
N LEU A 430 8.22 3.44 -5.63
CA LEU A 430 7.65 4.72 -6.00
C LEU A 430 6.29 4.95 -5.32
N PHE A 431 5.48 3.91 -5.12
CA PHE A 431 4.25 4.00 -4.34
C PHE A 431 4.50 4.26 -2.86
N PHE A 432 5.55 3.70 -2.25
CA PHE A 432 5.92 4.04 -0.89
C PHE A 432 6.32 5.52 -0.78
N LEU A 433 7.16 6.01 -1.69
CA LEU A 433 7.64 7.39 -1.65
C LEU A 433 6.51 8.42 -1.74
N THR A 434 5.51 8.27 -2.62
CA THR A 434 4.42 9.26 -2.70
C THR A 434 3.45 9.20 -1.54
N THR A 435 3.05 8.00 -1.09
CA THR A 435 2.13 7.87 0.03
C THR A 435 2.77 8.30 1.34
N ASN A 436 4.07 8.09 1.53
CA ASN A 436 4.80 8.65 2.66
C ASN A 436 4.80 10.19 2.66
N GLN A 437 4.91 10.86 1.52
CA GLN A 437 4.77 12.33 1.46
C GLN A 437 3.37 12.80 1.86
N CYS A 438 2.32 12.02 1.58
CA CYS A 438 0.97 12.34 2.03
C CYS A 438 0.80 12.19 3.53
N PHE A 439 1.09 11.02 4.11
CA PHE A 439 0.90 10.82 5.55
C PHE A 439 1.85 11.64 6.42
N SER A 440 3.08 11.91 6.00
CA SER A 440 3.95 12.83 6.75
C SER A 440 3.49 14.29 6.67
N SER A 441 2.77 14.68 5.61
CA SER A 441 2.15 15.99 5.49
C SER A 441 0.90 16.20 6.37
N VAL A 442 0.37 15.17 7.04
CA VAL A 442 -0.77 15.33 7.98
C VAL A 442 -0.42 16.24 9.16
N SER A 443 0.86 16.32 9.54
CA SER A 443 1.34 17.25 10.59
C SER A 443 1.05 18.73 10.30
N ALA A 444 0.75 19.13 9.05
CA ALA A 444 0.37 20.50 8.71
C ALA A 444 -0.96 20.94 9.33
N VAL A 445 -1.81 20.02 9.79
CA VAL A 445 -3.04 20.35 10.54
C VAL A 445 -2.73 21.27 11.73
N GLU A 446 -1.57 21.07 12.36
CA GLU A 446 -1.16 21.78 13.56
C GLU A 446 -0.72 23.25 13.32
N LEU A 447 -0.61 23.72 12.07
CA LEU A 447 -0.03 25.03 11.73
C LEU A 447 -0.86 26.19 12.28
N PHE A 448 -2.15 26.27 11.93
CA PHE A 448 -3.03 27.33 12.39
C PHE A 448 -3.76 27.00 13.69
N VAL A 449 -4.04 25.72 13.96
CA VAL A 449 -4.86 25.30 15.11
C VAL A 449 -4.24 25.72 16.44
N VAL A 450 -2.94 25.52 16.62
CA VAL A 450 -2.22 25.87 17.85
C VAL A 450 -2.12 27.39 18.06
N GLU A 451 -2.15 28.17 16.98
CA GLU A 451 -2.06 29.63 16.99
C GLU A 451 -3.41 30.35 17.08
N LYS A 452 -4.54 29.63 17.06
CA LYS A 452 -5.87 30.25 16.86
C LYS A 452 -6.19 31.36 17.86
N LYS A 453 -5.94 31.17 19.16
CA LYS A 453 -6.25 32.20 20.17
C LYS A 453 -5.37 33.44 20.02
N LEU A 454 -4.08 33.25 19.76
CA LEU A 454 -3.15 34.33 19.47
C LEU A 454 -3.54 35.11 18.19
N PHE A 455 -3.88 34.40 17.10
CA PHE A 455 -4.33 35.05 15.88
C PHE A 455 -5.57 35.92 16.09
N ILE A 456 -6.62 35.39 16.70
CA ILE A 456 -7.86 36.13 16.92
C ILE A 456 -7.61 37.37 17.80
N HIS A 457 -6.83 37.27 18.87
CA HIS A 457 -6.49 38.42 19.72
C HIS A 457 -5.71 39.49 18.96
N GLU A 458 -4.66 39.11 18.24
CA GLU A 458 -3.84 40.05 17.47
C GLU A 458 -4.59 40.65 16.29
N TYR A 459 -5.43 39.88 15.60
CA TYR A 459 -6.26 40.39 14.54
C TYR A 459 -7.29 41.42 15.03
N ILE A 460 -8.04 41.13 16.11
CA ILE A 460 -8.98 42.10 16.70
C ILE A 460 -8.24 43.37 17.16
N SER A 461 -7.04 43.20 17.73
CA SER A 461 -6.19 44.32 18.18
C SER A 461 -5.51 45.09 17.05
N GLY A 462 -5.70 44.71 15.79
CA GLY A 462 -5.21 45.47 14.63
C GLY A 462 -3.71 45.31 14.34
N TYR A 463 -3.07 44.20 14.74
CA TYR A 463 -1.64 43.99 14.46
C TYR A 463 -1.34 43.88 12.96
N TYR A 464 -2.22 43.25 12.19
CA TYR A 464 -1.99 42.89 10.80
C TYR A 464 -3.30 42.62 10.05
N ARG A 465 -3.22 42.58 8.72
CA ARG A 465 -4.26 42.07 7.82
C ARG A 465 -4.29 40.54 7.85
N VAL A 466 -5.41 39.91 7.53
CA VAL A 466 -5.45 38.43 7.37
C VAL A 466 -4.57 37.96 6.21
N SER A 467 -4.47 38.75 5.14
CA SER A 467 -3.61 38.49 3.99
C SER A 467 -2.13 38.37 4.35
N SER A 468 -1.58 39.38 5.04
CA SER A 468 -0.17 39.40 5.44
C SER A 468 0.14 38.36 6.52
N TYR A 469 -0.80 38.07 7.41
CA TYR A 469 -0.66 36.98 8.37
C TYR A 469 -0.59 35.61 7.69
N PHE A 470 -1.56 35.29 6.84
CA PHE A 470 -1.66 34.00 6.16
C PHE A 470 -0.46 33.76 5.25
N LEU A 471 -0.05 34.75 4.45
CA LEU A 471 1.16 34.64 3.63
C LEU A 471 2.44 34.57 4.46
N GLY A 472 2.57 35.39 5.50
CA GLY A 472 3.77 35.41 6.35
C GLY A 472 3.98 34.12 7.12
N LYS A 473 2.92 33.39 7.45
CA LYS A 473 2.99 32.05 8.05
C LYS A 473 3.23 30.92 7.03
N LEU A 474 2.66 30.95 5.81
CA LEU A 474 3.05 30.01 4.74
C LEU A 474 4.53 30.14 4.36
N LEU A 475 4.97 31.37 4.12
CA LEU A 475 6.32 31.69 3.70
C LEU A 475 7.37 31.28 4.72
N SER A 476 7.05 31.38 6.02
CA SER A 476 7.99 31.08 7.08
C SER A 476 8.00 29.63 7.54
N ASP A 477 6.84 29.02 7.82
CA ASP A 477 6.78 27.67 8.41
C ASP A 477 6.65 26.58 7.35
N LEU A 478 5.67 26.70 6.46
CA LEU A 478 5.30 25.61 5.58
C LEU A 478 6.31 25.40 4.44
N LEU A 479 6.83 26.47 3.87
CA LEU A 479 7.70 26.41 2.70
C LEU A 479 8.99 25.59 2.94
N PRO A 480 9.87 25.91 3.91
CA PRO A 480 11.12 25.17 4.07
C PRO A 480 10.94 23.73 4.54
N MET A 481 10.00 23.47 5.46
CA MET A 481 9.74 22.13 6.00
C MET A 481 9.07 21.15 5.02
N ARG A 482 8.82 21.55 3.77
CA ARG A 482 8.36 20.67 2.69
C ARG A 482 9.35 20.59 1.52
N MET A 483 10.23 21.57 1.34
CA MET A 483 11.40 21.40 0.47
C MET A 483 12.37 20.36 1.01
N LEU A 484 12.82 20.52 2.25
CA LEU A 484 13.94 19.74 2.79
C LEU A 484 13.74 18.22 2.71
N PRO A 485 12.66 17.63 3.23
CA PRO A 485 12.54 16.18 3.21
C PRO A 485 12.44 15.59 1.80
N SER A 486 11.93 16.34 0.83
CA SER A 486 11.83 15.94 -0.58
C SER A 486 13.21 15.86 -1.24
N ILE A 487 14.08 16.83 -0.94
CA ILE A 487 15.46 16.86 -1.44
C ILE A 487 16.28 15.73 -0.81
N ILE A 488 16.17 15.54 0.51
CA ILE A 488 16.88 14.51 1.26
C ILE A 488 16.51 13.11 0.77
N PHE A 489 15.22 12.78 0.65
CA PHE A 489 14.80 11.48 0.14
C PHE A 489 15.41 11.19 -1.22
N THR A 490 15.33 12.16 -2.14
CA THR A 490 15.86 11.96 -3.49
C THR A 490 17.37 11.76 -3.46
N CYS A 491 18.15 12.57 -2.75
CA CYS A 491 19.60 12.38 -2.72
C CYS A 491 20.03 11.04 -2.13
N ILE A 492 19.34 10.55 -1.08
CA ILE A 492 19.68 9.26 -0.46
C ILE A 492 19.26 8.10 -1.37
N VAL A 493 17.98 7.96 -1.70
CA VAL A 493 17.51 6.74 -2.36
C VAL A 493 18.03 6.58 -3.78
N TYR A 494 18.19 7.67 -4.53
CA TYR A 494 18.21 7.55 -5.99
C TYR A 494 19.32 6.67 -6.54
N PHE A 495 20.55 6.87 -6.06
CA PHE A 495 21.74 6.13 -6.46
C PHE A 495 21.99 4.84 -5.66
N MET A 496 21.29 4.63 -4.54
CA MET A 496 21.24 3.31 -3.89
C MET A 496 20.39 2.33 -4.69
N LEU A 497 19.19 2.74 -5.10
CA LEU A 497 18.28 1.98 -5.93
C LEU A 497 18.84 1.80 -7.35
N GLY A 498 19.46 2.83 -7.90
CA GLY A 498 19.88 2.84 -9.29
C GLY A 498 18.73 3.17 -10.25
N LEU A 499 17.88 4.13 -9.88
CA LEU A 499 16.89 4.73 -10.78
C LEU A 499 17.58 5.44 -11.94
N LYS A 500 16.86 5.79 -13.01
CA LYS A 500 17.44 6.22 -14.30
C LYS A 500 18.59 7.24 -14.15
N PRO A 501 19.81 6.96 -14.63
CA PRO A 501 21.03 7.73 -14.29
C PRO A 501 21.20 9.06 -15.06
N LYS A 502 20.11 9.80 -15.27
CA LYS A 502 20.02 11.03 -16.08
C LYS A 502 19.72 12.23 -15.21
N ALA A 503 20.36 13.38 -15.47
CA ALA A 503 20.22 14.57 -14.63
C ALA A 503 18.78 15.08 -14.55
N ASP A 504 18.10 15.22 -15.68
CA ASP A 504 16.71 15.67 -15.69
C ASP A 504 15.76 14.68 -15.03
N ALA A 505 15.98 13.37 -15.14
CA ALA A 505 15.17 12.38 -14.44
C ALA A 505 15.27 12.51 -12.91
N PHE A 506 16.46 12.79 -12.38
CA PHE A 506 16.69 13.04 -10.96
C PHE A 506 15.96 14.31 -10.49
N PHE A 507 16.06 15.41 -11.23
CA PHE A 507 15.36 16.64 -10.87
C PHE A 507 13.84 16.56 -11.08
N VAL A 508 13.34 15.80 -12.05
CA VAL A 508 11.90 15.55 -12.18
C VAL A 508 11.36 14.71 -11.03
N MET A 509 12.09 13.72 -10.53
CA MET A 509 11.69 13.05 -9.29
C MET A 509 11.67 14.02 -8.12
N MET A 510 12.71 14.81 -7.92
CA MET A 510 12.78 15.77 -6.82
C MET A 510 11.65 16.80 -6.85
N PHE A 511 11.35 17.36 -8.03
CA PHE A 511 10.22 18.27 -8.21
C PHE A 511 8.86 17.59 -8.01
N THR A 512 8.70 16.33 -8.42
CA THR A 512 7.43 15.59 -8.26
C THR A 512 7.16 15.23 -6.80
N LEU A 513 8.18 14.79 -6.06
CA LEU A 513 8.08 14.55 -4.62
C LEU A 513 7.76 15.84 -3.85
N MET A 514 8.19 16.98 -4.34
CA MET A 514 7.97 18.28 -3.68
C MET A 514 6.56 18.82 -3.94
N MET A 515 6.05 18.71 -5.17
CA MET A 515 4.68 19.08 -5.53
C MET A 515 3.64 18.25 -4.78
N VAL A 516 3.83 16.95 -4.62
CA VAL A 516 2.89 16.11 -3.85
C VAL A 516 2.91 16.44 -2.35
N ALA A 517 4.04 16.88 -1.78
CA ALA A 517 4.09 17.39 -0.41
C ALA A 517 3.35 18.72 -0.21
N TYR A 518 3.52 19.71 -1.09
CA TYR A 518 2.77 20.97 -0.99
C TYR A 518 1.28 20.78 -1.21
N SER A 519 0.89 19.92 -2.15
CA SER A 519 -0.51 19.63 -2.41
C SER A 519 -1.19 18.95 -1.22
N ALA A 520 -0.61 17.88 -0.67
CA ALA A 520 -1.12 17.24 0.54
C ALA A 520 -1.15 18.20 1.74
N SER A 521 -0.12 19.04 1.92
CA SER A 521 -0.10 20.02 2.99
C SER A 521 -1.17 21.10 2.83
N SER A 522 -1.44 21.55 1.60
CA SER A 522 -2.49 22.55 1.36
C SER A 522 -3.86 22.00 1.68
N MET A 523 -4.12 20.73 1.35
CA MET A 523 -5.36 20.05 1.74
C MET A 523 -5.52 19.98 3.26
N ALA A 524 -4.45 19.72 3.99
CA ALA A 524 -4.47 19.77 5.44
C ALA A 524 -4.87 21.16 5.96
N LEU A 525 -4.28 22.25 5.45
CA LEU A 525 -4.65 23.60 5.87
C LEU A 525 -6.10 23.95 5.52
N ALA A 526 -6.65 23.48 4.41
CA ALA A 526 -8.04 23.69 4.07
C ALA A 526 -8.99 22.97 5.05
N ILE A 527 -8.66 21.75 5.48
CA ILE A 527 -9.44 21.02 6.49
C ILE A 527 -9.30 21.64 7.87
N ALA A 528 -8.08 22.04 8.25
CA ALA A 528 -7.79 22.49 9.61
C ALA A 528 -8.15 23.95 9.91
N ALA A 529 -7.98 24.88 8.97
CA ALA A 529 -8.08 26.31 9.25
C ALA A 529 -9.43 26.69 9.87
N GLY A 530 -9.38 27.43 10.98
CA GLY A 530 -10.55 27.85 11.77
C GLY A 530 -11.05 26.83 12.81
N GLN A 531 -10.66 25.56 12.74
CA GLN A 531 -10.99 24.57 13.78
C GLN A 531 -10.13 24.78 15.04
N SER A 532 -10.65 24.31 16.18
CA SER A 532 -10.01 24.52 17.50
C SER A 532 -9.27 23.30 18.06
N VAL A 533 -9.40 22.12 17.46
CA VAL A 533 -8.80 20.87 17.93
C VAL A 533 -8.16 20.07 16.80
N VAL A 534 -7.01 19.46 17.08
CA VAL A 534 -6.20 18.73 16.08
C VAL A 534 -6.84 17.39 15.68
N SER A 535 -7.54 16.74 16.61
CA SER A 535 -7.94 15.33 16.50
C SER A 535 -8.96 15.04 15.40
N VAL A 536 -10.00 15.87 15.26
CA VAL A 536 -11.04 15.67 14.25
C VAL A 536 -10.51 15.95 12.85
N ALA A 537 -9.71 17.00 12.69
CA ALA A 537 -9.03 17.29 11.43
C ALA A 537 -8.06 16.16 11.05
N THR A 538 -7.27 15.65 11.99
CA THR A 538 -6.33 14.55 11.75
C THR A 538 -7.04 13.28 11.29
N LEU A 539 -8.17 12.95 11.91
CA LEU A 539 -9.00 11.83 11.48
C LEU A 539 -9.52 12.05 10.06
N LEU A 540 -10.18 13.17 9.78
CA LEU A 540 -10.73 13.46 8.45
C LEU A 540 -9.65 13.44 7.36
N MET A 541 -8.46 13.99 7.63
CA MET A 541 -7.31 13.88 6.73
C MET A 541 -6.92 12.44 6.44
N THR A 542 -6.81 11.63 7.49
CA THR A 542 -6.42 10.22 7.36
C THR A 542 -7.45 9.43 6.56
N ILE A 543 -8.74 9.64 6.81
CA ILE A 543 -9.83 9.02 6.06
C ILE A 543 -9.78 9.42 4.60
N CYS A 544 -9.51 10.69 4.27
CA CYS A 544 -9.36 11.11 2.87
C CYS A 544 -8.22 10.40 2.17
N PHE A 545 -7.03 10.33 2.77
CA PHE A 545 -5.90 9.67 2.12
C PHE A 545 -6.09 8.18 1.92
N VAL A 546 -6.76 7.42 2.78
CA VAL A 546 -6.97 5.98 2.46
C VAL A 546 -7.91 5.77 1.28
N PHE A 547 -8.93 6.60 1.09
CA PHE A 547 -9.74 6.54 -0.14
C PHE A 547 -8.98 7.04 -1.36
N MET A 548 -8.20 8.11 -1.27
CA MET A 548 -7.36 8.55 -2.39
C MET A 548 -6.34 7.50 -2.82
N MET A 549 -5.81 6.76 -1.86
CA MET A 549 -4.77 5.77 -2.07
C MET A 549 -5.28 4.47 -2.69
N ILE A 550 -6.57 4.14 -2.57
CA ILE A 550 -7.20 3.09 -3.38
C ILE A 550 -7.15 3.47 -4.86
N PHE A 551 -7.57 4.69 -5.21
CA PHE A 551 -7.51 5.22 -6.58
C PHE A 551 -6.11 5.65 -7.06
N SER A 552 -5.03 5.25 -6.39
CA SER A 552 -3.65 5.58 -6.78
C SER A 552 -3.19 4.89 -8.07
N GLY A 553 -3.71 3.71 -8.37
CA GLY A 553 -3.31 2.90 -9.54
C GLY A 553 -2.38 1.73 -9.25
N LEU A 554 -1.91 1.50 -8.02
CA LEU A 554 -1.22 0.25 -7.66
C LEU A 554 -2.20 -0.86 -7.28
N LEU A 555 -3.08 -0.60 -6.31
CA LEU A 555 -3.95 -1.63 -5.71
C LEU A 555 -5.09 -2.11 -6.61
N VAL A 556 -5.62 -1.22 -7.44
CA VAL A 556 -6.62 -1.55 -8.47
C VAL A 556 -6.15 -0.95 -9.77
N ASN A 557 -6.28 -1.71 -10.86
CA ASN A 557 -5.98 -1.22 -12.20
C ASN A 557 -7.09 -0.24 -12.63
N LEU A 558 -6.77 1.04 -12.78
CA LEU A 558 -7.76 2.07 -13.04
C LEU A 558 -8.54 1.88 -14.34
N THR A 559 -8.00 1.17 -15.33
CA THR A 559 -8.69 0.91 -16.60
C THR A 559 -9.88 -0.05 -16.46
N THR A 560 -10.00 -0.75 -15.33
CA THR A 560 -11.03 -1.78 -15.09
C THR A 560 -12.25 -1.29 -14.30
N ILE A 561 -12.16 -0.14 -13.64
CA ILE A 561 -13.19 0.37 -12.73
C ILE A 561 -14.44 0.76 -13.52
N ALA A 562 -15.63 0.49 -12.98
CA ALA A 562 -16.90 0.84 -13.61
C ALA A 562 -17.04 2.36 -13.82
N SER A 563 -17.64 2.77 -14.94
CA SER A 563 -17.61 4.17 -15.37
C SER A 563 -18.24 5.14 -14.34
N TRP A 564 -19.22 4.69 -13.58
CA TRP A 564 -19.89 5.48 -12.56
C TRP A 564 -19.09 5.70 -11.26
N LEU A 565 -18.00 4.95 -10.99
CA LEU A 565 -17.00 5.32 -9.98
C LEU A 565 -15.77 5.99 -10.61
N SER A 566 -15.43 5.70 -11.87
CA SER A 566 -14.11 5.98 -12.45
C SER A 566 -13.65 7.43 -12.34
N TRP A 567 -14.57 8.39 -12.40
CA TRP A 567 -14.27 9.81 -12.28
C TRP A 567 -13.77 10.21 -10.88
N LEU A 568 -13.90 9.36 -9.86
CA LEU A 568 -13.31 9.60 -8.55
C LEU A 568 -11.78 9.62 -8.57
N GLN A 569 -11.12 9.05 -9.58
CA GLN A 569 -9.67 9.06 -9.67
C GLN A 569 -9.08 10.46 -9.83
N TYR A 570 -9.81 11.41 -10.42
CA TYR A 570 -9.34 12.77 -10.65
C TYR A 570 -9.18 13.59 -9.38
N PHE A 571 -9.82 13.17 -8.28
CA PHE A 571 -9.75 13.83 -6.98
C PHE A 571 -8.56 13.39 -6.12
N SER A 572 -7.66 12.52 -6.60
CA SER A 572 -6.64 11.91 -5.73
C SER A 572 -5.25 12.51 -5.92
N ILE A 573 -4.66 13.00 -4.83
CA ILE A 573 -3.33 13.59 -4.78
C ILE A 573 -2.21 12.54 -4.99
N PRO A 574 -2.24 11.35 -4.36
CA PRO A 574 -1.22 10.32 -4.56
C PRO A 574 -1.12 9.83 -6.01
N ARG A 575 -2.20 9.82 -6.77
CA ARG A 575 -2.23 9.34 -8.15
C ARG A 575 -1.44 10.22 -9.11
N TYR A 576 -1.52 11.54 -9.00
CA TYR A 576 -0.76 12.44 -9.86
C TYR A 576 0.73 12.33 -9.58
N GLY A 577 1.13 12.25 -8.31
CA GLY A 577 2.51 11.98 -7.94
C GLY A 577 3.01 10.64 -8.48
N PHE A 578 2.28 9.56 -8.22
CA PHE A 578 2.70 8.21 -8.61
C PHE A 578 2.75 8.04 -10.13
N THR A 579 1.81 8.63 -10.87
CA THR A 579 1.82 8.59 -12.34
C THR A 579 3.02 9.31 -12.91
N ALA A 580 3.34 10.51 -12.43
CA ALA A 580 4.53 11.23 -12.86
C ALA A 580 5.83 10.47 -12.55
N LEU A 581 5.98 9.88 -11.35
CA LEU A 581 7.14 9.05 -11.05
C LEU A 581 7.24 7.79 -11.91
N GLN A 582 6.15 7.06 -12.14
CA GLN A 582 6.18 5.88 -13.01
C GLN A 582 6.54 6.23 -14.45
N HIS A 583 6.01 7.31 -15.00
CA HIS A 583 6.35 7.77 -16.34
C HIS A 583 7.86 7.99 -16.47
N ASN A 584 8.43 8.70 -15.49
CA ASN A 584 9.82 9.08 -15.43
C ASN A 584 10.77 7.87 -15.26
N GLU A 585 10.43 6.89 -14.44
CA GLU A 585 11.25 5.67 -14.31
C GLU A 585 11.11 4.74 -15.52
N PHE A 586 9.90 4.34 -15.89
CA PHE A 586 9.73 3.16 -16.73
C PHE A 586 10.04 3.38 -18.21
N LEU A 587 9.97 4.59 -18.75
CA LEU A 587 10.21 4.81 -20.18
C LEU A 587 11.61 4.34 -20.62
N GLY A 588 11.67 3.42 -21.58
CA GLY A 588 12.92 2.88 -22.11
C GLY A 588 13.58 1.78 -21.27
N GLN A 589 12.93 1.25 -20.23
CA GLN A 589 13.41 0.09 -19.50
C GLN A 589 13.04 -1.23 -20.21
N ASN A 590 13.83 -2.28 -20.01
CA ASN A 590 13.52 -3.66 -20.43
C ASN A 590 13.57 -4.60 -19.22
N PHE A 591 12.69 -5.61 -19.17
CA PHE A 591 12.53 -6.49 -18.00
C PHE A 591 12.55 -7.99 -18.32
N CYS A 592 12.73 -8.38 -19.58
CA CYS A 592 12.89 -9.78 -19.99
C CYS A 592 14.33 -10.01 -20.46
N PRO A 593 15.24 -10.51 -19.59
CA PRO A 593 16.61 -10.74 -19.98
C PRO A 593 16.69 -11.78 -21.10
N GLY A 594 17.54 -11.53 -22.08
CA GLY A 594 17.69 -12.37 -23.27
C GLY A 594 16.59 -12.22 -24.33
N LEU A 595 15.64 -11.30 -24.19
CA LEU A 595 14.52 -11.14 -25.14
C LEU A 595 14.36 -9.67 -25.56
N ASN A 596 14.80 -9.32 -26.76
CA ASN A 596 14.63 -7.96 -27.30
C ASN A 596 13.20 -7.73 -27.79
N ALA A 597 12.30 -7.36 -26.89
CA ALA A 597 10.89 -7.07 -27.20
C ALA A 597 10.63 -5.66 -27.77
N THR A 598 11.63 -4.92 -28.26
CA THR A 598 11.45 -3.52 -28.71
C THR A 598 10.62 -3.37 -30.00
N GLY A 599 10.82 -4.24 -30.99
CA GLY A 599 10.13 -4.18 -32.29
C GLY A 599 8.87 -5.05 -32.39
N ASN A 600 8.82 -6.12 -31.62
CA ASN A 600 7.70 -7.08 -31.53
C ASN A 600 7.76 -7.80 -30.18
N ASN A 601 6.67 -8.39 -29.72
CA ASN A 601 6.69 -9.36 -28.62
C ASN A 601 6.30 -10.77 -29.14
N PRO A 602 7.17 -11.79 -29.04
CA PRO A 602 6.94 -13.09 -29.69
C PRO A 602 5.87 -13.95 -29.01
N CYS A 603 5.62 -13.73 -27.72
CA CYS A 603 4.45 -14.25 -27.01
C CYS A 603 3.73 -13.11 -26.29
N ASN A 604 2.42 -13.04 -26.45
CA ASN A 604 1.63 -11.84 -26.24
C ASN A 604 1.61 -11.31 -24.79
N TYR A 605 1.63 -12.21 -23.79
CA TYR A 605 1.39 -11.86 -22.38
C TYR A 605 2.64 -11.43 -21.58
N ALA A 606 3.84 -11.44 -22.16
CA ALA A 606 5.09 -11.40 -21.41
C ALA A 606 5.39 -10.11 -20.61
N THR A 607 4.93 -8.93 -21.05
CA THR A 607 5.18 -7.61 -20.39
C THR A 607 6.67 -7.31 -20.14
N CYS A 608 7.41 -7.06 -21.23
CA CYS A 608 8.87 -7.02 -21.26
C CYS A 608 9.49 -5.63 -21.32
N THR A 609 8.73 -4.55 -21.44
CA THR A 609 9.28 -3.18 -21.46
C THR A 609 8.41 -2.20 -20.71
N GLY A 610 9.00 -1.12 -20.21
CA GLY A 610 8.29 -0.19 -19.33
C GLY A 610 7.15 0.56 -20.03
N GLU A 611 7.20 0.76 -21.34
CA GLU A 611 6.06 1.25 -22.13
C GLU A 611 4.86 0.30 -22.09
N GLU A 612 5.07 -1.02 -22.18
CA GLU A 612 3.98 -1.99 -22.03
C GLU A 612 3.38 -1.92 -20.63
N TYR A 613 4.20 -1.77 -19.60
CA TYR A 613 3.71 -1.58 -18.26
C TYR A 613 2.88 -0.28 -18.14
N LEU A 614 3.40 0.86 -18.60
CA LEU A 614 2.72 2.16 -18.56
C LEU A 614 1.36 2.13 -19.27
N VAL A 615 1.26 1.63 -20.50
CA VAL A 615 -0.03 1.58 -21.22
C VAL A 615 -1.01 0.61 -20.55
N LYS A 616 -0.52 -0.46 -19.92
CA LYS A 616 -1.34 -1.42 -19.17
C LYS A 616 -1.88 -0.85 -17.85
N GLN A 617 -1.26 0.21 -17.33
CA GLN A 617 -1.79 1.02 -16.24
C GLN A 617 -2.68 2.18 -16.71
N GLY A 618 -2.87 2.37 -18.03
CA GLY A 618 -3.63 3.46 -18.59
C GLY A 618 -2.90 4.80 -18.65
N ILE A 619 -1.58 4.81 -18.54
CA ILE A 619 -0.75 6.02 -18.57
C ILE A 619 -0.44 6.42 -20.02
N ASP A 620 -0.35 7.73 -20.28
CA ASP A 620 -0.08 8.30 -21.61
C ASP A 620 1.45 8.38 -21.88
N LEU A 621 1.93 7.86 -23.01
CA LEU A 621 3.37 7.81 -23.32
C LEU A 621 3.97 9.11 -23.86
N SER A 622 3.16 10.13 -24.15
CA SER A 622 3.64 11.45 -24.60
C SER A 622 4.28 12.26 -23.46
N PRO A 623 5.10 13.29 -23.75
CA PRO A 623 5.53 14.24 -22.73
C PRO A 623 4.40 14.96 -22.00
N TRP A 624 3.26 15.26 -22.63
CA TRP A 624 2.10 15.77 -21.89
C TRP A 624 1.55 14.76 -20.87
N GLY A 625 1.70 13.45 -21.09
CA GLY A 625 1.38 12.42 -20.10
C GLY A 625 2.20 12.49 -18.81
N LEU A 626 3.40 13.08 -18.84
CA LEU A 626 4.18 13.39 -17.67
C LEU A 626 3.68 14.68 -17.02
N TRP A 627 3.59 15.77 -17.78
CA TRP A 627 3.40 17.11 -17.23
C TRP A 627 1.98 17.43 -16.79
N LYS A 628 0.97 16.80 -17.38
CA LYS A 628 -0.43 16.89 -16.97
C LYS A 628 -0.62 16.71 -15.46
N ASN A 629 0.19 15.84 -14.85
CA ASN A 629 0.15 15.57 -13.42
C ASN A 629 0.61 16.76 -12.57
N HIS A 630 1.59 17.55 -13.03
CA HIS A 630 2.09 18.72 -12.31
C HIS A 630 1.15 19.90 -12.41
N VAL A 631 0.50 20.14 -13.56
CA VAL A 631 -0.54 21.18 -13.62
C VAL A 631 -1.72 20.85 -12.72
N ALA A 632 -2.11 19.58 -12.61
CA ALA A 632 -3.14 19.14 -11.67
C ALA A 632 -2.75 19.39 -10.20
N LEU A 633 -1.51 19.07 -9.80
CA LEU A 633 -1.05 19.37 -8.44
C LEU A 633 -1.00 20.88 -8.15
N ALA A 634 -0.58 21.72 -9.10
CA ALA A 634 -0.59 23.18 -8.95
C ALA A 634 -2.00 23.75 -8.78
N CYS A 635 -3.00 23.18 -9.44
CA CYS A 635 -4.40 23.59 -9.26
C CYS A 635 -4.94 23.22 -7.89
N MET A 636 -4.65 22.02 -7.40
CA MET A 636 -5.06 21.60 -6.07
C MET A 636 -4.40 22.47 -5.00
N ILE A 637 -3.13 22.86 -5.17
CA ILE A 637 -2.48 23.85 -4.28
C ILE A 637 -3.27 25.16 -4.27
N VAL A 638 -3.54 25.77 -5.42
CA VAL A 638 -4.21 27.07 -5.50
C VAL A 638 -5.64 27.05 -4.93
N ILE A 639 -6.41 26.00 -5.20
CA ILE A 639 -7.76 25.85 -4.66
C ILE A 639 -7.73 25.66 -3.14
N PHE A 640 -6.93 24.76 -2.61
CA PHE A 640 -6.91 24.52 -1.17
C PHE A 640 -6.34 25.70 -0.38
N LEU A 641 -5.30 26.38 -0.86
CA LEU A 641 -4.80 27.59 -0.18
C LEU A 641 -5.80 28.75 -0.25
N THR A 642 -6.68 28.80 -1.25
CA THR A 642 -7.79 29.77 -1.25
C THR A 642 -8.85 29.39 -0.21
N ILE A 643 -9.23 28.13 -0.12
CA ILE A 643 -10.20 27.67 0.89
C ILE A 643 -9.65 27.92 2.29
N ALA A 644 -8.36 27.68 2.54
CA ALA A 644 -7.73 28.00 3.82
C ALA A 644 -7.75 29.51 4.12
N TYR A 645 -7.49 30.36 3.13
CA TYR A 645 -7.60 31.80 3.31
C TYR A 645 -9.04 32.25 3.59
N LEU A 646 -10.02 31.82 2.80
CA LEU A 646 -11.43 32.19 2.99
C LEU A 646 -12.00 31.67 4.32
N LYS A 647 -11.52 30.53 4.83
CA LYS A 647 -11.81 30.07 6.18
C LYS A 647 -11.31 31.03 7.27
N LEU A 648 -10.12 31.61 7.16
CA LEU A 648 -9.67 32.64 8.10
C LEU A 648 -10.35 34.00 7.87
N LEU A 649 -10.75 34.33 6.65
CA LEU A 649 -11.46 35.57 6.36
C LEU A 649 -12.88 35.60 6.96
N PHE A 650 -13.60 34.48 6.94
CA PHE A 650 -14.98 34.36 7.42
C PHE A 650 -15.15 33.58 8.74
N LEU A 651 -14.06 33.33 9.46
CA LEU A 651 -14.07 32.87 10.85
C LEU A 651 -14.72 33.91 11.77
N LYS A 652 -15.46 33.50 12.81
CA LYS A 652 -16.02 34.42 13.80
C LYS A 652 -15.00 34.79 14.88
N LYS A 653 -14.58 36.07 14.88
CA LYS A 653 -13.57 36.62 15.78
C LYS A 653 -14.12 36.95 17.17
N TYR A 654 -15.30 37.54 17.25
CA TYR A 654 -15.92 37.96 18.50
C TYR A 654 -16.26 36.77 19.42
N ALA B 35 -12.97 4.58 66.26
CA ALA B 35 -11.53 4.20 66.22
C ALA B 35 -10.63 5.42 66.11
N VAL B 36 -9.53 5.47 66.88
CA VAL B 36 -8.55 6.56 66.84
C VAL B 36 -7.28 6.11 66.11
N LEU B 37 -6.85 6.92 65.15
CA LEU B 37 -5.69 6.68 64.31
C LEU B 37 -4.59 7.62 64.79
N SER B 38 -3.43 7.08 65.14
CA SER B 38 -2.32 7.86 65.69
C SER B 38 -1.04 7.56 64.93
N PHE B 39 -0.22 8.59 64.73
CA PHE B 39 1.01 8.51 63.94
C PHE B 39 2.13 9.16 64.73
N HIS B 40 3.27 8.47 64.83
CA HIS B 40 4.40 8.86 65.67
C HIS B 40 5.72 8.84 64.88
N ASN B 41 6.46 9.94 64.94
CA ASN B 41 7.74 10.14 64.28
C ASN B 41 7.74 9.74 62.79
N ILE B 42 6.65 10.02 62.05
CA ILE B 42 6.57 9.73 60.60
C ILE B 42 7.63 10.52 59.87
N CYS B 43 8.47 9.83 59.10
CA CYS B 43 9.32 10.38 58.06
C CYS B 43 9.10 9.57 56.78
N TYR B 44 9.25 10.18 55.62
CA TYR B 44 9.13 9.47 54.34
C TYR B 44 10.12 10.02 53.32
N ARG B 45 10.79 9.15 52.57
CA ARG B 45 11.74 9.52 51.50
C ARG B 45 11.50 8.76 50.19
N VAL B 46 11.71 9.43 49.05
CA VAL B 46 11.54 8.85 47.71
C VAL B 46 12.82 8.16 47.24
N LYS B 61 15.89 11.25 49.20
CA LYS B 61 15.26 12.57 49.36
C LYS B 61 14.01 12.50 50.25
N GLU B 62 14.07 13.12 51.42
CA GLU B 62 12.92 13.26 52.34
C GLU B 62 11.80 14.11 51.71
N ILE B 63 10.55 13.79 52.02
CA ILE B 63 9.37 14.64 51.76
C ILE B 63 8.50 14.87 52.99
N LEU B 64 8.47 13.95 53.97
CA LEU B 64 7.93 14.16 55.32
C LEU B 64 9.09 14.03 56.31
N SER B 65 9.32 15.04 57.16
CA SER B 65 10.59 15.15 57.90
C SER B 65 10.55 14.49 59.28
N ASN B 66 9.64 14.92 60.15
CA ASN B 66 9.25 14.20 61.37
C ASN B 66 7.89 14.74 61.81
N ILE B 67 6.88 13.88 61.91
CA ILE B 67 5.48 14.27 62.12
C ILE B 67 4.85 13.40 63.22
N ASN B 68 4.06 14.01 64.10
CA ASN B 68 3.41 13.37 65.23
C ASN B 68 1.96 13.88 65.37
N GLY B 69 1.00 13.02 65.65
CA GLY B 69 -0.38 13.44 65.84
C GLY B 69 -1.36 12.32 66.15
N ILE B 70 -2.56 12.69 66.59
CA ILE B 70 -3.68 11.78 66.83
C ILE B 70 -4.94 12.29 66.11
N MET B 71 -5.72 11.38 65.54
CA MET B 71 -6.96 11.64 64.82
C MET B 71 -8.07 10.75 65.38
N LYS B 72 -9.28 11.29 65.49
CA LYS B 72 -10.33 10.78 66.39
C LYS B 72 -11.71 10.86 65.73
N PRO B 73 -12.74 10.14 66.20
CA PRO B 73 -14.08 10.22 65.63
C PRO B 73 -14.57 11.66 65.55
N GLY B 74 -15.06 12.04 64.38
CA GLY B 74 -15.15 13.44 63.99
C GLY B 74 -14.54 13.70 62.61
N LEU B 75 -14.44 14.98 62.28
CA LEU B 75 -14.10 15.51 60.97
C LEU B 75 -12.71 16.18 61.04
N ASN B 76 -11.66 15.57 60.47
CA ASN B 76 -10.26 15.97 60.67
C ASN B 76 -9.60 16.45 59.36
N ALA B 77 -9.14 17.70 59.33
CA ALA B 77 -8.67 18.35 58.11
C ALA B 77 -7.15 18.52 58.04
N ILE B 78 -6.54 18.21 56.90
CA ILE B 78 -5.11 18.40 56.62
C ILE B 78 -4.93 19.53 55.58
N LEU B 79 -4.26 20.62 55.96
CA LEU B 79 -4.15 21.87 55.19
C LEU B 79 -2.69 22.27 54.94
N GLY B 80 -2.50 23.15 53.96
CA GLY B 80 -1.19 23.69 53.59
C GLY B 80 -1.06 23.90 52.08
N PRO B 81 0.07 24.48 51.61
CA PRO B 81 0.34 24.67 50.20
C PRO B 81 0.48 23.33 49.47
N THR B 82 0.19 23.31 48.18
CA THR B 82 0.00 22.09 47.37
C THR B 82 1.23 21.18 47.30
N GLY B 83 2.43 21.76 47.20
CA GLY B 83 3.69 21.01 47.20
C GLY B 83 4.16 20.55 48.58
N GLY B 84 3.44 20.92 49.65
CA GLY B 84 3.76 20.52 51.02
C GLY B 84 3.42 19.06 51.31
N GLY B 85 3.39 18.69 52.59
CA GLY B 85 3.16 17.31 52.99
C GLY B 85 1.72 16.82 52.84
N LYS B 86 0.73 17.70 52.62
CA LYS B 86 -0.71 17.43 52.85
C LYS B 86 -1.25 16.16 52.22
N SER B 87 -0.94 15.90 50.95
CA SER B 87 -1.39 14.73 50.20
C SER B 87 -0.59 13.49 50.56
N SER B 88 0.73 13.65 50.75
CA SER B 88 1.61 12.53 51.12
C SER B 88 1.33 12.01 52.52
N LEU B 89 0.97 12.87 53.48
CA LEU B 89 0.57 12.39 54.79
C LEU B 89 -0.73 11.59 54.69
N LEU B 90 -1.75 12.06 53.98
CA LEU B 90 -2.98 11.30 53.78
C LEU B 90 -2.71 9.92 53.18
N ASP B 91 -1.86 9.83 52.16
CA ASP B 91 -1.50 8.56 51.54
C ASP B 91 -0.57 7.67 52.37
N VAL B 92 0.20 8.21 53.31
CA VAL B 92 0.92 7.41 54.32
C VAL B 92 -0.06 6.86 55.35
N LEU B 93 -0.94 7.70 55.90
CA LEU B 93 -1.94 7.30 56.88
C LEU B 93 -2.85 6.20 56.31
N ALA B 94 -3.26 6.33 55.06
CA ALA B 94 -4.12 5.39 54.34
C ALA B 94 -3.43 4.12 53.80
N ALA B 95 -2.11 3.98 53.94
CA ALA B 95 -1.32 2.90 53.34
C ALA B 95 -1.38 2.86 51.80
N ARG B 96 -1.52 4.02 51.15
CA ARG B 96 -1.54 4.21 49.69
C ARG B 96 -0.15 4.56 49.10
N LYS B 97 0.90 4.61 49.93
CA LYS B 97 2.29 4.87 49.53
C LYS B 97 3.20 3.69 49.83
N ASP B 98 4.27 3.56 49.05
CA ASP B 98 5.24 2.45 49.14
C ASP B 98 5.90 2.41 50.53
N PRO B 99 5.78 1.32 51.31
CA PRO B 99 6.41 1.18 52.62
C PRO B 99 7.94 1.30 52.64
N SER B 100 8.64 1.28 51.51
CA SER B 100 10.10 1.35 51.48
C SER B 100 10.66 2.65 52.07
N GLY B 101 9.94 3.77 51.94
CA GLY B 101 10.37 5.07 52.47
C GLY B 101 9.90 5.37 53.90
N LEU B 102 8.84 4.74 54.38
CA LEU B 102 8.19 5.07 55.64
C LEU B 102 9.03 4.67 56.86
N SER B 103 9.45 5.64 57.67
CA SER B 103 10.41 5.45 58.76
C SER B 103 9.85 5.65 60.19
N GLY B 104 8.57 5.98 60.34
CA GLY B 104 7.89 6.12 61.64
C GLY B 104 6.96 4.96 61.96
N ASP B 105 5.99 5.16 62.85
CA ASP B 105 4.98 4.15 63.16
C ASP B 105 3.55 4.72 63.22
N VAL B 106 2.58 3.97 62.68
CA VAL B 106 1.15 4.30 62.64
C VAL B 106 0.35 3.22 63.36
N LEU B 107 -0.68 3.59 64.10
CA LEU B 107 -1.22 2.78 65.19
C LEU B 107 -2.69 3.11 65.43
N ILE B 108 -3.57 2.11 65.36
CA ILE B 108 -5.03 2.24 65.50
C ILE B 108 -5.48 1.67 66.85
N ASN B 109 -6.18 2.46 67.66
CA ASN B 109 -6.60 2.08 69.03
C ASN B 109 -5.46 1.49 69.89
N GLY B 110 -4.20 1.87 69.63
CA GLY B 110 -3.02 1.35 70.32
C GLY B 110 -2.39 0.08 69.73
N ALA B 111 -2.88 -0.45 68.60
CA ALA B 111 -2.32 -1.63 67.92
C ALA B 111 -1.90 -1.30 66.47
N PRO B 112 -0.88 -1.97 65.89
CA PRO B 112 -0.40 -1.71 64.52
C PRO B 112 -1.48 -1.82 63.44
N ARG B 113 -1.31 -1.10 62.31
CA ARG B 113 -2.12 -1.35 61.11
C ARG B 113 -1.86 -2.79 60.61
N PRO B 114 -2.89 -3.63 60.41
CA PRO B 114 -2.69 -4.92 59.76
C PRO B 114 -2.43 -4.74 58.26
N ALA B 115 -1.82 -5.72 57.59
CA ALA B 115 -1.70 -5.70 56.12
C ALA B 115 -3.08 -5.67 55.42
N ASN B 116 -4.10 -6.21 56.10
CA ASN B 116 -5.51 -6.18 55.74
C ASN B 116 -6.17 -4.78 55.75
N PHE B 117 -5.49 -3.72 56.20
CA PHE B 117 -6.10 -2.41 56.47
C PHE B 117 -6.75 -1.75 55.25
N LYS B 118 -6.18 -1.93 54.05
CA LYS B 118 -6.69 -1.40 52.78
C LYS B 118 -8.10 -1.93 52.44
N CYS B 119 -8.48 -3.08 52.98
CA CYS B 119 -9.79 -3.69 52.80
C CYS B 119 -10.81 -3.27 53.87
N ASN B 120 -10.36 -2.78 55.03
CA ASN B 120 -11.22 -2.48 56.18
C ASN B 120 -11.55 -0.98 56.32
N SER B 121 -10.90 -0.13 55.53
CA SER B 121 -11.03 1.33 55.54
C SER B 121 -11.44 1.84 54.16
N GLY B 122 -12.18 2.95 54.11
CA GLY B 122 -12.58 3.58 52.85
C GLY B 122 -11.58 4.63 52.40
N TYR B 123 -11.35 4.76 51.10
CA TYR B 123 -10.55 5.85 50.54
C TYR B 123 -11.21 6.41 49.28
N VAL B 124 -11.49 7.71 49.27
CA VAL B 124 -12.20 8.39 48.18
C VAL B 124 -11.23 9.29 47.42
N VAL B 125 -11.10 9.04 46.12
CA VAL B 125 -10.19 9.76 45.22
C VAL B 125 -10.65 11.21 44.99
N GLN B 126 -9.72 12.12 44.68
CA GLN B 126 -10.03 13.51 44.38
C GLN B 126 -10.96 13.66 43.17
N ASP B 127 -10.56 13.14 42.01
CA ASP B 127 -11.39 13.13 40.80
C ASP B 127 -12.05 11.75 40.66
N ASP B 128 -13.37 11.75 40.59
CA ASP B 128 -14.19 10.54 40.69
C ASP B 128 -13.96 9.57 39.52
N VAL B 129 -13.75 8.30 39.85
CA VAL B 129 -13.51 7.20 38.90
C VAL B 129 -14.77 6.37 38.62
N VAL B 130 -15.94 6.79 39.11
CA VAL B 130 -17.23 6.07 38.96
C VAL B 130 -17.60 5.83 37.49
N MET B 131 -18.33 4.75 37.21
CA MET B 131 -18.74 4.40 35.85
C MET B 131 -19.85 5.31 35.34
N GLY B 132 -19.50 6.25 34.45
CA GLY B 132 -20.42 7.28 33.95
C GLY B 132 -21.57 6.78 33.08
N THR B 133 -21.57 5.52 32.66
CA THR B 133 -22.64 4.94 31.81
C THR B 133 -23.42 3.81 32.50
N LEU B 134 -23.01 3.40 33.69
CA LEU B 134 -23.87 2.65 34.61
C LEU B 134 -24.74 3.64 35.39
N THR B 135 -25.80 3.15 36.05
CA THR B 135 -26.59 3.95 37.00
C THR B 135 -26.04 3.89 38.44
N VAL B 136 -26.52 4.76 39.34
CA VAL B 136 -26.08 4.83 40.75
C VAL B 136 -26.30 3.51 41.48
N ARG B 137 -27.47 2.89 41.29
CA ARG B 137 -27.81 1.53 41.75
C ARG B 137 -26.78 0.50 41.28
N GLU B 138 -26.38 0.54 40.01
CA GLU B 138 -25.43 -0.42 39.43
C GLU B 138 -24.00 -0.23 39.94
N ASN B 139 -23.54 1.01 40.11
CA ASN B 139 -22.22 1.29 40.66
C ASN B 139 -22.11 0.77 42.10
N LEU B 140 -23.11 1.03 42.95
CA LEU B 140 -23.16 0.47 44.29
C LEU B 140 -23.26 -1.06 44.28
N GLN B 141 -24.06 -1.64 43.39
CA GLN B 141 -24.15 -3.10 43.24
C GLN B 141 -22.83 -3.74 42.85
N PHE B 142 -22.02 -3.14 41.95
CA PHE B 142 -20.70 -3.68 41.61
C PHE B 142 -19.75 -3.66 42.81
N SER B 143 -19.73 -2.57 43.59
CA SER B 143 -18.95 -2.52 44.84
C SER B 143 -19.42 -3.59 45.83
N ALA B 144 -20.73 -3.70 46.07
CA ALA B 144 -21.31 -4.73 46.95
C ALA B 144 -21.05 -6.16 46.46
N ALA B 145 -21.04 -6.39 45.15
CA ALA B 145 -20.79 -7.69 44.56
C ALA B 145 -19.38 -8.23 44.84
N LEU B 146 -18.41 -7.37 45.15
CA LEU B 146 -16.99 -7.73 45.29
C LEU B 146 -16.37 -7.40 46.65
N ARG B 147 -16.85 -6.39 47.39
CA ARG B 147 -16.30 -6.03 48.71
C ARG B 147 -16.99 -6.73 49.89
N LEU B 148 -18.27 -7.10 49.74
CA LEU B 148 -18.98 -7.90 50.75
C LEU B 148 -18.63 -9.40 50.59
N ALA B 149 -18.82 -10.18 51.65
CA ALA B 149 -18.53 -11.61 51.63
C ALA B 149 -19.46 -12.39 50.68
N THR B 150 -18.95 -13.48 50.10
CA THR B 150 -19.73 -14.44 49.28
C THR B 150 -20.82 -15.18 50.06
N THR B 151 -20.78 -15.14 51.40
CA THR B 151 -21.80 -15.71 52.30
C THR B 151 -23.20 -15.13 52.09
N MET B 152 -23.29 -13.84 51.74
CA MET B 152 -24.51 -13.04 51.87
C MET B 152 -25.48 -13.22 50.70
N THR B 153 -26.75 -13.44 50.98
CA THR B 153 -27.84 -13.46 49.97
C THR B 153 -27.96 -12.11 49.26
N ASN B 154 -28.47 -12.07 48.03
CA ASN B 154 -28.68 -10.82 47.28
C ASN B 154 -29.55 -9.80 48.05
N HIS B 155 -30.55 -10.26 48.80
CA HIS B 155 -31.35 -9.41 49.70
C HIS B 155 -30.54 -8.85 50.88
N GLU B 156 -29.59 -9.61 51.40
CA GLU B 156 -28.71 -9.17 52.50
C GLU B 156 -27.68 -8.14 52.01
N LYS B 157 -27.33 -8.17 50.71
CA LYS B 157 -26.51 -7.14 50.05
C LYS B 157 -27.33 -5.92 49.67
N ASN B 158 -28.57 -6.09 49.21
CA ASN B 158 -29.47 -4.96 48.95
C ASN B 158 -29.90 -4.23 50.22
N GLU B 159 -30.05 -4.89 51.37
CA GLU B 159 -30.20 -4.20 52.66
C GLU B 159 -29.00 -3.28 52.95
N ARG B 160 -27.76 -3.72 52.70
CA ARG B 160 -26.57 -2.86 52.81
C ARG B 160 -26.62 -1.70 51.82
N ILE B 161 -26.93 -1.96 50.55
CA ILE B 161 -27.03 -0.92 49.52
C ILE B 161 -28.14 0.08 49.86
N ASN B 162 -29.29 -0.36 50.36
CA ASN B 162 -30.41 0.52 50.67
C ASN B 162 -30.13 1.42 51.87
N ARG B 163 -29.51 0.87 52.92
CA ARG B 163 -29.03 1.67 54.05
C ARG B 163 -28.05 2.75 53.56
N VAL B 164 -27.11 2.40 52.68
CA VAL B 164 -26.15 3.36 52.11
C VAL B 164 -26.80 4.41 51.20
N ILE B 165 -27.60 4.02 50.22
CA ILE B 165 -28.15 4.96 49.22
C ILE B 165 -29.17 5.95 49.83
N GLN B 166 -29.87 5.53 50.89
CA GLN B 166 -30.73 6.40 51.69
C GLN B 166 -29.92 7.39 52.56
N GLU B 167 -28.89 6.90 53.27
CA GLU B 167 -28.05 7.74 54.13
C GLU B 167 -27.34 8.87 53.36
N LEU B 168 -26.97 8.64 52.10
CA LEU B 168 -26.35 9.64 51.21
C LEU B 168 -27.36 10.59 50.55
N GLY B 169 -28.66 10.37 50.69
CA GLY B 169 -29.69 11.21 50.06
C GLY B 169 -29.72 11.14 48.53
N LEU B 170 -29.40 9.98 47.94
CA LEU B 170 -29.39 9.73 46.49
C LEU B 170 -30.74 9.25 45.92
N ASP B 171 -31.81 9.21 46.71
CA ASP B 171 -33.06 8.52 46.35
C ASP B 171 -33.69 8.94 45.00
N LYS B 172 -33.61 10.21 44.63
CA LYS B 172 -34.17 10.74 43.38
C LYS B 172 -33.35 10.42 42.12
N VAL B 173 -32.14 9.88 42.27
CA VAL B 173 -31.20 9.57 41.18
C VAL B 173 -30.72 8.13 41.17
N ALA B 174 -31.26 7.25 42.02
CA ALA B 174 -30.79 5.87 42.17
C ALA B 174 -30.75 5.11 40.84
N ASP B 175 -31.71 5.37 39.95
CA ASP B 175 -31.81 4.74 38.63
C ASP B 175 -31.46 5.70 37.47
N SER B 176 -30.81 6.85 37.73
CA SER B 176 -30.28 7.74 36.69
C SER B 176 -28.84 7.38 36.29
N LYS B 177 -28.45 7.58 35.03
CA LYS B 177 -27.05 7.38 34.62
C LYS B 177 -26.13 8.48 35.15
N VAL B 178 -24.89 8.09 35.48
CA VAL B 178 -23.93 8.92 36.23
C VAL B 178 -23.20 9.97 35.35
N GLY B 179 -23.55 10.06 34.06
CA GLY B 179 -23.12 11.10 33.14
C GLY B 179 -21.85 10.76 32.37
N THR B 180 -21.89 10.95 31.05
CA THR B 180 -20.81 10.62 30.07
C THR B 180 -20.84 11.65 28.91
N GLN B 181 -19.78 11.73 28.11
CA GLN B 181 -19.69 12.62 26.92
C GLN B 181 -20.95 12.65 26.04
N PHE B 182 -21.58 11.48 25.84
CA PHE B 182 -22.79 11.33 25.00
C PHE B 182 -24.10 11.22 25.79
N ILE B 183 -24.06 11.34 27.13
CA ILE B 183 -25.19 11.04 28.02
C ILE B 183 -25.23 12.09 29.14
N ARG B 184 -26.18 13.04 29.07
CA ARG B 184 -26.49 13.93 30.20
C ARG B 184 -27.04 13.12 31.37
N GLY B 185 -26.60 13.43 32.58
CA GLY B 185 -26.91 12.64 33.77
C GLY B 185 -26.72 13.40 35.07
N VAL B 186 -26.50 12.65 36.15
CA VAL B 186 -26.36 13.17 37.53
C VAL B 186 -25.28 14.27 37.62
N SER B 187 -25.55 15.34 38.39
CA SER B 187 -24.65 16.49 38.54
C SER B 187 -23.44 16.21 39.44
N GLY B 188 -22.40 17.03 39.35
CA GLY B 188 -21.11 16.81 40.02
C GLY B 188 -21.19 16.62 41.55
N GLY B 189 -22.15 17.27 42.21
CA GLY B 189 -22.37 17.05 43.65
C GLY B 189 -22.84 15.64 43.97
N GLU B 190 -23.84 15.14 43.26
CA GLU B 190 -24.33 13.77 43.45
C GLU B 190 -23.38 12.73 42.85
N ARG B 191 -22.56 13.10 41.86
CA ARG B 191 -21.44 12.29 41.37
C ARG B 191 -20.38 12.07 42.44
N LYS B 192 -20.10 13.09 43.26
CA LYS B 192 -19.20 12.96 44.42
C LYS B 192 -19.81 12.11 45.53
N ARG B 193 -21.09 12.26 45.84
CA ARG B 193 -21.83 11.38 46.78
C ARG B 193 -21.81 9.92 46.35
N THR B 194 -21.94 9.65 45.05
CA THR B 194 -21.92 8.28 44.51
C THR B 194 -20.60 7.59 44.81
N SER B 195 -19.49 8.31 44.59
CA SER B 195 -18.14 7.82 44.89
C SER B 195 -17.91 7.55 46.38
N ILE B 196 -18.47 8.37 47.28
CA ILE B 196 -18.44 8.12 48.73
C ILE B 196 -19.21 6.83 49.08
N GLY B 197 -20.40 6.65 48.51
CA GLY B 197 -21.19 5.43 48.73
C GLY B 197 -20.50 4.13 48.33
N MET B 198 -19.66 4.12 47.30
CA MET B 198 -18.90 2.93 46.94
C MET B 198 -17.91 2.47 48.01
N GLU B 199 -17.46 3.37 48.89
CA GLU B 199 -16.64 3.04 50.07
C GLU B 199 -17.48 2.70 51.30
N LEU B 200 -18.67 3.28 51.46
CA LEU B 200 -19.53 2.99 52.62
C LEU B 200 -20.19 1.61 52.60
N ILE B 201 -20.16 0.89 51.49
CA ILE B 201 -20.64 -0.49 51.39
C ILE B 201 -20.10 -1.38 52.52
N THR B 202 -18.84 -1.22 52.90
CA THR B 202 -18.18 -2.09 53.89
C THR B 202 -18.34 -1.64 55.37
N ASP B 203 -19.12 -0.58 55.65
CA ASP B 203 -19.14 0.12 56.96
C ASP B 203 -17.74 0.40 57.52
N PRO B 204 -16.90 1.17 56.80
CA PRO B 204 -15.53 1.42 57.22
C PRO B 204 -15.50 2.32 58.47
N SER B 205 -14.68 1.97 59.45
CA SER B 205 -14.51 2.78 60.67
C SER B 205 -13.75 4.09 60.41
N ILE B 206 -12.89 4.10 59.39
CA ILE B 206 -12.11 5.25 58.94
C ILE B 206 -12.40 5.52 57.46
N LEU B 207 -12.73 6.76 57.10
CA LEU B 207 -12.76 7.24 55.73
C LEU B 207 -11.62 8.22 55.48
N PHE B 208 -10.90 8.03 54.40
CA PHE B 208 -9.94 8.99 53.87
C PHE B 208 -10.51 9.66 52.62
N LEU B 209 -10.45 10.98 52.49
CA LEU B 209 -10.81 11.68 51.25
C LEU B 209 -9.69 12.63 50.82
N ASP B 210 -9.14 12.45 49.62
CA ASP B 210 -8.22 13.45 49.08
C ASP B 210 -9.04 14.58 48.45
N GLU B 211 -8.87 15.81 48.92
CA GLU B 211 -9.39 17.03 48.29
C GLU B 211 -10.91 17.03 47.99
N PRO B 212 -11.82 16.64 48.88
CA PRO B 212 -13.19 16.27 48.52
C PRO B 212 -14.04 17.42 47.97
N THR B 213 -13.70 18.67 48.28
CA THR B 213 -14.39 19.87 47.80
C THR B 213 -13.76 20.47 46.54
N THR B 214 -12.54 20.08 46.18
CA THR B 214 -11.86 20.64 45.00
C THR B 214 -12.59 20.19 43.73
N GLY B 215 -12.97 21.14 42.89
CA GLY B 215 -13.72 20.90 41.65
C GLY B 215 -15.25 21.02 41.78
N LEU B 216 -15.76 21.46 42.94
CA LEU B 216 -17.19 21.66 43.20
C LEU B 216 -17.50 23.12 43.56
N ASP B 217 -18.67 23.63 43.16
CA ASP B 217 -19.13 24.99 43.51
C ASP B 217 -19.45 25.13 45.01
N SER B 218 -19.36 26.34 45.53
CA SER B 218 -19.36 26.62 46.98
C SER B 218 -20.59 26.11 47.75
N SER B 219 -21.78 26.15 47.16
CA SER B 219 -22.99 25.60 47.78
C SER B 219 -22.97 24.06 47.81
N THR B 220 -22.42 23.43 46.77
CA THR B 220 -22.23 21.97 46.73
C THR B 220 -21.15 21.53 47.72
N ALA B 221 -20.03 22.25 47.78
CA ALA B 221 -18.96 21.97 48.73
C ALA B 221 -19.43 22.05 50.19
N ASN B 222 -20.32 23.00 50.52
CA ASN B 222 -20.97 23.04 51.84
C ASN B 222 -21.88 21.82 52.04
N ALA B 223 -22.71 21.46 51.06
CA ALA B 223 -23.60 20.31 51.20
C ALA B 223 -22.83 18.98 51.40
N VAL B 224 -21.71 18.80 50.70
CA VAL B 224 -20.79 17.68 50.90
C VAL B 224 -20.21 17.67 52.31
N LEU B 225 -19.72 18.80 52.84
CA LEU B 225 -19.16 18.81 54.20
C LEU B 225 -20.21 18.75 55.31
N LEU B 226 -21.43 19.23 55.08
CA LEU B 226 -22.56 19.05 55.99
C LEU B 226 -22.98 17.58 56.05
N LEU B 227 -22.99 16.89 54.90
CA LEU B 227 -23.16 15.45 54.83
C LEU B 227 -22.06 14.72 55.60
N LEU B 228 -20.80 15.07 55.38
CA LEU B 228 -19.68 14.49 56.12
C LEU B 228 -19.77 14.75 57.62
N LYS B 229 -20.17 15.95 58.09
CA LYS B 229 -20.33 16.15 59.54
C LYS B 229 -21.44 15.28 60.13
N ARG B 230 -22.58 15.11 59.45
CA ARG B 230 -23.62 14.15 59.91
C ARG B 230 -23.10 12.71 59.96
N MET B 231 -22.28 12.30 59.00
CA MET B 231 -21.62 10.99 59.05
C MET B 231 -20.66 10.87 60.22
N SER B 232 -19.92 11.93 60.56
CA SER B 232 -18.95 11.86 61.66
C SER B 232 -19.63 11.61 63.01
N LYS B 233 -20.85 12.12 63.20
CA LYS B 233 -21.69 11.89 64.40
C LYS B 233 -22.19 10.46 64.54
N GLN B 234 -22.07 9.64 63.50
CA GLN B 234 -22.33 8.18 63.57
C GLN B 234 -21.16 7.41 64.21
N GLY B 235 -20.07 8.10 64.59
CA GLY B 235 -18.87 7.51 65.18
C GLY B 235 -17.78 7.16 64.17
N ARG B 236 -17.94 7.48 62.88
CA ARG B 236 -16.89 7.29 61.86
C ARG B 236 -15.81 8.36 61.96
N THR B 237 -14.55 7.97 61.83
CA THR B 237 -13.40 8.87 61.77
C THR B 237 -13.13 9.29 60.33
N ILE B 238 -13.29 10.58 60.02
CA ILE B 238 -13.21 11.10 58.65
C ILE B 238 -11.96 11.98 58.55
N ILE B 239 -11.03 11.63 57.67
CA ILE B 239 -9.73 12.27 57.51
C ILE B 239 -9.60 12.78 56.08
N PHE B 240 -9.33 14.07 55.86
CA PHE B 240 -9.32 14.62 54.51
C PHE B 240 -8.36 15.80 54.34
N SER B 241 -7.86 15.99 53.13
CA SER B 241 -7.07 17.17 52.72
C SER B 241 -7.96 18.23 52.06
N ILE B 242 -7.68 19.55 52.18
CA ILE B 242 -8.39 20.60 51.40
C ILE B 242 -7.45 21.66 50.85
N HIS B 243 -7.68 22.10 49.61
CA HIS B 243 -7.14 23.34 49.04
C HIS B 243 -7.94 24.58 49.48
N GLN B 244 -7.39 25.33 50.45
CA GLN B 244 -7.87 26.63 50.95
C GLN B 244 -9.39 26.72 51.19
N PRO B 245 -9.92 26.20 52.32
CA PRO B 245 -11.35 26.24 52.62
C PRO B 245 -11.86 27.65 52.94
N ARG B 246 -13.09 27.96 52.52
CA ARG B 246 -13.86 29.15 52.93
C ARG B 246 -14.08 29.12 54.44
N TYR B 247 -14.14 30.26 55.12
CA TYR B 247 -14.38 30.35 56.56
C TYR B 247 -15.56 29.48 57.04
N SER B 248 -16.67 29.51 56.28
CA SER B 248 -17.91 28.78 56.58
C SER B 248 -17.76 27.26 56.54
N ILE B 249 -16.70 26.74 55.93
CA ILE B 249 -16.26 25.35 56.04
C ILE B 249 -15.36 25.17 57.26
N PHE B 250 -14.33 26.01 57.42
CA PHE B 250 -13.35 25.87 58.50
C PHE B 250 -13.98 25.80 59.91
N LYS B 251 -15.13 26.44 60.14
CA LYS B 251 -15.85 26.35 61.43
C LYS B 251 -16.27 24.93 61.82
N LEU B 252 -16.37 24.00 60.88
CA LEU B 252 -16.91 22.65 61.07
C LEU B 252 -15.87 21.64 61.64
N PHE B 253 -14.58 21.91 61.48
CA PHE B 253 -13.53 20.92 61.74
C PHE B 253 -13.37 20.58 63.23
N ASP B 254 -13.18 19.30 63.54
CA ASP B 254 -12.91 18.82 64.91
C ASP B 254 -11.41 18.73 65.21
N SER B 255 -10.55 18.75 64.20
CA SER B 255 -9.10 18.83 64.34
C SER B 255 -8.48 19.45 63.08
N LEU B 256 -7.34 20.12 63.22
CA LEU B 256 -6.58 20.69 62.10
C LEU B 256 -5.13 20.23 62.16
N THR B 257 -4.60 19.75 61.03
CA THR B 257 -3.16 19.47 60.82
C THR B 257 -2.64 20.36 59.70
N LEU B 258 -1.59 21.13 59.92
CA LEU B 258 -1.07 22.13 58.98
C LEU B 258 0.38 21.83 58.59
N LEU B 259 0.69 21.70 57.30
CA LEU B 259 2.01 21.25 56.80
C LEU B 259 2.56 22.14 55.69
N ALA B 260 3.85 22.48 55.72
CA ALA B 260 4.54 23.11 54.58
C ALA B 260 5.98 22.61 54.43
N SER B 261 6.45 22.41 53.20
CA SER B 261 7.80 21.90 52.89
C SER B 261 8.21 20.62 53.64
N GLY B 262 7.25 19.77 53.98
CA GLY B 262 7.49 18.53 54.74
C GLY B 262 7.73 18.73 56.24
N ARG B 263 7.46 19.91 56.79
CA ARG B 263 7.46 20.21 58.23
C ARG B 263 6.02 20.32 58.75
N LEU B 264 5.74 19.77 59.92
CA LEU B 264 4.50 20.05 60.66
C LEU B 264 4.52 21.45 61.29
N MET B 265 3.40 22.17 61.23
CA MET B 265 3.31 23.57 61.67
C MET B 265 2.15 23.85 62.63
N PHE B 266 1.11 23.02 62.63
CA PHE B 266 0.18 22.92 63.74
C PHE B 266 -0.47 21.53 63.73
N HIS B 267 -0.83 21.03 64.91
CA HIS B 267 -1.73 19.90 65.10
C HIS B 267 -2.44 20.10 66.43
N GLY B 268 -3.76 20.07 66.42
CA GLY B 268 -4.59 20.28 67.61
C GLY B 268 -6.08 20.32 67.27
N PRO B 269 -6.94 20.79 68.19
CA PRO B 269 -8.32 21.16 67.87
C PRO B 269 -8.32 22.35 66.90
N ALA B 270 -9.27 22.40 65.96
CA ALA B 270 -9.16 23.32 64.83
C ALA B 270 -9.35 24.79 65.20
N GLN B 271 -10.26 25.10 66.13
CA GLN B 271 -10.56 26.48 66.50
C GLN B 271 -9.45 27.14 67.34
N GLU B 272 -8.53 26.36 67.91
CA GLU B 272 -7.40 26.88 68.67
C GLU B 272 -6.27 27.43 67.78
N ALA B 273 -6.23 27.07 66.50
CA ALA B 273 -5.16 27.48 65.59
C ALA B 273 -5.02 29.00 65.46
N LEU B 274 -6.13 29.74 65.36
CA LEU B 274 -6.11 31.20 65.31
C LEU B 274 -5.48 31.80 66.57
N GLY B 275 -5.92 31.36 67.75
CA GLY B 275 -5.34 31.79 69.03
C GLY B 275 -3.85 31.43 69.16
N TYR B 276 -3.43 30.25 68.67
CA TYR B 276 -2.03 29.85 68.63
C TYR B 276 -1.17 30.77 67.75
N PHE B 277 -1.58 31.06 66.51
CA PHE B 277 -0.82 31.96 65.64
C PHE B 277 -0.85 33.43 66.09
N GLU B 278 -1.95 33.91 66.67
CA GLU B 278 -1.96 35.24 67.30
C GLU B 278 -1.10 35.32 68.57
N SER B 279 -0.97 34.22 69.31
CA SER B 279 -0.02 34.12 70.44
C SER B 279 1.43 34.06 69.97
N ALA B 280 1.71 33.30 68.90
CA ALA B 280 3.06 33.19 68.32
C ALA B 280 3.60 34.52 67.75
N GLY B 281 2.72 35.48 67.42
CA GLY B 281 3.11 36.86 67.11
C GLY B 281 2.46 37.50 65.87
N TYR B 282 1.61 36.78 65.14
CA TYR B 282 0.91 37.29 63.95
C TYR B 282 -0.42 37.97 64.32
N HIS B 283 -1.06 38.65 63.37
CA HIS B 283 -2.30 39.39 63.63
C HIS B 283 -3.35 39.11 62.55
N CYS B 284 -4.56 38.76 62.96
CA CYS B 284 -5.72 38.67 62.08
C CYS B 284 -6.62 39.90 62.30
N GLU B 285 -6.99 40.58 61.22
CA GLU B 285 -8.01 41.63 61.27
C GLU B 285 -9.43 41.06 61.28
N ALA B 286 -10.41 41.92 61.55
CA ALA B 286 -11.79 41.65 61.17
C ALA B 286 -11.89 41.34 59.66
N TYR B 287 -12.95 40.63 59.27
CA TYR B 287 -13.31 40.42 57.86
C TYR B 287 -12.34 39.55 57.04
N ASN B 288 -11.52 38.74 57.70
CA ASN B 288 -10.50 37.92 57.09
C ASN B 288 -10.59 36.46 57.57
N ASN B 289 -10.43 35.50 56.65
CA ASN B 289 -10.56 34.06 56.90
C ASN B 289 -9.28 33.47 57.52
N PRO B 290 -9.33 32.88 58.73
CA PRO B 290 -8.20 32.20 59.35
C PRO B 290 -7.50 31.19 58.41
N ALA B 291 -8.25 30.40 57.65
CA ALA B 291 -7.68 29.39 56.77
C ALA B 291 -6.81 29.98 55.64
N ASP B 292 -7.05 31.23 55.25
CA ASP B 292 -6.20 31.95 54.29
C ASP B 292 -5.02 32.60 55.03
N PHE B 293 -5.27 33.12 56.22
CA PHE B 293 -4.28 33.73 57.11
C PHE B 293 -3.18 32.74 57.51
N PHE B 294 -3.46 31.46 57.72
CA PHE B 294 -2.42 30.46 57.95
C PHE B 294 -1.51 30.28 56.73
N LEU B 295 -2.08 30.05 55.53
CA LEU B 295 -1.26 29.93 54.32
C LEU B 295 -0.52 31.24 53.99
N ASP B 296 -1.05 32.41 54.36
CA ASP B 296 -0.34 33.69 54.26
C ASP B 296 0.90 33.74 55.19
N ILE B 297 0.78 33.30 56.45
CA ILE B 297 1.93 33.18 57.37
C ILE B 297 2.99 32.26 56.79
N ILE B 298 2.60 31.10 56.26
CA ILE B 298 3.51 30.15 55.62
C ILE B 298 4.20 30.77 54.39
N ASN B 299 3.52 31.64 53.64
CA ASN B 299 4.10 32.39 52.51
C ASN B 299 4.92 33.62 52.93
N GLY B 300 5.03 33.94 54.23
CA GLY B 300 5.76 35.10 54.72
C GLY B 300 5.02 36.43 54.52
N ASP B 301 3.71 36.43 54.78
CA ASP B 301 2.76 37.53 54.55
C ASP B 301 2.68 37.93 53.06
N LEU B 328 12.17 30.72 56.74
CA LEU B 328 11.08 31.08 57.64
C LEU B 328 10.34 29.85 58.19
N ILE B 329 10.14 28.82 57.37
CA ILE B 329 9.42 27.61 57.79
C ILE B 329 10.20 26.88 58.90
N GLU B 330 11.53 26.95 58.90
CA GLU B 330 12.34 26.41 59.98
C GLU B 330 12.04 27.11 61.32
N LYS B 331 11.87 28.43 61.32
CA LYS B 331 11.48 29.21 62.51
C LYS B 331 10.10 28.80 63.04
N LEU B 332 9.14 28.63 62.15
CA LEU B 332 7.77 28.23 62.51
C LEU B 332 7.69 26.75 62.96
N ALA B 333 8.52 25.87 62.40
CA ALA B 333 8.68 24.51 62.90
C ALA B 333 9.31 24.46 64.30
N GLU B 334 10.34 25.28 64.56
CA GLU B 334 10.94 25.39 65.90
C GLU B 334 9.95 25.92 66.95
N ILE B 335 9.12 26.91 66.62
CA ILE B 335 8.06 27.35 67.55
C ILE B 335 7.12 26.20 67.89
N TYR B 336 6.64 25.43 66.91
CA TYR B 336 5.70 24.36 67.21
C TYR B 336 6.29 23.31 68.16
N VAL B 337 7.56 22.92 67.97
CA VAL B 337 8.27 21.98 68.87
C VAL B 337 8.29 22.48 70.33
N ASN B 338 8.28 23.79 70.55
CA ASN B 338 8.28 24.41 71.87
C ASN B 338 6.87 24.70 72.44
N SER B 339 5.85 24.71 71.58
CA SER B 339 4.47 25.08 71.91
C SER B 339 3.73 24.03 72.75
N SER B 340 2.77 24.45 73.56
CA SER B 340 1.97 23.57 74.44
C SER B 340 1.30 22.41 73.69
N PHE B 341 0.76 22.67 72.50
CA PHE B 341 0.08 21.67 71.68
C PHE B 341 1.00 20.51 71.24
N TYR B 342 2.31 20.73 71.12
CA TYR B 342 3.26 19.65 70.86
C TYR B 342 3.41 18.73 72.06
N LYS B 343 3.69 19.30 73.25
CA LYS B 343 3.92 18.53 74.48
C LYS B 343 2.72 17.67 74.85
N GLU B 344 1.52 18.23 74.71
CA GLU B 344 0.26 17.49 74.91
C GLU B 344 0.08 16.32 73.92
N THR B 345 0.46 16.52 72.65
CA THR B 345 0.42 15.46 71.63
C THR B 345 1.45 14.37 71.90
N LYS B 346 2.69 14.75 72.21
CA LYS B 346 3.80 13.85 72.51
C LYS B 346 3.50 12.94 73.69
N ALA B 347 2.80 13.43 74.72
CA ALA B 347 2.40 12.63 75.86
C ALA B 347 1.51 11.43 75.48
N GLU B 348 0.45 11.64 74.71
CA GLU B 348 -0.47 10.57 74.33
C GLU B 348 0.22 9.49 73.49
N LEU B 349 1.14 9.87 72.60
CA LEU B 349 1.90 8.92 71.77
C LEU B 349 2.90 8.06 72.57
N HIS B 350 3.09 8.33 73.86
CA HIS B 350 3.79 7.45 74.81
C HIS B 350 2.85 6.80 75.85
N GLN B 351 1.57 7.18 75.87
CA GLN B 351 0.54 6.44 76.61
C GLN B 351 0.00 5.28 75.77
N LEU B 352 -0.21 5.51 74.47
CA LEU B 352 -0.18 4.46 73.44
C LEU B 352 1.27 3.95 73.27
N SER B 353 1.45 2.84 72.56
CA SER B 353 2.79 2.27 72.28
C SER B 353 3.59 1.95 73.57
N GLY B 354 2.92 1.35 74.56
CA GLY B 354 3.51 0.95 75.84
C GLY B 354 2.57 0.07 76.68
N TYR B 369 -7.63 -13.93 48.55
CA TYR B 369 -8.66 -12.90 48.36
C TYR B 369 -9.99 -13.28 49.02
N THR B 370 -10.85 -12.29 49.24
CA THR B 370 -12.21 -12.45 49.84
C THR B 370 -13.11 -13.39 49.03
N THR B 371 -12.83 -13.53 47.73
CA THR B 371 -13.73 -14.06 46.70
C THR B 371 -12.94 -14.87 45.68
N SER B 372 -13.56 -15.81 44.98
CA SER B 372 -12.88 -16.62 43.96
C SER B 372 -12.57 -15.85 42.67
N PHE B 373 -11.64 -16.39 41.88
CA PHE B 373 -11.33 -15.93 40.52
C PHE B 373 -12.57 -15.89 39.60
N CYS B 374 -13.43 -16.92 39.64
CA CYS B 374 -14.55 -17.03 38.72
C CYS B 374 -15.60 -15.94 38.91
N HIS B 375 -15.94 -15.63 40.17
CA HIS B 375 -16.89 -14.58 40.51
C HIS B 375 -16.34 -13.20 40.13
N GLN B 376 -15.04 -12.98 40.29
CA GLN B 376 -14.39 -11.74 39.86
C GLN B 376 -14.40 -11.59 38.35
N LEU B 377 -14.05 -12.61 37.59
CA LEU B 377 -14.16 -12.60 36.13
C LEU B 377 -15.59 -12.32 35.67
N ARG B 378 -16.59 -12.97 36.27
CA ARG B 378 -18.02 -12.79 35.95
C ARG B 378 -18.48 -11.35 36.12
N TRP B 379 -18.20 -10.74 37.26
CA TRP B 379 -18.59 -9.35 37.51
C TRP B 379 -17.75 -8.34 36.77
N VAL B 380 -16.44 -8.53 36.61
CA VAL B 380 -15.61 -7.63 35.80
C VAL B 380 -16.10 -7.60 34.36
N SER B 381 -16.32 -8.77 33.75
CA SER B 381 -16.86 -8.90 32.42
C SER B 381 -18.21 -8.21 32.27
N LYS B 382 -19.13 -8.41 33.22
CA LYS B 382 -20.44 -7.76 33.27
C LYS B 382 -20.37 -6.24 33.27
N ARG B 383 -19.59 -5.61 34.17
CA ARG B 383 -19.39 -4.14 34.17
C ARG B 383 -18.85 -3.67 32.83
N SER B 384 -17.89 -4.40 32.29
CA SER B 384 -17.23 -4.07 31.03
C SER B 384 -18.19 -4.15 29.84
N PHE B 385 -19.14 -5.10 29.84
CA PHE B 385 -20.13 -5.25 28.78
C PHE B 385 -21.20 -4.15 28.81
N LYS B 386 -21.79 -3.87 29.98
CA LYS B 386 -22.67 -2.71 30.15
C LYS B 386 -22.00 -1.40 29.71
N ASN B 387 -20.70 -1.24 29.98
CA ASN B 387 -19.95 -0.08 29.50
C ASN B 387 -19.81 -0.04 27.98
N LEU B 388 -19.55 -1.17 27.31
CA LEU B 388 -19.50 -1.24 25.85
C LEU B 388 -20.86 -0.88 25.22
N LEU B 389 -21.96 -1.37 25.78
CA LEU B 389 -23.30 -1.05 25.30
C LEU B 389 -23.72 0.40 25.56
N GLY B 390 -23.14 1.03 26.58
CA GLY B 390 -23.39 2.42 26.94
C GLY B 390 -22.56 3.46 26.19
N ASN B 391 -21.96 3.13 25.04
CA ASN B 391 -21.12 4.03 24.26
C ASN B 391 -21.33 3.85 22.73
N PRO B 392 -21.55 4.92 21.92
CA PRO B 392 -21.70 4.81 20.47
C PRO B 392 -20.42 4.50 19.71
N GLN B 393 -19.31 5.18 20.04
CA GLN B 393 -18.07 5.14 19.25
C GLN B 393 -17.34 3.81 19.39
N ALA B 394 -17.35 3.21 20.58
CA ALA B 394 -16.73 1.92 20.85
C ALA B 394 -17.45 0.72 20.20
N SER B 395 -18.64 0.92 19.62
CA SER B 395 -19.47 -0.15 19.08
C SER B 395 -20.09 0.23 17.74
N ILE B 396 -21.20 0.96 17.73
CA ILE B 396 -21.98 1.25 16.52
C ILE B 396 -21.13 1.91 15.43
N ALA B 397 -20.31 2.90 15.77
CA ALA B 397 -19.54 3.63 14.77
C ALA B 397 -18.55 2.75 14.00
N GLN B 398 -17.84 1.84 14.67
CA GLN B 398 -16.92 0.91 14.00
C GLN B 398 -17.67 -0.10 13.12
N ILE B 399 -18.86 -0.53 13.51
CA ILE B 399 -19.70 -1.41 12.68
C ILE B 399 -20.16 -0.65 11.41
N ILE B 400 -20.66 0.57 11.54
CA ILE B 400 -21.07 1.40 10.40
C ILE B 400 -19.91 1.66 9.44
N VAL B 401 -18.74 2.06 9.94
CA VAL B 401 -17.55 2.25 9.10
C VAL B 401 -17.15 0.96 8.39
N THR B 402 -17.25 -0.18 9.06
CA THR B 402 -16.96 -1.48 8.44
C THR B 402 -17.92 -1.79 7.30
N VAL B 403 -19.22 -1.62 7.47
CA VAL B 403 -20.21 -1.89 6.43
C VAL B 403 -20.05 -0.97 5.24
N VAL B 404 -19.83 0.33 5.47
CA VAL B 404 -19.62 1.31 4.40
C VAL B 404 -18.36 0.99 3.61
N LEU B 405 -17.22 0.79 4.29
CA LEU B 405 -15.97 0.46 3.61
C LEU B 405 -16.07 -0.87 2.86
N GLY B 406 -16.78 -1.87 3.42
CA GLY B 406 -17.06 -3.14 2.76
C GLY B 406 -17.82 -2.98 1.45
N LEU B 407 -18.84 -2.12 1.41
CA LEU B 407 -19.58 -1.85 0.17
C LEU B 407 -18.80 -0.98 -0.81
N VAL B 408 -17.95 -0.05 -0.36
CA VAL B 408 -17.09 0.73 -1.26
C VAL B 408 -16.05 -0.15 -1.94
N ILE B 409 -15.36 -1.01 -1.19
CA ILE B 409 -14.46 -2.02 -1.77
C ILE B 409 -15.22 -2.97 -2.69
N GLY B 410 -16.42 -3.39 -2.29
CA GLY B 410 -17.26 -4.25 -3.11
C GLY B 410 -17.66 -3.65 -4.46
N ALA B 411 -17.78 -2.33 -4.56
CA ALA B 411 -18.10 -1.64 -5.81
C ALA B 411 -16.87 -1.43 -6.71
N ILE B 412 -15.73 -1.03 -6.14
CA ILE B 412 -14.50 -0.75 -6.89
C ILE B 412 -13.93 -2.03 -7.52
N TYR B 413 -13.92 -3.14 -6.79
CA TYR B 413 -13.41 -4.42 -7.26
C TYR B 413 -14.50 -5.35 -7.80
N PHE B 414 -15.67 -4.85 -8.19
CA PHE B 414 -16.78 -5.70 -8.58
C PHE B 414 -16.45 -6.63 -9.77
N GLY B 415 -16.70 -7.93 -9.61
CA GLY B 415 -16.57 -8.92 -10.68
C GLY B 415 -15.14 -9.11 -11.21
N LEU B 416 -14.24 -9.65 -10.40
CA LEU B 416 -12.85 -9.94 -10.77
C LEU B 416 -12.76 -10.81 -12.02
N LYS B 417 -11.79 -10.53 -12.90
CA LYS B 417 -11.58 -11.22 -14.17
C LYS B 417 -10.43 -12.23 -14.12
N ASN B 418 -10.38 -13.13 -15.09
CA ASN B 418 -9.27 -14.05 -15.32
C ASN B 418 -8.44 -13.59 -16.54
N ASP B 419 -7.93 -12.37 -16.47
CA ASP B 419 -7.12 -11.76 -17.54
C ASP B 419 -5.85 -11.10 -16.97
N SER B 420 -5.11 -10.39 -17.82
CA SER B 420 -3.85 -9.71 -17.47
C SER B 420 -3.94 -8.72 -16.30
N THR B 421 -5.12 -8.23 -15.94
CA THR B 421 -5.35 -7.35 -14.78
C THR B 421 -5.78 -8.10 -13.53
N GLY B 422 -6.16 -9.37 -13.65
CA GLY B 422 -6.74 -10.17 -12.58
C GLY B 422 -5.79 -10.47 -11.43
N ILE B 423 -4.49 -10.65 -11.69
CA ILE B 423 -3.49 -10.80 -10.64
C ILE B 423 -3.35 -9.51 -9.86
N GLN B 424 -3.14 -8.37 -10.52
CA GLN B 424 -3.03 -7.08 -9.87
C GLN B 424 -4.23 -6.78 -8.96
N ASN B 425 -5.46 -7.03 -9.44
CA ASN B 425 -6.66 -6.80 -8.64
C ASN B 425 -6.72 -7.72 -7.40
N ARG B 426 -6.45 -9.01 -7.53
CA ARG B 426 -6.49 -9.95 -6.40
C ARG B 426 -5.37 -9.69 -5.41
N ALA B 427 -4.17 -9.38 -5.86
CA ALA B 427 -3.09 -8.99 -4.97
C ALA B 427 -3.42 -7.71 -4.21
N GLY B 428 -3.90 -6.67 -4.91
CA GLY B 428 -4.19 -5.40 -4.28
C GLY B 428 -5.38 -5.42 -3.33
N VAL B 429 -6.48 -6.12 -3.63
CA VAL B 429 -7.62 -6.16 -2.72
C VAL B 429 -7.31 -6.95 -1.44
N LEU B 430 -6.61 -8.07 -1.52
CA LEU B 430 -6.23 -8.84 -0.34
C LEU B 430 -5.21 -8.06 0.51
N PHE B 431 -4.31 -7.28 -0.08
CA PHE B 431 -3.43 -6.39 0.66
C PHE B 431 -4.17 -5.24 1.35
N PHE B 432 -5.21 -4.68 0.74
CA PHE B 432 -6.04 -3.69 1.42
C PHE B 432 -6.74 -4.31 2.63
N LEU B 433 -7.34 -5.50 2.49
CA LEU B 433 -8.07 -6.14 3.57
C LEU B 433 -7.19 -6.43 4.80
N THR B 434 -5.97 -6.95 4.65
CA THR B 434 -5.13 -7.24 5.83
C THR B 434 -4.57 -5.99 6.48
N THR B 435 -4.10 -5.00 5.72
CA THR B 435 -3.55 -3.77 6.29
C THR B 435 -4.64 -2.93 6.94
N ASN B 436 -5.86 -2.93 6.42
CA ASN B 436 -6.99 -2.32 7.11
C ASN B 436 -7.32 -2.98 8.46
N GLN B 437 -7.21 -4.31 8.60
CA GLN B 437 -7.34 -4.96 9.92
C GLN B 437 -6.25 -4.52 10.90
N CYS B 438 -5.04 -4.24 10.45
CA CYS B 438 -3.97 -3.72 11.29
C CYS B 438 -4.25 -2.29 11.76
N PHE B 439 -4.46 -1.35 10.85
CA PHE B 439 -4.67 0.05 11.24
C PHE B 439 -5.99 0.29 11.99
N SER B 440 -7.07 -0.43 11.69
CA SER B 440 -8.29 -0.32 12.51
C SER B 440 -8.14 -0.92 13.90
N SER B 441 -7.23 -1.88 14.08
CA SER B 441 -6.87 -2.43 15.40
C SER B 441 -6.02 -1.51 16.27
N VAL B 442 -5.51 -0.37 15.78
CA VAL B 442 -4.77 0.61 16.61
C VAL B 442 -5.64 1.19 17.73
N SER B 443 -6.97 1.24 17.54
CA SER B 443 -7.92 1.67 18.59
C SER B 443 -7.87 0.83 19.88
N ALA B 444 -7.28 -0.38 19.87
CA ALA B 444 -7.10 -1.19 21.08
C ALA B 444 -6.13 -0.57 22.09
N VAL B 445 -5.29 0.40 21.71
CA VAL B 445 -4.45 1.16 22.65
C VAL B 445 -5.28 1.75 23.79
N GLU B 446 -6.51 2.17 23.50
CA GLU B 446 -7.40 2.84 24.43
C GLU B 446 -8.02 1.91 25.51
N LEU B 447 -7.84 0.57 25.42
CA LEU B 447 -8.53 -0.38 26.29
C LEU B 447 -8.16 -0.24 27.77
N PHE B 448 -6.88 -0.36 28.11
CA PHE B 448 -6.41 -0.25 29.49
C PHE B 448 -6.07 1.18 29.90
N VAL B 449 -5.66 2.04 28.95
CA VAL B 449 -5.18 3.39 29.25
C VAL B 449 -6.26 4.25 29.92
N VAL B 450 -7.49 4.22 29.41
CA VAL B 450 -8.61 5.00 29.94
C VAL B 450 -9.07 4.51 31.31
N GLU B 451 -8.93 3.22 31.60
CA GLU B 451 -9.27 2.60 32.89
C GLU B 451 -8.16 2.68 33.94
N LYS B 452 -6.96 3.19 33.63
CA LYS B 452 -5.78 3.03 34.50
C LYS B 452 -6.00 3.51 35.94
N LYS B 453 -6.58 4.68 36.16
CA LYS B 453 -6.79 5.18 37.54
C LYS B 453 -7.81 4.36 38.31
N LEU B 454 -8.89 3.94 37.66
CA LEU B 454 -9.88 3.03 38.23
C LEU B 454 -9.27 1.66 38.58
N PHE B 455 -8.49 1.07 37.67
CA PHE B 455 -7.82 -0.20 37.93
C PHE B 455 -6.90 -0.14 39.15
N ILE B 456 -6.00 0.85 39.22
CA ILE B 456 -5.07 0.97 40.33
C ILE B 456 -5.82 1.16 41.66
N HIS B 457 -6.84 2.01 41.72
CA HIS B 457 -7.65 2.19 42.94
C HIS B 457 -8.35 0.90 43.38
N GLU B 458 -9.03 0.21 42.46
CA GLU B 458 -9.74 -1.03 42.77
C GLU B 458 -8.80 -2.19 43.10
N TYR B 459 -7.66 -2.29 42.43
CA TYR B 459 -6.65 -3.28 42.75
C TYR B 459 -6.06 -3.08 44.15
N ILE B 460 -5.64 -1.86 44.50
CA ILE B 460 -5.14 -1.55 45.85
C ILE B 460 -6.22 -1.83 46.90
N SER B 461 -7.47 -1.51 46.60
CA SER B 461 -8.63 -1.75 47.47
C SER B 461 -9.07 -3.23 47.54
N GLY B 462 -8.43 -4.15 46.81
CA GLY B 462 -8.68 -5.58 46.91
C GLY B 462 -9.96 -6.06 46.21
N TYR B 463 -10.46 -5.37 45.18
CA TYR B 463 -11.66 -5.80 44.46
C TYR B 463 -11.46 -7.14 43.74
N TYR B 464 -10.28 -7.37 43.17
CA TYR B 464 -10.00 -8.49 42.29
C TYR B 464 -8.50 -8.77 42.18
N ARG B 465 -8.16 -9.95 41.65
CA ARG B 465 -6.81 -10.32 41.19
C ARG B 465 -6.49 -9.63 39.87
N VAL B 466 -5.21 -9.41 39.53
CA VAL B 466 -4.83 -8.91 38.20
C VAL B 466 -5.20 -9.91 37.09
N SER B 467 -5.12 -11.22 37.37
CA SER B 467 -5.51 -12.27 36.45
C SER B 467 -6.99 -12.21 36.04
N SER B 468 -7.90 -12.15 37.01
CA SER B 468 -9.34 -12.09 36.74
C SER B 468 -9.76 -10.76 36.12
N TYR B 469 -9.10 -9.65 36.47
CA TYR B 469 -9.31 -8.38 35.81
C TYR B 469 -8.90 -8.40 34.33
N PHE B 470 -7.67 -8.82 34.04
CA PHE B 470 -7.12 -8.85 32.69
C PHE B 470 -7.91 -9.79 31.78
N LEU B 471 -8.24 -11.00 32.25
CA LEU B 471 -9.07 -11.93 31.48
C LEU B 471 -10.51 -11.44 31.33
N GLY B 472 -11.13 -10.94 32.39
CA GLY B 472 -12.50 -10.42 32.34
C GLY B 472 -12.68 -9.23 31.42
N LYS B 473 -11.65 -8.41 31.22
CA LYS B 473 -11.64 -7.31 30.24
C LYS B 473 -11.31 -7.76 28.80
N LEU B 474 -10.41 -8.72 28.56
CA LEU B 474 -10.25 -9.32 27.21
C LEU B 474 -11.53 -9.99 26.73
N LEU B 475 -12.13 -10.82 27.59
CA LEU B 475 -13.31 -11.60 27.29
C LEU B 475 -14.52 -10.71 26.98
N SER B 476 -14.64 -9.57 27.64
CA SER B 476 -15.79 -8.69 27.48
C SER B 476 -15.65 -7.66 26.36
N ASP B 477 -14.54 -6.92 26.28
CA ASP B 477 -14.39 -5.82 25.32
C ASP B 477 -13.74 -6.26 24.01
N LEU B 478 -12.58 -6.90 24.10
CA LEU B 478 -11.73 -7.15 22.93
C LEU B 478 -12.28 -8.26 22.04
N LEU B 479 -12.82 -9.32 22.62
CA LEU B 479 -13.27 -10.49 21.87
C LEU B 479 -14.38 -10.18 20.85
N PRO B 480 -15.55 -9.63 21.21
CA PRO B 480 -16.63 -9.41 20.24
C PRO B 480 -16.30 -8.33 19.19
N MET B 481 -15.65 -7.24 19.58
CA MET B 481 -15.30 -6.13 18.67
C MET B 481 -14.18 -6.44 17.66
N ARG B 482 -13.65 -7.67 17.65
CA ARG B 482 -12.71 -8.16 16.61
C ARG B 482 -13.26 -9.34 15.81
N MET B 483 -14.23 -10.10 16.34
CA MET B 483 -15.00 -11.03 15.52
C MET B 483 -15.87 -10.30 14.50
N LEU B 484 -16.70 -9.36 14.95
CA LEU B 484 -17.76 -8.78 14.12
C LEU B 484 -17.24 -8.15 12.81
N PRO B 485 -16.27 -7.23 12.80
CA PRO B 485 -15.87 -6.60 11.56
C PRO B 485 -15.22 -7.57 10.56
N SER B 486 -14.60 -8.64 11.03
CA SER B 486 -14.01 -9.70 10.20
C SER B 486 -15.07 -10.53 9.48
N ILE B 487 -16.17 -10.85 10.16
CA ILE B 487 -17.30 -11.58 9.59
C ILE B 487 -18.03 -10.70 8.57
N ILE B 488 -18.30 -9.44 8.91
CA ILE B 488 -18.99 -8.47 8.06
C ILE B 488 -18.21 -8.23 6.77
N PHE B 489 -16.91 -7.94 6.83
CA PHE B 489 -16.11 -7.73 5.61
C PHE B 489 -16.19 -8.94 4.69
N THR B 490 -16.03 -10.15 5.23
CA THR B 490 -16.07 -11.35 4.41
C THR B 490 -17.45 -11.54 3.78
N CYS B 491 -18.55 -11.43 4.51
CA CYS B 491 -19.87 -11.61 3.91
C CYS B 491 -20.18 -10.59 2.81
N ILE B 492 -19.78 -9.32 2.96
CA ILE B 492 -20.02 -8.30 1.95
C ILE B 492 -19.12 -8.51 0.73
N VAL B 493 -17.79 -8.49 0.88
CA VAL B 493 -16.92 -8.45 -0.29
C VAL B 493 -16.93 -9.73 -1.10
N TYR B 494 -17.07 -10.89 -0.46
CA TYR B 494 -16.61 -12.14 -1.09
C TYR B 494 -17.31 -12.45 -2.42
N PHE B 495 -18.63 -12.36 -2.44
CA PHE B 495 -19.47 -12.64 -3.60
C PHE B 495 -19.68 -11.43 -4.52
N MET B 496 -19.33 -10.21 -4.10
CA MET B 496 -19.24 -9.07 -5.01
C MET B 496 -18.00 -9.18 -5.89
N LEU B 497 -16.85 -9.49 -5.31
CA LEU B 497 -15.58 -9.71 -6.01
C LEU B 497 -15.63 -10.99 -6.84
N GLY B 498 -16.25 -12.05 -6.32
CA GLY B 498 -16.22 -13.37 -6.95
C GLY B 498 -14.92 -14.11 -6.65
N LEU B 499 -14.43 -14.03 -5.40
CA LEU B 499 -13.35 -14.87 -4.90
C LEU B 499 -13.78 -16.35 -4.91
N LYS B 500 -12.85 -17.30 -4.76
CA LYS B 500 -13.08 -18.73 -5.02
C LYS B 500 -14.39 -19.28 -4.42
N PRO B 501 -15.34 -19.82 -5.22
CA PRO B 501 -16.72 -20.08 -4.79
C PRO B 501 -16.90 -21.37 -3.95
N LYS B 502 -15.98 -21.66 -3.04
CA LYS B 502 -15.89 -22.89 -2.22
C LYS B 502 -16.12 -22.57 -0.75
N ALA B 503 -16.86 -23.42 -0.04
CA ALA B 503 -17.23 -23.17 1.36
C ALA B 503 -16.02 -23.03 2.28
N ASP B 504 -15.06 -23.94 2.20
CA ASP B 504 -13.86 -23.88 3.03
C ASP B 504 -12.97 -22.68 2.69
N ALA B 505 -12.88 -22.26 1.43
CA ALA B 505 -12.15 -21.05 1.05
C ALA B 505 -12.74 -19.78 1.69
N PHE B 506 -14.06 -19.67 1.77
CA PHE B 506 -14.76 -18.58 2.43
C PHE B 506 -14.49 -18.55 3.93
N PHE B 507 -14.56 -19.69 4.60
CA PHE B 507 -14.25 -19.77 6.03
C PHE B 507 -12.77 -19.61 6.35
N VAL B 508 -11.86 -20.04 5.49
CA VAL B 508 -10.43 -19.77 5.66
C VAL B 508 -10.11 -18.29 5.50
N MET B 509 -10.75 -17.56 4.59
CA MET B 509 -10.62 -16.11 4.56
C MET B 509 -11.14 -15.48 5.86
N MET B 510 -12.35 -15.86 6.30
CA MET B 510 -12.94 -15.31 7.52
C MET B 510 -12.08 -15.55 8.75
N PHE B 511 -11.54 -16.77 8.92
CA PHE B 511 -10.62 -17.10 10.00
C PHE B 511 -9.28 -16.36 9.89
N THR B 512 -8.76 -16.15 8.69
CA THR B 512 -7.48 -15.44 8.49
C THR B 512 -7.61 -13.95 8.78
N LEU B 513 -8.69 -13.30 8.35
CA LEU B 513 -9.00 -11.91 8.69
C LEU B 513 -9.19 -11.73 10.19
N MET B 514 -9.67 -12.74 10.90
CA MET B 514 -9.91 -12.66 12.33
C MET B 514 -8.63 -12.86 13.16
N MET B 515 -7.76 -13.78 12.76
CA MET B 515 -6.46 -13.98 13.38
C MET B 515 -5.54 -12.76 13.24
N VAL B 516 -5.51 -12.10 12.08
CA VAL B 516 -4.71 -10.89 11.91
C VAL B 516 -5.26 -9.71 12.74
N ALA B 517 -6.56 -9.61 12.99
CA ALA B 517 -7.13 -8.63 13.92
C ALA B 517 -6.77 -8.89 15.38
N TYR B 518 -6.86 -10.12 15.88
CA TYR B 518 -6.45 -10.42 17.26
C TYR B 518 -4.96 -10.25 17.47
N SER B 519 -4.14 -10.61 16.50
CA SER B 519 -2.69 -10.45 16.57
C SER B 519 -2.28 -8.97 16.62
N ALA B 520 -2.78 -8.15 15.70
CA ALA B 520 -2.56 -6.71 15.73
C ALA B 520 -3.08 -6.06 17.01
N SER B 521 -4.25 -6.46 17.50
CA SER B 521 -4.81 -5.94 18.75
C SER B 521 -3.98 -6.33 19.97
N SER B 522 -3.44 -7.55 20.01
CA SER B 522 -2.59 -7.99 21.12
C SER B 522 -1.29 -7.20 21.17
N MET B 523 -0.71 -6.88 20.01
CA MET B 523 0.47 -6.02 19.93
C MET B 523 0.17 -4.61 20.47
N ALA B 524 -1.01 -4.05 20.17
CA ALA B 524 -1.45 -2.80 20.75
C ALA B 524 -1.51 -2.86 22.28
N LEU B 525 -2.12 -3.89 22.87
CA LEU B 525 -2.18 -4.02 24.33
C LEU B 525 -0.79 -4.20 24.96
N ALA B 526 0.15 -4.87 24.31
CA ALA B 526 1.52 -4.97 24.80
C ALA B 526 2.24 -3.62 24.81
N ILE B 527 2.05 -2.78 23.80
CA ILE B 527 2.61 -1.42 23.75
C ILE B 527 1.92 -0.50 24.75
N ALA B 528 0.60 -0.57 24.86
CA ALA B 528 -0.18 0.38 25.66
C ALA B 528 -0.23 0.07 27.17
N ALA B 529 -0.28 -1.18 27.60
CA ALA B 529 -0.55 -1.53 28.99
C ALA B 529 0.44 -0.88 29.96
N GLY B 530 -0.09 -0.22 31.00
CA GLY B 530 0.67 0.51 32.00
C GLY B 530 1.01 1.96 31.64
N GLN B 531 0.93 2.38 30.38
CA GLN B 531 1.10 3.78 29.99
C GLN B 531 -0.11 4.64 30.36
N SER B 532 0.09 5.95 30.52
CA SER B 532 -0.95 6.89 30.97
C SER B 532 -1.57 7.75 29.87
N VAL B 533 -1.02 7.76 28.66
CA VAL B 533 -1.47 8.60 27.55
C VAL B 533 -1.54 7.83 26.23
N VAL B 534 -2.59 8.10 25.44
CA VAL B 534 -2.88 7.37 24.19
C VAL B 534 -1.90 7.73 23.07
N SER B 535 -1.40 8.97 23.04
CA SER B 535 -0.72 9.55 21.87
C SER B 535 0.62 8.91 21.54
N VAL B 536 1.47 8.65 22.54
CA VAL B 536 2.80 8.05 22.33
C VAL B 536 2.66 6.60 21.90
N ALA B 537 1.78 5.83 22.53
CA ALA B 537 1.49 4.47 22.12
C ALA B 537 0.92 4.42 20.70
N THR B 538 0.00 5.30 20.34
CA THR B 538 -0.59 5.38 19.00
C THR B 538 0.47 5.66 17.94
N LEU B 539 1.40 6.57 18.19
CA LEU B 539 2.49 6.82 17.26
C LEU B 539 3.40 5.60 17.13
N LEU B 540 3.87 5.01 18.23
CA LEU B 540 4.72 3.83 18.19
C LEU B 540 4.06 2.65 17.45
N MET B 541 2.76 2.41 17.67
CA MET B 541 1.98 1.43 16.91
C MET B 541 2.00 1.71 15.42
N THR B 542 1.74 2.97 15.03
CA THR B 542 1.69 3.37 13.63
C THR B 542 3.04 3.21 12.95
N ILE B 543 4.13 3.60 13.62
CA ILE B 543 5.50 3.42 13.13
C ILE B 543 5.82 1.94 12.96
N CYS B 544 5.42 1.06 13.87
CA CYS B 544 5.63 -0.38 13.70
C CYS B 544 4.91 -0.91 12.46
N PHE B 545 3.64 -0.60 12.26
CA PHE B 545 2.91 -1.11 11.10
C PHE B 545 3.45 -0.61 9.77
N VAL B 546 3.96 0.61 9.61
CA VAL B 546 4.53 0.99 8.31
C VAL B 546 5.81 0.22 7.98
N PHE B 547 6.66 -0.10 8.96
CA PHE B 547 7.80 -0.98 8.71
C PHE B 547 7.37 -2.43 8.47
N MET B 548 6.40 -2.96 9.20
CA MET B 548 5.89 -4.31 8.94
C MET B 548 5.27 -4.44 7.55
N MET B 549 4.64 -3.38 7.08
CA MET B 549 3.91 -3.35 5.81
C MET B 549 4.85 -3.24 4.59
N ILE B 550 6.07 -2.73 4.75
CA ILE B 550 7.12 -2.87 3.71
C ILE B 550 7.45 -4.34 3.51
N PHE B 551 7.71 -5.10 4.58
CA PHE B 551 7.97 -6.54 4.54
C PHE B 551 6.73 -7.42 4.31
N SER B 552 5.60 -6.88 3.87
CA SER B 552 4.38 -7.64 3.61
C SER B 552 4.46 -8.57 2.39
N GLY B 553 5.28 -8.22 1.38
CA GLY B 553 5.43 -8.98 0.15
C GLY B 553 4.70 -8.42 -1.07
N LEU B 554 3.94 -7.33 -0.98
CA LEU B 554 3.44 -6.62 -2.17
C LEU B 554 4.45 -5.61 -2.72
N LEU B 555 4.93 -4.70 -1.86
CA LEU B 555 5.75 -3.55 -2.29
C LEU B 555 7.18 -3.91 -2.68
N VAL B 556 7.76 -4.91 -2.03
CA VAL B 556 9.07 -5.48 -2.38
C VAL B 556 8.91 -6.98 -2.47
N ASN B 557 9.51 -7.58 -3.48
CA ASN B 557 9.55 -9.04 -3.63
C ASN B 557 10.51 -9.61 -2.59
N LEU B 558 10.02 -10.37 -1.61
CA LEU B 558 10.81 -10.83 -0.48
C LEU B 558 11.98 -11.74 -0.88
N THR B 559 11.92 -12.41 -2.03
CA THR B 559 13.01 -13.27 -2.50
C THR B 559 14.26 -12.51 -2.93
N THR B 560 14.16 -11.19 -3.10
CA THR B 560 15.25 -10.32 -3.61
C THR B 560 16.04 -9.60 -2.52
N ILE B 561 15.53 -9.53 -1.30
CA ILE B 561 16.11 -8.75 -0.21
C ILE B 561 17.44 -9.37 0.24
N ALA B 562 18.44 -8.54 0.56
CA ALA B 562 19.74 -8.99 1.02
C ALA B 562 19.63 -9.80 2.33
N SER B 563 20.45 -10.84 2.48
CA SER B 563 20.29 -11.83 3.55
C SER B 563 20.35 -11.22 4.97
N TRP B 564 21.13 -10.15 5.14
CA TRP B 564 21.28 -9.46 6.41
C TRP B 564 20.09 -8.57 6.82
N LEU B 565 19.14 -8.23 5.93
CA LEU B 565 17.82 -7.70 6.30
C LEU B 565 16.74 -8.78 6.30
N SER B 566 16.87 -9.84 5.48
CA SER B 566 15.76 -10.73 5.12
C SER B 566 15.01 -11.34 6.29
N TRP B 567 15.70 -11.63 7.39
CA TRP B 567 15.10 -12.19 8.61
C TRP B 567 14.12 -11.22 9.30
N LEU B 568 14.10 -9.94 8.96
CA LEU B 568 13.10 -9.00 9.46
C LEU B 568 11.68 -9.34 9.01
N GLN B 569 11.50 -10.11 7.94
CA GLN B 569 10.17 -10.48 7.47
C GLN B 569 9.39 -11.34 8.46
N TYR B 570 10.06 -12.13 9.30
CA TYR B 570 9.42 -13.01 10.27
C TYR B 570 8.72 -12.26 11.41
N PHE B 571 9.07 -10.99 11.64
CA PHE B 571 8.47 -10.15 12.65
C PHE B 571 7.18 -9.44 12.22
N SER B 572 6.67 -9.66 11.01
CA SER B 572 5.57 -8.84 10.47
C SER B 572 4.21 -9.54 10.50
N ILE B 573 3.23 -8.90 11.15
CA ILE B 573 1.86 -9.38 11.27
C ILE B 573 1.10 -9.34 9.93
N PRO B 574 1.17 -8.26 9.12
CA PRO B 574 0.48 -8.20 7.83
C PRO B 574 0.92 -9.28 6.84
N ARG B 575 2.17 -9.74 6.89
CA ARG B 575 2.72 -10.75 5.98
C ARG B 575 2.10 -12.13 6.17
N TYR B 576 1.89 -12.58 7.39
CA TYR B 576 1.26 -13.88 7.63
C TYR B 576 -0.20 -13.88 7.19
N GLY B 577 -0.94 -12.80 7.46
CA GLY B 577 -2.29 -12.64 6.93
C GLY B 577 -2.31 -12.63 5.40
N PHE B 578 -1.51 -11.78 4.77
CA PHE B 578 -1.51 -11.65 3.31
C PHE B 578 -1.05 -12.92 2.60
N THR B 579 -0.06 -13.63 3.14
CA THR B 579 0.39 -14.92 2.57
C THR B 579 -0.70 -15.97 2.63
N ALA B 580 -1.39 -16.11 3.77
CA ALA B 580 -2.50 -17.05 3.88
C ALA B 580 -3.66 -16.70 2.92
N LEU B 581 -4.04 -15.42 2.78
CA LEU B 581 -5.05 -15.04 1.81
C LEU B 581 -4.63 -15.27 0.35
N GLN B 582 -3.40 -14.95 -0.04
CA GLN B 582 -2.93 -15.21 -1.40
C GLN B 582 -2.89 -16.70 -1.72
N HIS B 583 -2.45 -17.54 -0.80
CA HIS B 583 -2.43 -18.99 -0.98
C HIS B 583 -3.85 -19.51 -1.30
N ASN B 584 -4.81 -19.06 -0.49
CA ASN B 584 -6.21 -19.45 -0.57
C ASN B 584 -6.90 -18.97 -1.86
N GLU B 585 -6.65 -17.75 -2.33
CA GLU B 585 -7.20 -17.27 -3.60
C GLU B 585 -6.52 -17.91 -4.82
N PHE B 586 -5.20 -17.81 -4.93
CA PHE B 586 -4.55 -18.02 -6.22
C PHE B 586 -4.44 -19.48 -6.65
N LEU B 587 -4.45 -20.47 -5.76
CA LEU B 587 -4.27 -21.87 -6.17
C LEU B 587 -5.35 -22.32 -7.16
N GLY B 588 -4.93 -22.78 -8.33
CA GLY B 588 -5.82 -23.27 -9.40
C GLY B 588 -6.48 -22.19 -10.27
N GLN B 589 -6.09 -20.91 -10.14
CA GLN B 589 -6.53 -19.87 -11.07
C GLN B 589 -5.69 -19.87 -12.37
N ASN B 590 -6.27 -19.42 -13.49
CA ASN B 590 -5.58 -19.14 -14.75
C ASN B 590 -5.80 -17.67 -15.15
N PHE B 591 -4.79 -17.02 -15.75
CA PHE B 591 -4.81 -15.58 -16.05
C PHE B 591 -4.43 -15.22 -17.50
N CYS B 592 -4.17 -16.21 -18.36
CA CYS B 592 -3.89 -16.00 -19.78
C CYS B 592 -5.04 -16.57 -20.62
N PRO B 593 -6.05 -15.77 -20.99
CA PRO B 593 -7.19 -16.28 -21.74
C PRO B 593 -6.75 -16.81 -23.09
N GLY B 594 -7.33 -17.93 -23.52
CA GLY B 594 -7.01 -18.60 -24.77
C GLY B 594 -5.68 -19.34 -24.80
N LEU B 595 -4.93 -19.41 -23.70
CA LEU B 595 -3.68 -20.16 -23.63
C LEU B 595 -3.87 -21.34 -22.67
N ASN B 596 -4.00 -22.66 -22.43
CA ASN B 596 -3.79 -23.63 -21.33
C ASN B 596 -2.32 -23.62 -20.99
N ALA B 597 -1.94 -23.62 -19.71
CA ALA B 597 -0.55 -23.55 -19.26
C ALA B 597 -0.27 -24.45 -18.03
N THR B 598 -1.05 -25.53 -17.84
CA THR B 598 -0.90 -26.43 -16.69
C THR B 598 0.29 -27.40 -16.82
N GLY B 599 0.59 -27.91 -18.02
CA GLY B 599 1.69 -28.85 -18.26
C GLY B 599 2.99 -28.22 -18.78
N ASN B 600 2.89 -27.05 -19.41
CA ASN B 600 4.02 -26.28 -19.97
C ASN B 600 3.61 -24.81 -20.12
N ASN B 601 4.56 -23.89 -20.25
CA ASN B 601 4.32 -22.53 -20.72
C ASN B 601 5.07 -22.28 -22.06
N PRO B 602 4.40 -21.97 -23.18
CA PRO B 602 5.04 -21.86 -24.51
C PRO B 602 6.17 -20.83 -24.60
N CYS B 603 6.03 -19.73 -23.88
CA CYS B 603 7.11 -18.78 -23.62
C CYS B 603 7.16 -18.48 -22.12
N ASN B 604 8.34 -18.51 -21.51
CA ASN B 604 8.49 -18.08 -20.11
C ASN B 604 8.30 -16.55 -19.97
N TYR B 605 8.38 -16.03 -18.75
CA TYR B 605 7.98 -14.65 -18.36
C TYR B 605 6.46 -14.37 -18.36
N ALA B 606 5.62 -15.17 -19.03
CA ALA B 606 4.19 -14.88 -19.20
C ALA B 606 3.34 -14.83 -17.92
N THR B 607 3.64 -15.63 -16.89
CA THR B 607 2.90 -15.67 -15.59
C THR B 607 1.40 -15.91 -15.73
N CYS B 608 1.01 -17.12 -16.13
CA CYS B 608 -0.34 -17.49 -16.55
C CYS B 608 -1.18 -18.28 -15.54
N THR B 609 -0.65 -18.66 -14.39
CA THR B 609 -1.42 -19.37 -13.37
C THR B 609 -1.03 -18.97 -11.95
N GLY B 610 -1.94 -19.11 -11.00
CA GLY B 610 -1.74 -18.62 -9.64
C GLY B 610 -0.60 -19.32 -8.90
N GLU B 611 -0.27 -20.57 -9.21
CA GLU B 611 0.93 -21.24 -8.73
C GLU B 611 2.23 -20.55 -9.19
N GLU B 612 2.31 -20.12 -10.45
CA GLU B 612 3.47 -19.35 -10.93
C GLU B 612 3.58 -18.03 -10.18
N TYR B 613 2.47 -17.36 -9.91
CA TYR B 613 2.48 -16.15 -9.10
C TYR B 613 2.94 -16.44 -7.67
N LEU B 614 2.37 -17.43 -6.97
CA LEU B 614 2.74 -17.82 -5.60
C LEU B 614 4.24 -18.15 -5.47
N VAL B 615 4.80 -19.01 -6.31
CA VAL B 615 6.23 -19.36 -6.22
C VAL B 615 7.13 -18.17 -6.54
N LYS B 616 6.70 -17.24 -7.39
CA LYS B 616 7.43 -16.02 -7.70
C LYS B 616 7.41 -15.00 -6.56
N GLN B 617 6.45 -15.10 -5.65
CA GLN B 617 6.44 -14.38 -4.37
C GLN B 617 7.19 -15.13 -3.25
N GLY B 618 7.73 -16.32 -3.50
CA GLY B 618 8.41 -17.14 -2.50
C GLY B 618 7.48 -17.92 -1.57
N ILE B 619 6.21 -18.08 -1.93
CA ILE B 619 5.20 -18.80 -1.15
C ILE B 619 5.28 -20.30 -1.40
N ASP B 620 5.00 -21.11 -0.38
CA ASP B 620 5.04 -22.58 -0.44
C ASP B 620 3.70 -23.16 -0.94
N LEU B 621 3.69 -24.03 -1.95
CA LEU B 621 2.47 -24.57 -2.55
C LEU B 621 1.81 -25.72 -1.78
N SER B 622 2.45 -26.25 -0.74
CA SER B 622 1.89 -27.31 0.11
C SER B 622 0.78 -26.78 1.04
N PRO B 623 -0.10 -27.64 1.60
CA PRO B 623 -1.01 -27.24 2.67
C PRO B 623 -0.32 -26.68 3.92
N TRP B 624 0.88 -27.13 4.31
CA TRP B 624 1.63 -26.47 5.37
C TRP B 624 2.03 -25.03 5.02
N GLY B 625 2.22 -24.69 3.74
CA GLY B 625 2.41 -23.32 3.29
C GLY B 625 1.24 -22.37 3.56
N LEU B 626 0.02 -22.89 3.70
CA LEU B 626 -1.14 -22.14 4.15
C LEU B 626 -1.13 -22.02 5.68
N TRP B 627 -1.03 -23.14 6.39
CA TRP B 627 -1.28 -23.19 7.83
C TRP B 627 -0.16 -22.66 8.71
N LYS B 628 1.09 -22.71 8.25
CA LYS B 628 2.25 -22.11 8.91
C LYS B 628 1.99 -20.66 9.34
N ASN B 629 1.23 -19.92 8.56
CA ASN B 629 0.88 -18.53 8.85
C ASN B 629 -0.05 -18.39 10.06
N HIS B 630 -0.97 -19.33 10.28
CA HIS B 630 -1.90 -19.28 11.42
C HIS B 630 -1.22 -19.70 12.71
N VAL B 631 -0.31 -20.68 12.71
CA VAL B 631 0.47 -20.98 13.93
C VAL B 631 1.35 -19.80 14.32
N ALA B 632 1.94 -19.09 13.36
CA ALA B 632 2.69 -17.87 13.62
C ALA B 632 1.82 -16.76 14.25
N LEU B 633 0.62 -16.51 13.75
CA LEU B 633 -0.29 -15.53 14.36
C LEU B 633 -0.72 -15.94 15.77
N ALA B 634 -0.99 -17.21 16.04
CA ALA B 634 -1.32 -17.71 17.38
C ALA B 634 -0.17 -17.52 18.38
N CYS B 635 1.08 -17.66 17.95
CA CYS B 635 2.24 -17.40 18.80
C CYS B 635 2.39 -15.93 19.14
N MET B 636 2.22 -15.04 18.16
CA MET B 636 2.27 -13.61 18.39
C MET B 636 1.16 -13.17 19.35
N ILE B 637 -0.05 -13.74 19.24
CA ILE B 637 -1.12 -13.50 20.23
C ILE B 637 -0.66 -13.90 21.63
N VAL B 638 -0.17 -15.12 21.83
CA VAL B 638 0.22 -15.62 23.17
C VAL B 638 1.38 -14.83 23.79
N ILE B 639 2.39 -14.46 23.00
CA ILE B 639 3.51 -13.65 23.47
C ILE B 639 3.06 -12.24 23.86
N PHE B 640 2.33 -11.54 23.00
CA PHE B 640 1.91 -10.18 23.30
C PHE B 640 0.90 -10.10 24.45
N LEU B 641 -0.06 -11.02 24.56
CA LEU B 641 -0.96 -11.05 25.71
C LEU B 641 -0.24 -11.40 27.02
N THR B 642 0.87 -12.13 26.98
CA THR B 642 1.71 -12.32 28.17
C THR B 642 2.46 -11.04 28.53
N ILE B 643 3.04 -10.34 27.57
CA ILE B 643 3.71 -9.06 27.83
C ILE B 643 2.73 -8.03 28.38
N ALA B 644 1.50 -7.97 27.87
CA ALA B 644 0.45 -7.11 28.41
C ALA B 644 0.07 -7.49 29.86
N TYR B 645 -0.03 -8.78 30.17
CA TYR B 645 -0.27 -9.21 31.54
C TYR B 645 0.90 -8.87 32.48
N LEU B 646 2.15 -9.19 32.12
CA LEU B 646 3.32 -8.90 32.95
C LEU B 646 3.54 -7.39 33.14
N LYS B 647 3.17 -6.55 32.17
CA LYS B 647 3.12 -5.10 32.35
C LYS B 647 2.13 -4.65 33.42
N LEU B 648 0.94 -5.23 33.53
CA LEU B 648 0.02 -4.95 34.65
C LEU B 648 0.45 -5.59 35.98
N LEU B 649 1.13 -6.73 35.95
CA LEU B 649 1.64 -7.38 37.15
C LEU B 649 2.77 -6.58 37.83
N PHE B 650 3.67 -5.97 37.05
CA PHE B 650 4.83 -5.22 37.55
C PHE B 650 4.73 -3.70 37.39
N LEU B 651 3.55 -3.17 37.10
CA LEU B 651 3.23 -1.75 37.20
C LEU B 651 3.35 -1.25 38.64
N LYS B 652 3.81 -0.01 38.87
CA LYS B 652 3.84 0.60 40.21
C LYS B 652 2.48 1.18 40.60
N LYS B 653 1.84 0.56 41.60
CA LYS B 653 0.50 0.92 42.08
C LYS B 653 0.51 2.13 43.01
N TYR B 654 1.48 2.22 43.91
CA TYR B 654 1.58 3.31 44.88
C TYR B 654 1.86 4.67 44.23
N ASP C 1 19.87 -20.55 -3.26
CA ASP C 1 19.71 -21.05 -4.65
C ASP C 1 19.00 -22.40 -4.66
N ILE C 2 18.74 -22.96 -5.85
CA ILE C 2 18.07 -24.25 -6.02
C ILE C 2 19.11 -25.30 -6.42
N VAL C 3 19.12 -26.44 -5.74
CA VAL C 3 20.00 -27.57 -6.04
C VAL C 3 19.21 -28.69 -6.68
N LEU C 4 19.75 -29.27 -7.76
CA LEU C 4 19.18 -30.42 -8.44
C LEU C 4 19.96 -31.67 -8.04
N THR C 5 19.25 -32.74 -7.70
CA THR C 5 19.83 -34.07 -7.47
C THR C 5 19.42 -35.00 -8.60
N GLN C 6 20.39 -35.66 -9.23
CA GLN C 6 20.11 -36.87 -10.00
C GLN C 6 20.56 -38.05 -9.13
N SER C 7 19.65 -38.97 -8.82
CA SER C 7 19.87 -39.93 -7.73
C SER C 7 20.97 -40.97 -8.02
N PRO C 8 20.96 -41.70 -9.15
CA PRO C 8 22.10 -42.51 -9.55
C PRO C 8 23.17 -41.68 -10.25
N SER C 9 24.44 -41.85 -9.89
CA SER C 9 25.58 -41.27 -10.63
C SER C 9 25.84 -42.00 -11.95
N SER C 10 25.59 -43.31 -12.00
CA SER C 10 25.71 -44.14 -13.19
C SER C 10 24.71 -45.31 -13.18
N PHE C 11 24.33 -45.78 -14.37
CA PHE C 11 23.46 -46.94 -14.59
C PHE C 11 24.25 -48.19 -15.02
N SER C 12 23.53 -49.27 -15.33
CA SER C 12 23.99 -50.36 -16.18
C SER C 12 22.77 -51.03 -16.83
N VAL C 13 22.61 -50.81 -18.14
CA VAL C 13 21.46 -51.29 -18.93
C VAL C 13 21.91 -51.95 -20.23
N SER C 14 21.18 -52.97 -20.68
CA SER C 14 21.37 -53.62 -21.99
C SER C 14 20.85 -52.77 -23.14
N LEU C 15 21.45 -52.91 -24.33
CA LEU C 15 20.95 -52.31 -25.57
C LEU C 15 19.50 -52.75 -25.89
N GLY C 16 18.66 -51.84 -26.35
CA GLY C 16 17.25 -52.10 -26.71
C GLY C 16 16.27 -52.04 -25.55
N ASP C 17 16.72 -51.95 -24.30
CA ASP C 17 15.87 -51.87 -23.11
C ASP C 17 15.25 -50.47 -22.90
N ARG C 18 14.36 -50.33 -21.91
CA ARG C 18 13.85 -49.07 -21.38
C ARG C 18 14.75 -48.54 -20.25
N VAL C 19 14.84 -47.22 -20.09
CA VAL C 19 15.59 -46.56 -19.00
C VAL C 19 14.90 -45.28 -18.56
N THR C 20 15.09 -44.85 -17.30
CA THR C 20 14.39 -43.71 -16.71
C THR C 20 15.25 -43.00 -15.68
N ILE C 21 15.51 -41.71 -15.93
CA ILE C 21 16.45 -40.87 -15.18
C ILE C 21 15.67 -39.87 -14.33
N SER C 22 15.94 -39.78 -13.03
CA SER C 22 15.17 -38.95 -12.10
C SER C 22 15.96 -37.72 -11.66
N CYS C 23 15.35 -36.54 -11.71
CA CYS C 23 15.89 -35.27 -11.25
C CYS C 23 14.97 -34.66 -10.18
N LYS C 24 15.49 -34.42 -8.98
CA LYS C 24 14.77 -33.86 -7.83
C LYS C 24 15.26 -32.45 -7.54
N ALA C 25 14.37 -31.46 -7.53
CA ALA C 25 14.69 -30.09 -7.13
C ALA C 25 14.47 -29.84 -5.63
N SER C 26 15.18 -28.87 -5.04
CA SER C 26 14.93 -28.44 -3.66
C SER C 26 13.70 -27.52 -3.54
N GLY C 27 13.54 -26.57 -4.45
CA GLY C 27 12.37 -25.68 -4.58
C GLY C 27 11.38 -26.11 -5.66
N TYR C 28 10.21 -25.47 -5.73
CA TYR C 28 9.29 -25.67 -6.85
C TYR C 28 9.85 -25.05 -8.13
N ILE C 29 9.82 -25.80 -9.24
CA ILE C 29 10.44 -25.42 -10.52
C ILE C 29 9.42 -25.14 -11.63
N LEU C 30 8.15 -25.54 -11.45
CA LEU C 30 7.04 -25.19 -12.35
C LEU C 30 7.37 -25.39 -13.83
N ASN C 31 7.94 -26.57 -14.13
CA ASN C 31 8.32 -27.01 -15.47
C ASN C 31 9.45 -26.22 -16.15
N ARG C 32 10.16 -25.30 -15.48
CA ARG C 32 11.36 -24.64 -16.02
C ARG C 32 12.60 -25.53 -15.86
N LEU C 33 12.53 -26.71 -16.46
CA LEU C 33 13.51 -27.78 -16.38
C LEU C 33 13.92 -28.14 -17.81
N ALA C 34 15.21 -28.24 -18.10
CA ALA C 34 15.72 -28.71 -19.39
C ALA C 34 16.67 -29.89 -19.22
N TRP C 35 16.75 -30.77 -20.22
CA TRP C 35 17.69 -31.89 -20.25
C TRP C 35 18.74 -31.69 -21.33
N TYR C 36 19.99 -32.04 -21.01
CA TYR C 36 21.12 -32.00 -21.92
C TYR C 36 21.78 -33.37 -22.02
N GLN C 37 22.12 -33.75 -23.24
CA GLN C 37 22.91 -34.93 -23.55
C GLN C 37 24.34 -34.48 -23.86
N GLN C 38 25.36 -35.09 -23.26
CA GLN C 38 26.75 -34.86 -23.62
C GLN C 38 27.45 -36.15 -24.04
N LYS C 39 27.89 -36.20 -25.30
CA LYS C 39 28.87 -37.17 -25.81
C LYS C 39 30.28 -36.75 -25.41
N PRO C 40 31.22 -37.68 -25.15
CA PRO C 40 32.56 -37.31 -24.70
C PRO C 40 33.32 -36.54 -25.79
N GLY C 41 34.00 -35.45 -25.39
CA GLY C 41 34.77 -34.57 -26.30
C GLY C 41 33.96 -33.46 -26.98
N ASN C 42 32.68 -33.28 -26.62
CA ASN C 42 31.76 -32.32 -27.22
C ASN C 42 31.05 -31.48 -26.15
N ALA C 43 30.52 -30.33 -26.55
CA ALA C 43 29.62 -29.55 -25.70
C ALA C 43 28.36 -30.34 -25.33
N PRO C 44 27.71 -30.03 -24.20
CA PRO C 44 26.34 -30.48 -23.95
C PRO C 44 25.42 -30.03 -25.08
N ARG C 45 24.42 -30.83 -25.42
CA ARG C 45 23.42 -30.53 -26.45
C ARG C 45 22.03 -30.61 -25.83
N LEU C 46 21.19 -29.60 -26.08
CA LEU C 46 19.84 -29.56 -25.55
C LEU C 46 18.98 -30.69 -26.13
N LEU C 47 18.27 -31.40 -25.27
CA LEU C 47 17.40 -32.54 -25.62
C LEU C 47 15.92 -32.23 -25.39
N ILE C 48 15.57 -31.65 -24.23
CA ILE C 48 14.20 -31.28 -23.84
C ILE C 48 14.21 -29.89 -23.23
N SER C 49 13.21 -29.06 -23.54
CA SER C 49 13.05 -27.70 -23.00
C SER C 49 11.61 -27.49 -22.54
N GLY C 50 11.43 -26.89 -21.37
CA GLY C 50 10.24 -27.17 -20.57
C GLY C 50 10.28 -28.64 -20.11
N ALA C 51 9.53 -29.03 -19.10
CA ALA C 51 9.68 -30.38 -18.56
C ALA C 51 9.34 -31.51 -19.55
N THR C 52 8.63 -31.21 -20.65
CA THR C 52 7.92 -32.21 -21.47
C THR C 52 8.10 -32.08 -22.99
N SER C 53 8.70 -31.02 -23.54
CA SER C 53 8.81 -30.84 -25.02
C SER C 53 10.18 -31.23 -25.56
N LEU C 54 10.19 -32.14 -26.53
CA LEU C 54 11.39 -32.67 -27.19
C LEU C 54 11.92 -31.71 -28.27
N GLU C 55 13.22 -31.55 -28.37
CA GLU C 55 13.85 -30.74 -29.41
C GLU C 55 13.82 -31.41 -30.79
N THR C 56 13.59 -30.62 -31.84
CA THR C 56 13.65 -31.09 -33.23
C THR C 56 15.06 -31.55 -33.57
N GLY C 57 15.21 -32.81 -34.01
CA GLY C 57 16.50 -33.46 -34.20
C GLY C 57 16.79 -34.60 -33.20
N PHE C 58 15.85 -34.92 -32.31
CA PHE C 58 15.83 -36.14 -31.51
C PHE C 58 14.56 -36.97 -31.75
N PRO C 59 14.62 -38.31 -31.65
CA PRO C 59 13.50 -39.20 -31.94
C PRO C 59 12.50 -39.30 -30.78
N SER C 60 11.24 -39.59 -31.08
CA SER C 60 10.16 -39.76 -30.09
C SER C 60 10.34 -40.96 -29.13
N ARG C 61 11.48 -41.66 -29.19
CA ARG C 61 11.95 -42.61 -28.19
C ARG C 61 12.22 -41.95 -26.84
N PHE C 62 12.56 -40.66 -26.84
CA PHE C 62 12.77 -39.81 -25.65
C PHE C 62 11.49 -39.05 -25.27
N SER C 63 11.13 -39.01 -23.99
CA SER C 63 10.17 -38.01 -23.48
C SER C 63 10.36 -37.74 -21.99
N GLY C 64 10.00 -36.53 -21.55
CA GLY C 64 10.07 -36.09 -20.15
C GLY C 64 8.69 -35.92 -19.52
N THR C 65 8.53 -36.35 -18.26
CA THR C 65 7.20 -36.55 -17.65
C THR C 65 7.13 -36.12 -16.18
N GLY C 66 7.75 -34.99 -15.85
CA GLY C 66 7.78 -34.45 -14.49
C GLY C 66 6.65 -33.48 -14.12
N SER C 67 6.52 -33.17 -12.83
CA SER C 67 5.75 -32.03 -12.31
C SER C 67 6.13 -31.68 -10.87
N GLY C 68 5.84 -30.46 -10.41
CA GLY C 68 6.13 -30.03 -9.04
C GLY C 68 7.63 -29.89 -8.76
N LYS C 69 8.17 -30.73 -7.87
CA LYS C 69 9.61 -30.81 -7.55
C LYS C 69 10.33 -32.01 -8.16
N ASP C 70 9.62 -33.02 -8.64
CA ASP C 70 10.21 -34.27 -9.15
C ASP C 70 10.00 -34.38 -10.66
N TYR C 71 11.08 -34.53 -11.39
CA TYR C 71 11.10 -34.59 -12.85
C TYR C 71 11.80 -35.85 -13.31
N THR C 72 11.43 -36.36 -14.48
CA THR C 72 12.10 -37.56 -15.01
C THR C 72 12.16 -37.57 -16.53
N LEU C 73 13.24 -38.14 -17.06
CA LEU C 73 13.53 -38.35 -18.47
C LEU C 73 13.44 -39.84 -18.77
N SER C 74 12.58 -40.21 -19.72
CA SER C 74 12.38 -41.60 -20.14
C SER C 74 13.01 -41.84 -21.50
N ILE C 75 13.66 -42.98 -21.68
CA ILE C 75 13.90 -43.54 -23.01
C ILE C 75 13.20 -44.89 -23.07
N SER C 76 12.27 -45.05 -24.00
CA SER C 76 11.69 -46.35 -24.33
C SER C 76 12.33 -46.86 -25.62
N SER C 77 12.74 -48.12 -25.63
CA SER C 77 13.60 -48.70 -26.67
C SER C 77 14.86 -47.84 -26.91
N LEU C 78 15.80 -47.83 -25.95
CA LEU C 78 17.09 -47.17 -26.14
C LEU C 78 17.91 -47.84 -27.24
N GLN C 79 18.78 -47.08 -27.91
CA GLN C 79 19.59 -47.51 -29.06
C GLN C 79 21.06 -47.08 -28.87
N THR C 80 21.99 -47.63 -29.67
CA THR C 80 23.44 -47.42 -29.50
C THR C 80 23.86 -45.96 -29.64
N GLU C 81 23.09 -45.13 -30.36
CA GLU C 81 23.32 -43.69 -30.47
C GLU C 81 23.09 -42.91 -29.14
N ASP C 82 22.40 -43.49 -28.17
CA ASP C 82 21.97 -42.84 -26.92
C ASP C 82 23.01 -42.88 -25.78
N VAL C 83 24.12 -43.60 -25.91
CA VAL C 83 25.16 -43.72 -24.87
C VAL C 83 25.77 -42.35 -24.54
N GLY C 84 25.89 -42.00 -23.26
CA GLY C 84 26.43 -40.69 -22.85
C GLY C 84 26.12 -40.28 -21.42
N THR C 85 26.38 -39.02 -21.10
CA THR C 85 26.05 -38.39 -19.81
C THR C 85 24.85 -37.47 -19.97
N TYR C 86 23.88 -37.54 -19.06
CA TYR C 86 22.68 -36.72 -19.10
C TYR C 86 22.58 -35.81 -17.88
N TYR C 87 22.23 -34.55 -18.09
CA TYR C 87 22.08 -33.52 -17.06
C TYR C 87 20.68 -32.91 -17.14
N CYS C 88 20.04 -32.71 -16.00
CA CYS C 88 18.94 -31.75 -15.91
C CYS C 88 19.49 -30.36 -15.54
N GLN C 89 18.79 -29.30 -15.90
CA GLN C 89 19.08 -27.93 -15.50
C GLN C 89 17.78 -27.20 -15.18
N GLN C 90 17.72 -26.46 -14.07
CA GLN C 90 16.63 -25.52 -13.83
C GLN C 90 16.95 -24.14 -14.40
N TYR C 91 15.93 -23.43 -14.85
CA TYR C 91 16.01 -22.03 -15.27
C TYR C 91 14.88 -21.18 -14.70
N TRP C 92 14.37 -21.54 -13.53
CA TRP C 92 13.43 -20.72 -12.78
C TRP C 92 14.11 -19.52 -12.09
N SER C 93 15.16 -19.75 -11.30
CA SER C 93 15.86 -18.72 -10.53
C SER C 93 17.20 -18.35 -11.15
N THR C 94 17.54 -17.06 -11.19
CA THR C 94 18.66 -16.51 -11.99
C THR C 94 20.05 -17.13 -11.80
N PRO C 95 20.50 -17.63 -10.62
CA PRO C 95 21.68 -18.48 -10.57
C PRO C 95 21.33 -19.89 -11.08
N TRP C 96 21.39 -20.09 -12.39
CA TRP C 96 21.02 -21.35 -13.03
C TRP C 96 21.91 -22.51 -12.60
N THR C 97 21.31 -23.68 -12.40
CA THR C 97 21.99 -24.83 -11.81
C THR C 97 21.68 -26.11 -12.55
N PHE C 98 22.72 -26.91 -12.76
CA PHE C 98 22.64 -28.25 -13.31
C PHE C 98 22.58 -29.30 -12.20
N GLY C 99 21.95 -30.44 -12.48
CA GLY C 99 22.12 -31.64 -11.68
C GLY C 99 23.54 -32.19 -11.78
N GLY C 100 23.90 -33.14 -10.93
CA GLY C 100 25.24 -33.69 -10.89
C GLY C 100 25.66 -34.49 -12.13
N GLY C 101 24.74 -34.75 -13.04
CA GLY C 101 24.94 -35.62 -14.21
C GLY C 101 24.76 -37.09 -13.86
N THR C 102 24.27 -37.88 -14.81
CA THR C 102 24.19 -39.34 -14.68
C THR C 102 24.64 -40.02 -15.97
N LYS C 103 25.42 -41.10 -15.87
CA LYS C 103 26.07 -41.73 -17.02
C LYS C 103 25.41 -43.05 -17.39
N LEU C 104 24.95 -43.19 -18.64
CA LEU C 104 24.37 -44.42 -19.16
C LEU C 104 25.49 -45.26 -19.79
N GLU C 105 26.19 -46.04 -18.97
CA GLU C 105 27.33 -46.87 -19.38
C GLU C 105 26.89 -48.20 -20.02
N ILE C 106 26.23 -48.10 -21.19
CA ILE C 106 25.54 -49.20 -21.90
C ILE C 106 26.35 -50.49 -21.94
N ARG C 107 25.73 -51.60 -21.52
CA ARG C 107 26.39 -52.87 -21.20
C ARG C 107 25.59 -54.05 -21.76
N VAL D 2 23.91 -18.27 -33.32
CA VAL D 2 24.06 -19.23 -34.46
C VAL D 2 25.38 -19.99 -34.39
N GLN D 3 26.54 -19.32 -34.49
CA GLN D 3 27.85 -20.00 -34.40
C GLN D 3 28.80 -19.25 -33.45
N LEU D 4 29.53 -19.99 -32.61
CA LEU D 4 30.39 -19.45 -31.56
C LEU D 4 31.77 -20.11 -31.56
N GLN D 5 32.78 -19.43 -31.04
CA GLN D 5 34.15 -19.95 -30.94
C GLN D 5 34.92 -19.29 -29.80
N GLU D 6 35.34 -20.05 -28.80
CA GLU D 6 36.22 -19.58 -27.72
C GLU D 6 37.67 -19.48 -28.21
N SER D 7 38.43 -18.55 -27.66
CA SER D 7 39.89 -18.48 -27.79
C SER D 7 40.53 -17.73 -26.62
N GLY D 8 41.82 -17.97 -26.39
CA GLY D 8 42.60 -17.34 -25.34
C GLY D 8 43.76 -18.21 -24.85
N PRO D 9 44.59 -17.70 -23.93
CA PRO D 9 45.67 -18.47 -23.30
C PRO D 9 45.12 -19.70 -22.55
N GLY D 10 45.64 -20.89 -22.85
CA GLY D 10 45.22 -22.13 -22.20
C GLY D 10 45.87 -22.40 -20.83
N LEU D 11 46.87 -21.60 -20.45
CA LEU D 11 47.70 -21.80 -19.26
C LEU D 11 47.96 -20.47 -18.53
N VAL D 12 47.72 -20.39 -17.22
CA VAL D 12 47.83 -19.14 -16.45
C VAL D 12 48.34 -19.38 -15.02
N LYS D 13 48.98 -18.37 -14.41
CA LYS D 13 49.56 -18.44 -13.06
C LYS D 13 48.51 -18.25 -11.95
N PRO D 14 48.70 -18.83 -10.76
CA PRO D 14 47.85 -18.53 -9.60
C PRO D 14 48.00 -17.05 -9.19
N SER D 15 46.91 -16.48 -8.68
CA SER D 15 46.75 -15.05 -8.37
C SER D 15 46.86 -14.09 -9.56
N GLN D 16 47.01 -14.59 -10.79
CA GLN D 16 46.91 -13.80 -12.03
C GLN D 16 45.44 -13.70 -12.50
N SER D 17 45.19 -13.14 -13.69
CA SER D 17 43.84 -13.07 -14.29
C SER D 17 43.70 -13.95 -15.53
N LEU D 18 42.63 -14.76 -15.58
CA LEU D 18 42.21 -15.50 -16.77
C LEU D 18 41.41 -14.60 -17.72
N SER D 19 41.52 -14.85 -19.03
CA SER D 19 40.85 -14.08 -20.07
C SER D 19 40.54 -14.93 -21.31
N LEU D 20 39.27 -15.10 -21.67
CA LEU D 20 38.84 -15.76 -22.92
C LEU D 20 38.00 -14.82 -23.77
N THR D 21 38.28 -14.76 -25.06
CA THR D 21 37.38 -14.18 -26.07
C THR D 21 36.42 -15.24 -26.57
N CYS D 22 35.17 -14.86 -26.85
CA CYS D 22 34.26 -15.59 -27.72
C CYS D 22 33.90 -14.72 -28.94
N THR D 23 34.07 -15.22 -30.17
CA THR D 23 33.62 -14.55 -31.40
C THR D 23 32.36 -15.20 -31.94
N VAL D 24 31.34 -14.39 -32.24
CA VAL D 24 30.04 -14.84 -32.77
C VAL D 24 29.94 -14.58 -34.27
N THR D 25 29.40 -15.54 -35.04
CA THR D 25 29.07 -15.34 -36.46
C THR D 25 27.67 -15.87 -36.79
N GLY D 26 27.10 -15.38 -37.89
CA GLY D 26 25.73 -15.72 -38.32
C GLY D 26 24.61 -15.01 -37.54
N PHE D 27 24.96 -14.16 -36.57
CA PHE D 27 24.02 -13.36 -35.76
C PHE D 27 24.75 -12.15 -35.16
N SER D 28 24.02 -11.14 -34.69
CA SER D 28 24.57 -9.94 -34.06
C SER D 28 24.37 -9.95 -32.53
N ILE D 29 25.44 -9.83 -31.75
CA ILE D 29 25.37 -9.88 -30.28
C ILE D 29 24.60 -8.72 -29.64
N THR D 30 24.26 -7.69 -30.41
CA THR D 30 23.45 -6.55 -29.93
C THR D 30 22.02 -6.56 -30.46
N SER D 31 21.62 -7.59 -31.22
CA SER D 31 20.27 -7.72 -31.76
C SER D 31 19.30 -8.36 -30.79
N ASP D 32 19.68 -9.46 -30.15
CA ASP D 32 18.82 -10.30 -29.31
C ASP D 32 19.66 -11.25 -28.44
N TYR D 33 19.01 -12.04 -27.59
CA TYR D 33 19.60 -13.06 -26.72
C TYR D 33 20.48 -12.52 -25.58
N ALA D 34 20.84 -13.41 -24.67
CA ALA D 34 21.89 -13.18 -23.68
C ALA D 34 23.04 -14.16 -23.92
N TRP D 35 24.25 -13.74 -23.58
CA TRP D 35 25.49 -14.38 -23.98
C TRP D 35 26.25 -14.84 -22.73
N ASN D 36 26.42 -16.14 -22.57
CA ASN D 36 26.82 -16.78 -21.32
C ASN D 36 28.26 -17.29 -21.32
N TRP D 37 28.78 -17.52 -20.12
CA TRP D 37 29.91 -18.42 -19.89
C TRP D 37 29.54 -19.53 -18.90
N ILE D 38 29.91 -20.75 -19.24
CA ILE D 38 29.66 -21.97 -18.47
C ILE D 38 30.98 -22.71 -18.38
N ARG D 39 31.33 -23.26 -17.22
CA ARG D 39 32.52 -24.11 -17.09
C ARG D 39 32.18 -25.53 -16.63
N GLN D 40 32.93 -26.52 -17.12
CA GLN D 40 32.84 -27.92 -16.73
C GLN D 40 34.13 -28.36 -16.04
N PHE D 41 34.03 -28.84 -14.80
CA PHE D 41 35.19 -29.22 -13.99
C PHE D 41 35.81 -30.58 -14.38
N PRO D 42 37.04 -30.89 -13.93
CA PRO D 42 37.59 -32.25 -14.01
C PRO D 42 36.69 -33.31 -13.36
N GLY D 43 35.96 -32.95 -12.29
CA GLY D 43 34.90 -33.76 -11.68
C GLY D 43 33.59 -33.84 -12.48
N LYS D 44 33.60 -33.41 -13.75
CA LYS D 44 32.51 -33.47 -14.75
C LYS D 44 31.21 -32.70 -14.47
N LYS D 45 31.07 -32.07 -13.29
CA LYS D 45 29.97 -31.14 -12.95
C LYS D 45 30.05 -29.85 -13.77
N LEU D 46 28.90 -29.22 -14.01
CA LEU D 46 28.75 -27.96 -14.73
C LEU D 46 28.46 -26.79 -13.77
N GLU D 47 29.10 -25.65 -13.97
CA GLU D 47 28.77 -24.39 -13.29
C GLU D 47 28.49 -23.30 -14.34
N TRP D 48 27.38 -22.59 -14.20
CA TRP D 48 27.08 -21.40 -14.98
C TRP D 48 27.71 -20.17 -14.32
N MET D 49 28.39 -19.32 -15.08
CA MET D 49 29.21 -18.23 -14.51
C MET D 49 28.54 -16.87 -14.58
N GLY D 50 27.88 -16.52 -15.68
CA GLY D 50 27.21 -15.24 -15.85
C GLY D 50 26.73 -15.01 -17.27
N TYR D 51 26.24 -13.81 -17.56
CA TYR D 51 25.96 -13.36 -18.93
C TYR D 51 26.14 -11.85 -19.13
N ILE D 52 26.30 -11.46 -20.39
CA ILE D 52 25.98 -10.12 -20.88
C ILE D 52 24.75 -10.19 -21.78
N ASN D 53 23.81 -9.29 -21.59
CA ASN D 53 22.56 -9.18 -22.34
C ASN D 53 22.75 -8.39 -23.65
N PHE D 54 21.81 -8.48 -24.60
CA PHE D 54 21.88 -7.73 -25.86
C PHE D 54 21.98 -6.20 -25.66
N ASP D 55 21.43 -5.65 -24.58
CA ASP D 55 21.52 -4.22 -24.25
C ASP D 55 22.78 -3.83 -23.45
N GLY D 56 23.67 -4.77 -23.16
CA GLY D 56 24.91 -4.54 -22.41
C GLY D 56 24.79 -4.67 -20.88
N GLY D 57 23.59 -4.90 -20.33
CA GLY D 57 23.44 -5.28 -18.92
C GLY D 57 24.07 -6.65 -18.64
N THR D 58 24.51 -6.91 -17.42
CA THR D 58 25.29 -8.12 -17.10
C THR D 58 24.93 -8.70 -15.73
N THR D 59 25.12 -10.01 -15.53
CA THR D 59 24.72 -10.73 -14.31
C THR D 59 25.67 -11.90 -14.05
N TYR D 60 25.94 -12.24 -12.79
CA TYR D 60 26.99 -13.19 -12.40
C TYR D 60 26.51 -14.17 -11.34
N ASN D 61 27.08 -15.36 -11.32
CA ASN D 61 26.90 -16.33 -10.25
C ASN D 61 27.54 -15.83 -8.95
N PRO D 62 26.82 -15.78 -7.81
CA PRO D 62 27.39 -15.40 -6.53
C PRO D 62 28.62 -16.20 -6.08
N SER D 63 28.83 -17.43 -6.56
CA SER D 63 30.07 -18.17 -6.27
C SER D 63 31.34 -17.46 -6.76
N LEU D 64 31.21 -16.58 -7.76
CA LEU D 64 32.30 -15.84 -8.39
C LEU D 64 32.38 -14.37 -7.93
N ARG D 65 31.76 -14.03 -6.80
CA ARG D 65 31.64 -12.65 -6.28
C ARG D 65 32.94 -11.84 -6.38
N GLY D 66 32.90 -10.74 -7.12
CA GLY D 66 34.04 -9.85 -7.38
C GLY D 66 35.16 -10.41 -8.28
N ARG D 67 35.26 -11.73 -8.49
CA ARG D 67 36.29 -12.34 -9.35
C ARG D 67 36.00 -12.16 -10.83
N ILE D 68 34.74 -12.14 -11.24
CA ILE D 68 34.34 -12.18 -12.66
C ILE D 68 33.90 -10.81 -13.17
N SER D 69 34.19 -10.54 -14.44
CA SER D 69 33.39 -9.62 -15.24
C SER D 69 33.29 -10.09 -16.69
N ILE D 70 32.18 -9.74 -17.34
CA ILE D 70 31.94 -10.02 -18.77
C ILE D 70 31.74 -8.68 -19.48
N THR D 71 32.37 -8.52 -20.64
CA THR D 71 32.38 -7.29 -21.43
C THR D 71 32.33 -7.62 -22.92
N ARG D 72 32.07 -6.64 -23.78
CA ARG D 72 31.86 -6.89 -25.22
C ARG D 72 32.45 -5.81 -26.12
N ASP D 73 32.70 -6.18 -27.37
CA ASP D 73 33.10 -5.25 -28.44
C ASP D 73 32.15 -5.41 -29.63
N THR D 74 31.08 -4.61 -29.61
CA THR D 74 30.02 -4.60 -30.63
C THR D 74 30.51 -4.16 -32.01
N SER D 75 31.76 -3.69 -32.15
CA SER D 75 32.38 -3.41 -33.45
C SER D 75 32.62 -4.67 -34.29
N LYS D 76 32.76 -5.83 -33.63
CA LYS D 76 33.25 -7.10 -34.23
C LYS D 76 32.65 -8.37 -33.61
N ASN D 77 31.48 -8.27 -32.98
CA ASN D 77 30.74 -9.40 -32.38
C ASN D 77 31.59 -10.26 -31.44
N GLN D 78 32.30 -9.62 -30.52
CA GLN D 78 33.07 -10.29 -29.47
C GLN D 78 32.47 -10.05 -28.10
N PHE D 79 32.57 -11.05 -27.23
CA PHE D 79 32.43 -10.86 -25.79
C PHE D 79 33.47 -11.69 -25.04
N PHE D 80 33.80 -11.29 -23.83
CA PHE D 80 35.01 -11.72 -23.14
C PHE D 80 34.71 -12.12 -21.71
N LEU D 81 35.30 -13.21 -21.23
CA LEU D 81 35.31 -13.61 -19.83
C LEU D 81 36.62 -13.11 -19.25
N GLN D 82 36.60 -12.28 -18.20
CA GLN D 82 37.79 -11.95 -17.43
C GLN D 82 37.59 -12.35 -15.97
N LEU D 83 38.45 -13.23 -15.46
CA LEU D 83 38.32 -13.86 -14.15
C LEU D 83 39.61 -13.71 -13.35
N ARG D 84 39.64 -12.75 -12.42
CA ARG D 84 40.84 -12.32 -11.68
C ARG D 84 41.10 -13.13 -10.41
N SER D 85 42.34 -13.11 -9.93
CA SER D 85 42.82 -13.88 -8.78
C SER D 85 42.61 -15.40 -8.94
N VAL D 86 42.89 -15.91 -10.13
CA VAL D 86 42.68 -17.31 -10.50
C VAL D 86 43.47 -18.28 -9.61
N THR D 87 42.93 -19.47 -9.34
CA THR D 87 43.41 -20.40 -8.30
C THR D 87 43.40 -21.84 -8.84
N PRO D 88 44.38 -22.71 -8.52
CA PRO D 88 44.48 -24.06 -9.11
C PRO D 88 43.31 -25.00 -8.80
N GLU D 89 42.45 -24.64 -7.86
CA GLU D 89 41.29 -25.45 -7.47
C GLU D 89 40.17 -25.50 -8.52
N ASP D 90 40.10 -24.57 -9.49
CA ASP D 90 39.03 -24.59 -10.50
C ASP D 90 39.46 -25.28 -11.83
N THR D 91 40.41 -24.74 -12.59
CA THR D 91 41.12 -25.43 -13.70
C THR D 91 40.21 -26.19 -14.70
N ALA D 92 39.07 -25.59 -15.04
CA ALA D 92 37.97 -26.21 -15.80
C ALA D 92 38.09 -26.12 -17.33
N THR D 93 37.06 -26.62 -18.04
CA THR D 93 36.83 -26.39 -19.48
C THR D 93 35.73 -25.35 -19.67
N TYR D 94 35.99 -24.29 -20.41
CA TYR D 94 35.15 -23.10 -20.49
C TYR D 94 34.41 -23.03 -21.82
N TYR D 95 33.11 -22.82 -21.77
CA TYR D 95 32.22 -22.68 -22.91
C TYR D 95 31.57 -21.30 -22.91
N CYS D 96 31.45 -20.66 -24.07
CA CYS D 96 30.43 -19.64 -24.30
C CYS D 96 29.15 -20.26 -24.89
N ALA D 97 27.98 -19.72 -24.55
CA ALA D 97 26.69 -20.22 -25.03
C ALA D 97 25.62 -19.12 -25.12
N THR D 98 24.58 -19.33 -25.92
CA THR D 98 23.50 -18.36 -26.12
C THR D 98 22.22 -18.78 -25.40
N PHE D 99 21.67 -17.91 -24.56
CA PHE D 99 20.37 -18.11 -23.90
C PHE D 99 19.26 -17.46 -24.72
N TYR D 100 18.27 -18.25 -25.13
CA TYR D 100 17.31 -17.86 -26.17
C TYR D 100 16.21 -16.89 -25.69
N GLY D 101 16.06 -16.66 -24.38
CA GLY D 101 15.17 -15.63 -23.83
C GLY D 101 13.73 -16.06 -23.69
N ALA D 102 12.97 -16.11 -24.78
CA ALA D 102 11.56 -16.50 -24.77
C ALA D 102 11.35 -18.00 -24.44
N LYS D 103 12.27 -18.86 -24.88
CA LYS D 103 12.28 -20.31 -24.66
C LYS D 103 12.91 -20.73 -23.33
N GLY D 104 13.91 -19.99 -22.86
CA GLY D 104 14.56 -20.17 -21.56
C GLY D 104 15.77 -21.12 -21.51
N THR D 105 16.35 -21.53 -22.63
CA THR D 105 17.40 -22.58 -22.68
C THR D 105 18.69 -22.15 -23.37
N LEU D 106 19.78 -22.85 -23.09
CA LEU D 106 21.08 -22.67 -23.75
C LEU D 106 21.08 -23.45 -25.07
N ASP D 107 20.65 -22.82 -26.16
CA ASP D 107 20.42 -23.50 -27.44
C ASP D 107 21.68 -23.69 -28.31
N TYR D 108 22.67 -22.80 -28.20
CA TYR D 108 23.88 -22.83 -29.01
C TYR D 108 25.12 -22.70 -28.13
N TRP D 109 26.14 -23.51 -28.39
CA TRP D 109 27.36 -23.60 -27.60
C TRP D 109 28.58 -23.51 -28.52
N GLY D 110 29.66 -22.90 -28.05
CA GLY D 110 30.96 -23.11 -28.68
C GLY D 110 31.50 -24.50 -28.38
N GLN D 111 32.62 -24.90 -29.01
CA GLN D 111 33.25 -26.19 -28.75
C GLN D 111 33.91 -26.26 -27.35
N GLY D 112 34.16 -25.11 -26.73
CA GLY D 112 34.78 -25.00 -25.41
C GLY D 112 36.30 -25.15 -25.45
N THR D 113 36.96 -24.54 -24.47
CA THR D 113 38.42 -24.45 -24.37
C THR D 113 38.90 -24.80 -22.95
N SER D 114 39.94 -25.61 -22.81
CA SER D 114 40.48 -25.97 -21.50
C SER D 114 41.40 -24.87 -20.94
N VAL D 115 41.37 -24.67 -19.63
CA VAL D 115 42.27 -23.77 -18.90
C VAL D 115 42.97 -24.54 -17.79
N THR D 116 44.30 -24.49 -17.75
CA THR D 116 45.13 -25.09 -16.70
C THR D 116 45.71 -24.02 -15.78
N VAL D 117 45.62 -24.22 -14.46
CA VAL D 117 46.12 -23.28 -13.44
C VAL D 117 46.98 -24.06 -12.43
N SER D 118 48.24 -23.67 -12.21
CA SER D 118 49.17 -24.36 -11.27
C SER D 118 50.48 -23.62 -11.00
N SER D 119 51.21 -24.05 -9.97
CA SER D 119 52.36 -23.38 -9.37
C SER D 119 53.49 -23.10 -10.38
N ASP E 1 -13.40 2.08 -25.39
CA ASP E 1 -12.72 1.07 -26.25
C ASP E 1 -11.79 1.76 -27.25
N ILE E 2 -11.08 0.99 -28.08
CA ILE E 2 -10.15 1.51 -29.09
C ILE E 2 -10.78 1.40 -30.46
N VAL E 3 -10.79 2.49 -31.23
CA VAL E 3 -11.29 2.53 -32.61
C VAL E 3 -10.12 2.60 -33.58
N LEU E 4 -10.18 1.80 -34.65
CA LEU E 4 -9.20 1.81 -35.73
C LEU E 4 -9.80 2.55 -36.93
N THR E 5 -9.03 3.45 -37.52
CA THR E 5 -9.39 4.10 -38.78
C THR E 5 -8.48 3.59 -39.89
N GLN E 6 -9.06 3.12 -41.00
CA GLN E 6 -8.33 3.01 -42.26
C GLN E 6 -8.79 4.19 -43.13
N SER E 7 -7.85 5.01 -43.60
CA SER E 7 -8.19 6.33 -44.14
C SER E 7 -8.97 6.30 -45.45
N PRO E 8 -8.53 5.61 -46.52
CA PRO E 8 -9.35 5.42 -47.72
C PRO E 8 -10.31 4.23 -47.57
N SER E 9 -11.55 4.39 -48.05
CA SER E 9 -12.49 3.26 -48.19
C SER E 9 -12.11 2.33 -49.35
N SER E 10 -11.59 2.88 -50.45
CA SER E 10 -11.04 2.13 -51.58
C SER E 10 -9.90 2.89 -52.28
N PHE E 11 -8.97 2.14 -52.87
CA PHE E 11 -7.90 2.65 -53.74
C PHE E 11 -8.30 2.59 -55.24
N SER E 12 -7.32 2.77 -56.13
CA SER E 12 -7.34 2.26 -57.50
C SER E 12 -5.89 2.13 -57.99
N VAL E 13 -5.44 0.89 -58.26
CA VAL E 13 -4.03 0.58 -58.54
C VAL E 13 -3.84 -0.35 -59.74
N SER E 14 -2.78 -0.16 -60.53
CA SER E 14 -2.40 -1.05 -61.64
C SER E 14 -1.68 -2.31 -61.15
N LEU E 15 -1.68 -3.39 -61.96
CA LEU E 15 -0.83 -4.57 -61.72
C LEU E 15 0.66 -4.18 -61.68
N GLY E 16 1.45 -4.84 -60.84
CA GLY E 16 2.90 -4.61 -60.70
C GLY E 16 3.29 -3.35 -59.93
N ASP E 17 2.34 -2.49 -59.57
CA ASP E 17 2.57 -1.26 -58.81
C ASP E 17 2.87 -1.53 -57.32
N ARG E 18 3.21 -0.47 -56.58
CA ARG E 18 3.37 -0.45 -55.12
C ARG E 18 2.15 0.19 -54.46
N VAL E 19 1.71 -0.34 -53.32
CA VAL E 19 0.54 0.15 -52.57
C VAL E 19 0.80 0.12 -51.06
N THR E 20 0.17 1.02 -50.30
CA THR E 20 0.45 1.21 -48.87
C THR E 20 -0.79 1.64 -48.12
N ILE E 21 -1.25 0.80 -47.21
CA ILE E 21 -2.53 0.91 -46.50
C ILE E 21 -2.26 1.37 -45.07
N SER E 22 -2.94 2.42 -44.61
CA SER E 22 -2.67 3.04 -43.31
C SER E 22 -3.78 2.75 -42.30
N CYS E 23 -3.42 2.31 -41.10
CA CYS E 23 -4.33 2.06 -39.98
C CYS E 23 -3.92 2.94 -38.78
N LYS E 24 -4.83 3.78 -38.30
CA LYS E 24 -4.62 4.70 -37.18
C LYS E 24 -5.44 4.25 -35.98
N ALA E 25 -4.80 4.01 -34.84
CA ALA E 25 -5.49 3.71 -33.58
C ALA E 25 -5.80 4.98 -32.76
N SER E 26 -6.83 4.94 -31.91
CA SER E 26 -7.12 6.01 -30.96
C SER E 26 -6.19 5.97 -29.73
N GLY E 27 -5.95 4.79 -29.17
CA GLY E 27 -5.00 4.53 -28.07
C GLY E 27 -3.66 3.95 -28.53
N TYR E 28 -2.68 3.85 -27.64
CA TYR E 28 -1.43 3.13 -27.93
C TYR E 28 -1.70 1.62 -28.01
N ILE E 29 -1.14 0.97 -29.04
CA ILE E 29 -1.41 -0.45 -29.36
C ILE E 29 -0.17 -1.35 -29.20
N LEU E 30 1.03 -0.78 -29.09
CA LEU E 30 2.26 -1.52 -28.77
C LEU E 30 2.43 -2.81 -29.58
N ASN E 31 2.26 -2.66 -30.90
CA ASN E 31 2.38 -3.71 -31.91
C ASN E 31 1.37 -4.87 -31.82
N ARG E 32 0.34 -4.82 -30.97
CA ARG E 32 -0.76 -5.81 -30.96
C ARG E 32 -1.76 -5.53 -32.08
N LEU E 33 -1.27 -5.56 -33.31
CA LEU E 33 -1.99 -5.23 -34.54
C LEU E 33 -1.87 -6.42 -35.49
N ALA E 34 -2.96 -6.86 -36.09
CA ALA E 34 -2.97 -7.91 -37.11
C ALA E 34 -3.67 -7.44 -38.38
N TRP E 35 -3.29 -7.96 -39.54
CA TRP E 35 -3.92 -7.67 -40.83
C TRP E 35 -4.61 -8.92 -41.37
N TYR E 36 -5.80 -8.74 -41.94
CA TYR E 36 -6.57 -9.80 -42.59
C TYR E 36 -6.89 -9.43 -44.03
N GLN E 37 -6.73 -10.39 -44.92
CA GLN E 37 -7.13 -10.31 -46.31
C GLN E 37 -8.45 -11.07 -46.47
N GLN E 38 -9.46 -10.48 -47.10
CA GLN E 38 -10.69 -11.18 -47.45
C GLN E 38 -10.96 -11.13 -48.96
N LYS E 39 -11.01 -12.30 -49.59
CA LYS E 39 -11.59 -12.51 -50.93
C LYS E 39 -13.11 -12.62 -50.83
N PRO E 40 -13.89 -12.18 -51.82
CA PRO E 40 -15.35 -12.20 -51.74
C PRO E 40 -15.89 -13.64 -51.65
N GLY E 41 -16.83 -13.88 -50.73
CA GLY E 41 -17.44 -15.19 -50.49
C GLY E 41 -16.68 -16.12 -49.54
N ASN E 42 -15.61 -15.64 -48.90
CA ASN E 42 -14.75 -16.39 -47.99
C ASN E 42 -14.58 -15.69 -46.65
N ALA E 43 -14.20 -16.43 -45.61
CA ALA E 43 -13.78 -15.86 -44.35
C ALA E 43 -12.53 -14.96 -44.51
N PRO E 44 -12.32 -13.98 -43.64
CA PRO E 44 -11.04 -13.28 -43.55
C PRO E 44 -9.91 -14.27 -43.27
N ARG E 45 -8.76 -14.09 -43.91
CA ARG E 45 -7.55 -14.91 -43.72
C ARG E 45 -6.46 -14.04 -43.11
N LEU E 46 -5.83 -14.50 -42.04
CA LEU E 46 -4.74 -13.79 -41.37
C LEU E 46 -3.52 -13.65 -42.29
N LEU E 47 -2.92 -12.45 -42.32
CA LEU E 47 -1.78 -12.10 -43.17
C LEU E 47 -0.54 -11.69 -42.36
N ILE E 48 -0.72 -10.82 -41.37
CA ILE E 48 0.34 -10.34 -40.46
C ILE E 48 -0.17 -10.38 -39.03
N SER E 49 0.69 -10.74 -38.07
CA SER E 49 0.31 -11.09 -36.70
C SER E 49 1.32 -10.56 -35.69
N GLY E 50 0.98 -9.45 -35.04
CA GLY E 50 1.99 -8.57 -34.46
C GLY E 50 2.56 -7.74 -35.60
N ALA E 51 2.72 -6.43 -35.40
CA ALA E 51 2.63 -5.47 -36.51
C ALA E 51 3.62 -5.67 -37.68
N THR E 52 4.71 -6.43 -37.48
CA THR E 52 5.79 -6.62 -38.45
C THR E 52 6.01 -8.07 -38.91
N SER E 53 5.30 -9.07 -38.37
CA SER E 53 5.54 -10.50 -38.67
C SER E 53 4.51 -11.08 -39.63
N LEU E 54 4.96 -11.80 -40.66
CA LEU E 54 4.15 -12.32 -41.76
C LEU E 54 3.89 -13.82 -41.64
N GLU E 55 2.66 -14.24 -41.94
CA GLU E 55 2.24 -15.65 -41.89
C GLU E 55 2.89 -16.51 -42.99
N THR E 56 3.29 -17.74 -42.62
CA THR E 56 3.74 -18.75 -43.59
C THR E 56 2.61 -19.09 -44.55
N GLY E 57 2.88 -19.05 -45.86
CA GLY E 57 1.85 -19.17 -46.89
C GLY E 57 1.38 -17.84 -47.51
N PHE E 58 2.14 -16.76 -47.32
CA PHE E 58 2.04 -15.51 -48.09
C PHE E 58 3.40 -15.08 -48.66
N PRO E 59 3.43 -14.42 -49.84
CA PRO E 59 4.66 -13.90 -50.43
C PRO E 59 5.39 -12.85 -49.58
N SER E 60 6.72 -12.83 -49.62
CA SER E 60 7.54 -11.75 -49.03
C SER E 60 7.36 -10.38 -49.70
N ARG E 61 6.47 -10.28 -50.69
CA ARG E 61 6.01 -9.03 -51.34
C ARG E 61 5.23 -8.13 -50.38
N PHE E 62 4.59 -8.72 -49.35
CA PHE E 62 3.89 -8.02 -48.26
C PHE E 62 4.82 -7.76 -47.07
N SER E 63 4.74 -6.59 -46.44
CA SER E 63 5.29 -6.39 -45.08
C SER E 63 4.60 -5.23 -44.36
N GLY E 64 4.57 -5.28 -43.02
CA GLY E 64 3.99 -4.26 -42.15
C GLY E 64 5.05 -3.50 -41.36
N THR E 65 4.90 -2.18 -41.23
CA THR E 65 5.98 -1.28 -40.79
C THR E 65 5.51 -0.16 -39.86
N GLY E 66 4.62 -0.47 -38.92
CA GLY E 66 4.06 0.50 -37.97
C GLY E 66 4.81 0.63 -36.65
N SER E 67 4.47 1.67 -35.87
CA SER E 67 4.81 1.79 -34.44
C SER E 67 3.91 2.82 -33.72
N GLY E 68 3.83 2.75 -32.39
CA GLY E 68 3.05 3.71 -31.59
C GLY E 68 1.54 3.60 -31.83
N LYS E 69 0.92 4.63 -32.43
CA LYS E 69 -0.50 4.66 -32.81
C LYS E 69 -0.76 4.50 -34.32
N ASP E 70 0.26 4.67 -35.16
CA ASP E 70 0.11 4.63 -36.62
C ASP E 70 0.81 3.39 -37.20
N TYR E 71 0.04 2.58 -37.92
CA TYR E 71 0.49 1.33 -38.51
C TYR E 71 0.23 1.31 -40.00
N THR E 72 1.04 0.58 -40.76
CA THR E 72 0.82 0.49 -42.19
C THR E 72 1.23 -0.86 -42.78
N LEU E 73 0.49 -1.30 -43.80
CA LEU E 73 0.70 -2.51 -44.57
C LEU E 73 1.17 -2.12 -45.98
N SER E 74 2.31 -2.62 -46.39
CA SER E 74 2.90 -2.35 -47.70
C SER E 74 2.81 -3.58 -48.60
N ILE E 75 2.49 -3.38 -49.88
CA ILE E 75 2.81 -4.35 -50.92
C ILE E 75 3.74 -3.68 -51.92
N SER E 76 4.92 -4.23 -52.12
CA SER E 76 5.81 -3.84 -53.22
C SER E 76 5.74 -4.90 -54.31
N SER E 77 5.59 -4.46 -55.57
CA SER E 77 5.26 -5.33 -56.71
C SER E 77 4.00 -6.17 -56.43
N LEU E 78 2.83 -5.52 -56.36
CA LEU E 78 1.54 -6.22 -56.24
C LEU E 78 1.25 -7.08 -57.48
N GLN E 79 0.43 -8.11 -57.32
CA GLN E 79 0.04 -9.08 -58.36
C GLN E 79 -1.46 -9.36 -58.33
N THR E 80 -2.00 -9.98 -59.38
CA THR E 80 -3.44 -10.25 -59.56
C THR E 80 -4.04 -11.12 -58.44
N GLU E 81 -3.23 -11.94 -57.77
CA GLU E 81 -3.64 -12.74 -56.61
C GLU E 81 -3.97 -11.88 -55.36
N ASP E 82 -3.51 -10.63 -55.29
CA ASP E 82 -3.61 -9.75 -54.12
C ASP E 82 -4.92 -8.93 -54.04
N VAL E 83 -5.75 -8.90 -55.08
CA VAL E 83 -6.96 -8.07 -55.13
C VAL E 83 -7.99 -8.52 -54.09
N GLY E 84 -8.56 -7.60 -53.31
CA GLY E 84 -9.48 -7.93 -52.21
C GLY E 84 -9.71 -6.79 -51.22
N THR E 85 -10.30 -7.11 -50.08
CA THR E 85 -10.52 -6.17 -48.97
C THR E 85 -9.54 -6.47 -47.83
N TYR E 86 -8.92 -5.45 -47.25
CA TYR E 86 -7.95 -5.58 -46.16
C TYR E 86 -8.43 -4.87 -44.90
N TYR E 87 -8.31 -5.53 -43.75
CA TYR E 87 -8.67 -5.00 -42.44
C TYR E 87 -7.47 -5.07 -41.52
N CYS E 88 -7.24 -4.03 -40.72
CA CYS E 88 -6.44 -4.15 -39.52
C CYS E 88 -7.33 -4.53 -38.34
N GLN E 89 -6.78 -5.17 -37.32
CA GLN E 89 -7.43 -5.46 -36.05
C GLN E 89 -6.48 -5.24 -34.89
N GLN E 90 -6.90 -4.57 -33.82
CA GLN E 90 -6.14 -4.55 -32.58
C GLN E 90 -6.55 -5.71 -31.67
N TYR E 91 -5.60 -6.22 -30.91
CA TYR E 91 -5.82 -7.23 -29.88
C TYR E 91 -5.14 -6.87 -28.54
N TRP E 92 -4.97 -5.58 -28.27
CA TRP E 92 -4.48 -5.08 -26.99
C TRP E 92 -5.56 -5.11 -25.90
N SER E 93 -6.66 -4.38 -26.09
CA SER E 93 -7.78 -4.30 -25.12
C SER E 93 -8.83 -5.39 -25.34
N THR E 94 -9.53 -5.83 -24.31
CA THR E 94 -10.42 -7.00 -24.37
C THR E 94 -11.62 -6.92 -25.33
N PRO E 95 -12.28 -5.78 -25.61
CA PRO E 95 -13.19 -5.68 -26.75
C PRO E 95 -12.39 -5.49 -28.03
N TRP E 96 -12.10 -6.58 -28.75
CA TRP E 96 -11.31 -6.54 -29.97
C TRP E 96 -12.04 -5.82 -31.10
N THR E 97 -11.32 -5.02 -31.86
CA THR E 97 -11.91 -4.13 -32.86
C THR E 97 -11.13 -4.17 -34.16
N PHE E 98 -11.87 -4.21 -35.26
CA PHE E 98 -11.37 -4.12 -36.62
C PHE E 98 -11.45 -2.67 -37.12
N GLY E 99 -10.53 -2.30 -38.02
CA GLY E 99 -10.68 -1.11 -38.85
C GLY E 99 -11.86 -1.25 -39.81
N GLY E 100 -12.28 -0.15 -40.41
CA GLY E 100 -13.45 -0.14 -41.30
C GLY E 100 -13.30 -0.95 -42.58
N GLY E 101 -12.11 -1.48 -42.87
CA GLY E 101 -11.78 -2.16 -44.11
C GLY E 101 -11.42 -1.20 -45.23
N THR E 102 -10.51 -1.60 -46.11
CA THR E 102 -10.19 -0.85 -47.33
C THR E 102 -10.06 -1.79 -48.51
N LYS E 103 -10.58 -1.40 -49.67
CA LYS E 103 -10.67 -2.25 -50.86
C LYS E 103 -9.60 -1.88 -51.89
N LEU E 104 -8.92 -2.88 -52.45
CA LEU E 104 -8.02 -2.70 -53.59
C LEU E 104 -8.77 -3.10 -54.85
N GLU E 105 -8.77 -2.22 -55.85
CA GLU E 105 -9.48 -2.37 -57.12
C GLU E 105 -8.55 -2.05 -58.29
N ILE E 106 -8.56 -2.87 -59.33
CA ILE E 106 -7.58 -2.78 -60.44
C ILE E 106 -7.79 -1.50 -61.27
N ARG E 107 -6.73 -0.98 -61.91
CA ARG E 107 -6.75 0.24 -62.73
C ARG E 107 -6.09 0.03 -64.09
N VAL F 2 -8.49 -26.29 -35.42
CA VAL F 2 -8.11 -26.81 -36.76
C VAL F 2 -9.26 -26.67 -37.75
N GLN F 3 -10.32 -27.48 -37.66
CA GLN F 3 -11.46 -27.44 -38.59
C GLN F 3 -12.73 -26.98 -37.87
N LEU F 4 -13.45 -25.98 -38.40
CA LEU F 4 -14.68 -25.43 -37.81
C LEU F 4 -15.84 -25.44 -38.83
N GLN F 5 -17.07 -25.52 -38.35
CA GLN F 5 -18.27 -25.50 -39.19
C GLN F 5 -19.48 -24.94 -38.43
N GLU F 6 -20.04 -23.82 -38.88
CA GLU F 6 -21.29 -23.27 -38.36
C GLU F 6 -22.50 -24.02 -38.88
N SER F 7 -23.58 -24.07 -38.09
CA SER F 7 -24.90 -24.49 -38.54
C SER F 7 -26.01 -23.89 -37.66
N GLY F 8 -27.23 -23.84 -38.19
CA GLY F 8 -28.41 -23.33 -37.49
C GLY F 8 -29.47 -22.78 -38.44
N PRO F 9 -30.62 -22.34 -37.92
CA PRO F 9 -31.66 -21.67 -38.70
C PRO F 9 -31.14 -20.38 -39.36
N GLY F 10 -31.29 -20.25 -40.67
CA GLY F 10 -30.86 -19.06 -41.42
C GLY F 10 -31.82 -17.87 -41.38
N LEU F 11 -33.03 -18.07 -40.85
CA LEU F 11 -34.12 -17.09 -40.84
C LEU F 11 -34.83 -17.06 -39.48
N VAL F 12 -35.04 -15.88 -38.90
CA VAL F 12 -35.60 -15.74 -37.54
C VAL F 12 -36.48 -14.49 -37.39
N LYS F 13 -37.42 -14.49 -36.44
CA LYS F 13 -38.38 -13.41 -36.19
C LYS F 13 -37.82 -12.29 -35.30
N PRO F 14 -38.24 -11.02 -35.47
CA PRO F 14 -37.96 -9.96 -34.50
C PRO F 14 -38.47 -10.35 -33.09
N SER F 15 -37.72 -9.95 -32.06
CA SER F 15 -37.93 -10.29 -30.65
C SER F 15 -37.84 -11.79 -30.30
N GLN F 16 -37.53 -12.66 -31.25
CA GLN F 16 -37.20 -14.07 -31.01
C GLN F 16 -35.74 -14.20 -30.52
N SER F 17 -35.23 -15.44 -30.38
CA SER F 17 -33.80 -15.71 -30.11
C SER F 17 -33.11 -16.40 -31.29
N LEU F 18 -31.96 -15.87 -31.71
CA LEU F 18 -31.05 -16.51 -32.65
C LEU F 18 -30.19 -17.59 -31.95
N SER F 19 -29.85 -18.65 -32.68
CA SER F 19 -29.06 -19.77 -32.17
C SER F 19 -28.22 -20.43 -33.27
N LEU F 20 -26.89 -20.43 -33.15
CA LEU F 20 -25.98 -21.16 -34.06
C LEU F 20 -25.13 -22.15 -33.28
N THR F 21 -24.99 -23.37 -33.78
CA THR F 21 -23.96 -24.31 -33.35
C THR F 21 -22.69 -24.11 -34.16
N CYS F 22 -21.53 -24.27 -33.55
CA CYS F 22 -20.27 -24.54 -34.23
C CYS F 22 -19.74 -25.91 -33.78
N THR F 23 -19.42 -26.82 -34.71
CA THR F 23 -18.75 -28.10 -34.42
C THR F 23 -17.28 -28.04 -34.79
N VAL F 24 -16.40 -28.43 -33.88
CA VAL F 24 -14.94 -28.46 -34.08
C VAL F 24 -14.46 -29.89 -34.34
N THR F 25 -13.54 -30.08 -35.30
CA THR F 25 -12.83 -31.36 -35.50
C THR F 25 -11.34 -31.15 -35.71
N GLY F 26 -10.55 -32.20 -35.49
CA GLY F 26 -9.08 -32.15 -35.55
C GLY F 26 -8.40 -31.55 -34.31
N PHE F 27 -9.17 -31.10 -33.32
CA PHE F 27 -8.69 -30.54 -32.05
C PHE F 27 -9.82 -30.63 -31.00
N SER F 28 -9.49 -30.55 -29.71
CA SER F 28 -10.46 -30.62 -28.61
C SER F 28 -10.73 -29.25 -28.00
N ILE F 29 -12.01 -28.82 -27.92
CA ILE F 29 -12.36 -27.48 -27.40
C ILE F 29 -12.01 -27.25 -25.93
N THR F 30 -11.76 -28.32 -25.16
CA THR F 30 -11.34 -28.21 -23.76
C THR F 30 -9.82 -28.28 -23.58
N SER F 31 -9.04 -28.33 -24.66
CA SER F 31 -7.59 -28.51 -24.59
C SER F 31 -6.80 -27.22 -24.35
N ASP F 32 -6.98 -26.16 -25.17
CA ASP F 32 -6.02 -25.04 -25.16
C ASP F 32 -6.56 -23.63 -25.47
N TYR F 33 -7.30 -23.45 -26.55
CA TYR F 33 -7.60 -22.13 -27.13
C TYR F 33 -8.79 -21.39 -26.50
N ALA F 34 -9.14 -20.21 -27.03
CA ALA F 34 -10.45 -19.60 -26.83
C ALA F 34 -11.24 -19.62 -28.14
N TRP F 35 -12.57 -19.72 -28.04
CA TRP F 35 -13.48 -20.00 -29.13
C TRP F 35 -14.47 -18.86 -29.30
N ASN F 36 -14.45 -18.21 -30.46
CA ASN F 36 -15.09 -16.92 -30.70
C ASN F 36 -16.32 -16.98 -31.58
N TRP F 37 -17.13 -15.92 -31.51
CA TRP F 37 -18.07 -15.57 -32.56
C TRP F 37 -17.81 -14.15 -33.07
N ILE F 38 -17.82 -14.00 -34.38
CA ILE F 38 -17.58 -12.74 -35.10
C ILE F 38 -18.69 -12.61 -36.13
N ARG F 39 -19.27 -11.43 -36.29
CA ARG F 39 -20.25 -11.18 -37.37
C ARG F 39 -19.79 -10.10 -38.34
N GLN F 40 -20.15 -10.27 -39.60
CA GLN F 40 -19.88 -9.33 -40.68
C GLN F 40 -21.20 -8.77 -41.24
N PHE F 41 -21.38 -7.46 -41.19
CA PHE F 41 -22.63 -6.81 -41.59
C PHE F 41 -22.80 -6.65 -43.11
N PRO F 42 -24.05 -6.54 -43.62
CA PRO F 42 -24.30 -6.10 -44.98
C PRO F 42 -23.87 -4.64 -45.13
N GLY F 43 -23.10 -4.33 -46.17
CA GLY F 43 -22.22 -3.14 -46.17
C GLY F 43 -21.06 -3.37 -45.21
N LYS F 44 -20.00 -4.01 -45.70
CA LYS F 44 -19.01 -4.76 -44.91
C LYS F 44 -18.36 -3.93 -43.78
N LYS F 45 -18.59 -4.38 -42.54
CA LYS F 45 -17.79 -4.10 -41.33
C LYS F 45 -17.81 -5.34 -40.44
N LEU F 46 -16.79 -5.55 -39.62
CA LEU F 46 -16.65 -6.70 -38.73
C LEU F 46 -16.90 -6.31 -37.27
N GLU F 47 -17.70 -7.08 -36.55
CA GLU F 47 -17.85 -6.98 -35.10
C GLU F 47 -17.49 -8.30 -34.44
N TRP F 48 -16.62 -8.27 -33.42
CA TRP F 48 -16.34 -9.42 -32.56
C TRP F 48 -17.38 -9.48 -31.44
N MET F 49 -17.95 -10.65 -31.15
CA MET F 49 -19.09 -10.77 -30.26
C MET F 49 -18.73 -11.29 -28.87
N GLY F 50 -17.84 -12.26 -28.76
CA GLY F 50 -17.42 -12.83 -27.49
C GLY F 50 -16.58 -14.09 -27.64
N TYR F 51 -16.28 -14.76 -26.53
CA TYR F 51 -15.70 -16.10 -26.54
C TYR F 51 -16.10 -16.97 -25.36
N ILE F 52 -15.94 -18.28 -25.51
CA ILE F 52 -15.76 -19.22 -24.41
C ILE F 52 -14.32 -19.75 -24.42
N ASN F 53 -13.69 -19.81 -23.26
CA ASN F 53 -12.31 -20.25 -23.06
C ASN F 53 -12.23 -21.78 -22.89
N PHE F 54 -11.04 -22.38 -23.02
CA PHE F 54 -10.85 -23.82 -22.82
C PHE F 54 -11.30 -24.32 -21.44
N ASP F 55 -11.23 -23.49 -20.39
CA ASP F 55 -11.70 -23.83 -19.04
C ASP F 55 -13.20 -23.56 -18.80
N GLY F 56 -13.94 -23.08 -19.81
CA GLY F 56 -15.36 -22.77 -19.72
C GLY F 56 -15.70 -21.35 -19.26
N GLY F 57 -14.72 -20.52 -18.89
CA GLY F 57 -14.95 -19.08 -18.67
C GLY F 57 -15.36 -18.37 -19.96
N THR F 58 -16.10 -17.27 -19.89
CA THR F 58 -16.67 -16.62 -21.08
C THR F 58 -16.66 -15.09 -20.97
N THR F 59 -16.62 -14.39 -22.11
CA THR F 59 -16.49 -12.93 -22.19
C THR F 59 -17.22 -12.39 -23.42
N TYR F 60 -17.78 -11.19 -23.35
CA TYR F 60 -18.70 -10.64 -24.37
C TYR F 60 -18.38 -9.19 -24.71
N ASN F 61 -18.68 -8.78 -25.93
CA ASN F 61 -18.63 -7.38 -26.34
C ASN F 61 -19.72 -6.57 -25.62
N PRO F 62 -19.42 -5.46 -24.95
CA PRO F 62 -20.41 -4.59 -24.32
C PRO F 62 -21.53 -4.09 -25.24
N SER F 63 -21.34 -4.04 -26.56
CA SER F 63 -22.43 -3.70 -27.50
C SER F 63 -23.60 -4.70 -27.43
N LEU F 64 -23.36 -5.93 -26.97
CA LEU F 64 -24.33 -7.02 -26.86
C LEU F 64 -24.84 -7.24 -25.43
N ARG F 65 -24.68 -6.26 -24.54
CA ARG F 65 -24.99 -6.35 -23.10
C ARG F 65 -26.33 -7.05 -22.80
N GLY F 66 -26.26 -8.17 -22.08
CA GLY F 66 -27.41 -9.01 -21.72
C GLY F 66 -28.08 -9.79 -22.86
N ARG F 67 -27.83 -9.46 -24.14
CA ARG F 67 -28.44 -10.15 -25.29
C ARG F 67 -27.77 -11.48 -25.62
N ILE F 68 -26.47 -11.64 -25.34
CA ILE F 68 -25.66 -12.77 -25.79
C ILE F 68 -25.36 -13.74 -24.65
N SER F 69 -25.30 -15.03 -24.96
CA SER F 69 -24.49 -15.97 -24.19
C SER F 69 -23.84 -17.01 -25.11
N ILE F 70 -22.67 -17.51 -24.72
CA ILE F 70 -21.96 -18.59 -25.39
C ILE F 70 -21.82 -19.75 -24.42
N THR F 71 -22.10 -20.97 -24.88
CA THR F 71 -22.11 -22.19 -24.08
C THR F 71 -21.55 -23.35 -24.89
N ARG F 72 -21.24 -24.48 -24.25
CA ARG F 72 -20.56 -25.60 -24.91
C ARG F 72 -21.04 -26.98 -24.49
N ASP F 73 -20.81 -27.97 -25.33
CA ASP F 73 -21.02 -29.38 -25.03
C ASP F 73 -19.71 -30.15 -25.29
N THR F 74 -18.92 -30.29 -24.23
CA THR F 74 -17.62 -30.98 -24.25
C THR F 74 -17.72 -32.48 -24.55
N SER F 75 -18.93 -33.06 -24.60
CA SER F 75 -19.16 -34.46 -25.02
C SER F 75 -18.86 -34.70 -26.51
N LYS F 76 -18.96 -33.64 -27.34
CA LYS F 76 -18.97 -33.72 -28.81
C LYS F 76 -18.35 -32.50 -29.51
N ASN F 77 -17.47 -31.77 -28.83
CA ASN F 77 -16.77 -30.58 -29.35
C ASN F 77 -17.70 -29.55 -30.02
N GLN F 78 -18.80 -29.20 -29.36
CA GLN F 78 -19.70 -28.14 -29.82
C GLN F 78 -19.60 -26.92 -28.93
N PHE F 79 -19.76 -25.74 -29.53
CA PHE F 79 -20.11 -24.51 -28.80
C PHE F 79 -21.13 -23.71 -29.59
N PHE F 80 -21.88 -22.87 -28.90
CA PHE F 80 -23.14 -22.32 -29.39
C PHE F 80 -23.22 -20.82 -29.16
N LEU F 81 -23.71 -20.05 -30.13
CA LEU F 81 -24.06 -18.65 -29.98
C LEU F 81 -25.57 -18.62 -29.73
N GLN F 82 -26.01 -18.04 -28.63
CA GLN F 82 -27.43 -17.78 -28.39
C GLN F 82 -27.64 -16.28 -28.12
N LEU F 83 -28.44 -15.62 -28.98
CA LEU F 83 -28.58 -14.17 -29.01
C LEU F 83 -30.06 -13.78 -29.01
N ARG F 84 -30.55 -13.33 -27.85
CA ARG F 84 -31.98 -13.09 -27.59
C ARG F 84 -32.43 -11.67 -27.95
N SER F 85 -33.73 -11.50 -28.17
CA SER F 85 -34.37 -10.25 -28.63
C SER F 85 -33.81 -9.74 -29.96
N VAL F 86 -33.60 -10.65 -30.91
CA VAL F 86 -33.02 -10.37 -32.22
C VAL F 86 -33.87 -9.35 -33.01
N THR F 87 -33.25 -8.54 -33.86
CA THR F 87 -33.88 -7.33 -34.45
C THR F 87 -33.44 -7.16 -35.91
N PRO F 88 -34.27 -6.61 -36.83
CA PRO F 88 -33.89 -6.47 -38.25
C PRO F 88 -32.65 -5.61 -38.50
N GLU F 89 -32.20 -4.81 -37.53
CA GLU F 89 -30.96 -4.04 -37.62
C GLU F 89 -29.67 -4.89 -37.57
N ASP F 90 -29.73 -6.18 -37.19
CA ASP F 90 -28.52 -7.01 -37.03
C ASP F 90 -28.57 -8.40 -37.70
N THR F 91 -29.21 -8.45 -38.87
CA THR F 91 -28.87 -9.42 -39.92
C THR F 91 -27.40 -9.27 -40.34
N ALA F 92 -26.67 -10.38 -40.45
CA ALA F 92 -25.24 -10.42 -40.71
C ALA F 92 -24.80 -11.82 -41.14
N THR F 93 -23.53 -11.97 -41.52
CA THR F 93 -22.88 -13.27 -41.68
C THR F 93 -22.10 -13.61 -40.42
N TYR F 94 -22.41 -14.72 -39.78
CA TYR F 94 -21.86 -15.11 -38.48
C TYR F 94 -20.79 -16.18 -38.66
N TYR F 95 -19.62 -15.97 -38.09
CA TYR F 95 -18.47 -16.86 -38.12
C TYR F 95 -18.12 -17.32 -36.70
N CYS F 96 -17.78 -18.59 -36.53
CA CYS F 96 -16.96 -19.03 -35.39
C CYS F 96 -15.47 -19.03 -35.76
N ALA F 97 -14.59 -18.73 -34.81
CA ALA F 97 -13.14 -18.69 -35.02
C ALA F 97 -12.33 -19.02 -33.75
N THR F 98 -11.09 -19.43 -33.91
CA THR F 98 -10.20 -19.82 -32.80
C THR F 98 -9.15 -18.73 -32.51
N PHE F 99 -9.06 -18.27 -31.27
CA PHE F 99 -8.02 -17.35 -30.82
C PHE F 99 -6.86 -18.12 -30.17
N TYR F 100 -5.66 -17.96 -30.71
CA TYR F 100 -4.52 -18.85 -30.43
C TYR F 100 -3.84 -18.61 -29.06
N GLY F 101 -4.13 -17.50 -28.37
CA GLY F 101 -3.70 -17.24 -27.00
C GLY F 101 -2.29 -16.67 -26.90
N ALA F 102 -1.25 -17.50 -27.07
CA ALA F 102 0.14 -17.06 -27.00
C ALA F 102 0.52 -16.12 -28.17
N LYS F 103 -0.04 -16.34 -29.36
CA LYS F 103 0.18 -15.54 -30.57
C LYS F 103 -0.72 -14.31 -30.68
N GLY F 104 -1.94 -14.37 -30.11
CA GLY F 104 -2.88 -13.24 -30.03
C GLY F 104 -3.82 -13.04 -31.23
N THR F 105 -3.97 -13.99 -32.15
CA THR F 105 -4.71 -13.77 -33.42
C THR F 105 -5.80 -14.82 -33.68
N LEU F 106 -6.77 -14.47 -34.53
CA LEU F 106 -7.81 -15.37 -35.01
C LEU F 106 -7.27 -16.22 -36.17
N ASP F 107 -6.66 -17.37 -35.87
CA ASP F 107 -5.92 -18.15 -36.86
C ASP F 107 -6.79 -19.08 -37.72
N TYR F 108 -7.91 -19.56 -37.20
CA TYR F 108 -8.79 -20.52 -37.89
C TYR F 108 -10.24 -20.05 -37.84
N TRP F 109 -10.94 -20.12 -38.96
CA TRP F 109 -12.31 -19.64 -39.12
C TRP F 109 -13.17 -20.73 -39.74
N GLY F 110 -14.44 -20.79 -39.38
CA GLY F 110 -15.43 -21.51 -40.18
C GLY F 110 -15.75 -20.76 -41.47
N GLN F 111 -16.52 -21.35 -42.39
CA GLN F 111 -16.94 -20.69 -43.62
C GLN F 111 -17.96 -19.56 -43.37
N GLY F 112 -18.62 -19.55 -42.21
CA GLY F 112 -19.62 -18.57 -41.82
C GLY F 112 -20.99 -18.85 -42.43
N THR F 113 -22.03 -18.39 -41.73
CA THR F 113 -23.44 -18.62 -42.07
C THR F 113 -24.21 -17.31 -42.04
N SER F 114 -25.05 -17.04 -43.04
CA SER F 114 -25.90 -15.84 -43.02
C SER F 114 -27.12 -16.02 -42.11
N VAL F 115 -27.58 -14.92 -41.52
CA VAL F 115 -28.82 -14.86 -40.74
C VAL F 115 -29.66 -13.68 -41.23
N THR F 116 -30.91 -13.94 -41.58
CA THR F 116 -31.89 -12.92 -41.98
C THR F 116 -32.93 -12.70 -40.88
N VAL F 117 -33.21 -11.42 -40.58
CA VAL F 117 -34.20 -11.01 -39.57
C VAL F 117 -35.13 -9.98 -40.20
N SER F 118 -36.45 -10.20 -40.20
CA SER F 118 -37.41 -9.35 -40.92
C SER F 118 -38.86 -9.55 -40.47
N SER F 119 -39.73 -8.56 -40.72
CA SER F 119 -41.07 -8.43 -40.15
C SER F 119 -42.17 -9.04 -41.01
N SER G 116 28.76 -52.75 -27.00
CA SER G 116 29.13 -52.60 -25.58
C SER G 116 28.20 -53.47 -24.72
N SER G 117 28.67 -54.64 -24.24
CA SER G 117 27.77 -55.80 -23.99
C SER G 117 28.02 -56.66 -22.71
N ALA G 118 28.93 -56.27 -21.82
CA ALA G 118 29.61 -57.20 -20.90
C ALA G 118 28.77 -58.28 -20.18
N SER G 119 29.17 -59.54 -20.34
CA SER G 119 28.89 -60.59 -19.36
C SER G 119 29.98 -60.56 -18.30
N THR G 120 29.65 -61.02 -17.09
CA THR G 120 30.54 -60.91 -15.92
C THR G 120 31.86 -61.64 -16.16
N LYS G 121 33.00 -60.93 -16.30
CA LYS G 121 34.34 -61.54 -16.45
C LYS G 121 35.45 -60.79 -15.72
N GLY G 122 36.39 -61.55 -15.14
CA GLY G 122 37.36 -61.07 -14.16
C GLY G 122 38.65 -60.50 -14.76
N PRO G 123 39.37 -59.64 -14.01
CA PRO G 123 40.58 -58.99 -14.50
C PRO G 123 41.77 -59.92 -14.67
N SER G 124 42.60 -59.62 -15.67
CA SER G 124 44.00 -60.06 -15.75
C SER G 124 44.89 -59.08 -15.00
N VAL G 125 45.95 -59.53 -14.32
CA VAL G 125 46.81 -58.67 -13.50
C VAL G 125 48.29 -58.94 -13.75
N PHE G 126 49.11 -57.89 -13.87
CA PHE G 126 50.56 -58.00 -14.08
C PHE G 126 51.32 -56.82 -13.43
N PRO G 127 52.19 -57.03 -12.41
CA PRO G 127 53.12 -56.04 -11.90
C PRO G 127 54.43 -56.05 -12.69
N LEU G 128 54.97 -54.88 -13.03
CA LEU G 128 56.22 -54.73 -13.76
C LEU G 128 57.31 -54.11 -12.86
N ALA G 129 58.49 -54.72 -12.79
CA ALA G 129 59.62 -54.19 -12.03
C ALA G 129 60.26 -52.95 -12.72
N PRO G 130 60.75 -51.94 -11.97
CA PRO G 130 61.27 -50.69 -12.53
C PRO G 130 62.65 -50.78 -13.21
N SER G 131 63.03 -49.73 -13.94
CA SER G 131 64.32 -49.58 -14.64
C SER G 131 65.57 -49.73 -13.75
N SER G 132 65.55 -49.10 -12.57
CA SER G 132 66.77 -48.79 -11.79
C SER G 132 66.51 -48.83 -10.28
N ALA G 140 62.42 -44.76 -7.93
CA ALA G 140 61.77 -45.99 -8.37
C ALA G 140 60.27 -46.02 -8.03
N ALA G 141 59.49 -46.74 -8.84
CA ALA G 141 58.05 -46.91 -8.68
C ALA G 141 57.59 -48.29 -9.21
N LEU G 142 56.56 -48.90 -8.63
CA LEU G 142 56.02 -50.19 -9.10
C LEU G 142 54.63 -50.00 -9.69
N GLY G 143 54.39 -50.50 -10.90
CA GLY G 143 53.09 -50.42 -11.57
C GLY G 143 52.49 -51.80 -11.82
N CYS G 144 51.27 -52.08 -11.36
CA CYS G 144 50.50 -53.26 -11.78
C CYS G 144 49.23 -52.87 -12.47
N LEU G 145 48.96 -53.51 -13.61
CA LEU G 145 47.85 -53.18 -14.48
C LEU G 145 46.78 -54.26 -14.40
N VAL G 146 45.54 -53.85 -14.17
CA VAL G 146 44.37 -54.71 -13.97
C VAL G 146 43.49 -54.55 -15.22
N LYS G 147 43.67 -55.46 -16.20
CA LYS G 147 43.45 -55.17 -17.64
C LYS G 147 42.00 -55.06 -18.12
N ASP G 148 41.24 -56.14 -18.31
CA ASP G 148 39.85 -56.09 -18.81
C ASP G 148 38.88 -56.76 -17.81
N TYR G 149 37.90 -56.04 -17.24
CA TYR G 149 36.94 -56.64 -16.28
C TYR G 149 35.57 -55.96 -16.18
N PHE G 150 34.55 -56.69 -15.72
CA PHE G 150 33.19 -56.19 -15.47
C PHE G 150 32.29 -57.19 -14.68
N PRO G 151 31.34 -56.76 -13.80
CA PRO G 151 31.02 -55.38 -13.35
C PRO G 151 32.16 -54.65 -12.65
N GLU G 152 32.04 -53.32 -12.64
CA GLU G 152 33.06 -52.39 -12.15
C GLU G 152 32.80 -51.90 -10.70
N PRO G 153 33.36 -52.60 -9.69
CA PRO G 153 33.67 -52.02 -8.40
C PRO G 153 35.05 -52.48 -7.90
N VAL G 154 36.07 -52.54 -8.75
CA VAL G 154 37.37 -53.14 -8.38
C VAL G 154 38.11 -52.34 -7.30
N THR G 155 38.81 -53.04 -6.41
CA THR G 155 39.71 -52.46 -5.39
C THR G 155 41.06 -53.19 -5.38
N VAL G 156 42.16 -52.45 -5.31
CA VAL G 156 43.53 -52.96 -5.46
C VAL G 156 44.34 -52.77 -4.18
N SER G 157 45.16 -53.75 -3.82
CA SER G 157 45.87 -53.79 -2.54
C SER G 157 47.36 -54.09 -2.71
N TRP G 158 48.22 -53.32 -2.02
CA TRP G 158 49.68 -53.45 -2.09
C TRP G 158 50.26 -54.08 -0.82
N ASN G 159 51.11 -55.10 -0.98
CA ASN G 159 51.58 -55.99 0.09
C ASN G 159 50.40 -56.55 0.93
N SER G 160 49.28 -56.84 0.26
CA SER G 160 47.99 -57.27 0.83
C SER G 160 47.45 -56.34 1.93
N GLY G 161 47.76 -55.03 1.87
CA GLY G 161 47.35 -54.00 2.81
C GLY G 161 48.46 -53.51 3.74
N ALA G 162 49.62 -54.19 3.76
CA ALA G 162 50.75 -53.80 4.60
C ALA G 162 51.43 -52.48 4.15
N LEU G 163 51.14 -51.96 2.95
CA LEU G 163 51.54 -50.60 2.53
C LEU G 163 50.39 -49.88 1.81
N THR G 164 50.11 -48.64 2.20
CA THR G 164 49.03 -47.79 1.65
C THR G 164 49.45 -46.36 1.35
N SER G 165 50.63 -45.93 1.80
CA SER G 165 51.22 -44.63 1.46
C SER G 165 51.77 -44.61 0.03
N GLY G 166 51.61 -43.50 -0.69
CA GLY G 166 52.22 -43.33 -2.01
C GLY G 166 51.58 -44.10 -3.16
N VAL G 167 50.37 -44.63 -2.96
CA VAL G 167 49.56 -45.28 -4.00
C VAL G 167 48.84 -44.26 -4.89
N HIS G 168 48.78 -44.50 -6.20
CA HIS G 168 47.89 -43.84 -7.16
C HIS G 168 47.34 -44.84 -8.15
N THR G 169 46.07 -45.20 -8.00
CA THR G 169 45.32 -45.88 -9.06
C THR G 169 44.84 -44.83 -10.07
N PHE G 170 45.34 -44.90 -11.30
CA PHE G 170 44.99 -43.93 -12.34
C PHE G 170 43.56 -44.18 -12.82
N PRO G 171 42.81 -43.13 -13.22
CA PRO G 171 41.43 -43.27 -13.67
C PRO G 171 41.27 -44.36 -14.74
N ALA G 172 40.22 -45.17 -14.61
CA ALA G 172 40.04 -46.35 -15.44
C ALA G 172 39.59 -45.99 -16.88
N VAL G 173 39.97 -46.84 -17.83
CA VAL G 173 39.60 -46.73 -19.25
C VAL G 173 38.20 -47.33 -19.51
N LEU G 174 37.56 -47.04 -20.66
CA LEU G 174 36.52 -47.93 -21.23
C LEU G 174 36.76 -48.26 -22.71
N GLN G 175 36.55 -49.53 -23.09
CA GLN G 175 36.81 -50.08 -24.42
C GLN G 175 35.54 -50.17 -25.30
N SER G 176 35.70 -50.38 -26.60
CA SER G 176 34.59 -50.59 -27.56
C SER G 176 33.77 -51.88 -27.33
N SER G 177 34.29 -52.84 -26.55
CA SER G 177 33.55 -54.00 -26.05
C SER G 177 32.65 -53.69 -24.84
N GLY G 178 32.92 -52.59 -24.13
CA GLY G 178 32.24 -52.19 -22.90
C GLY G 178 32.99 -52.54 -21.61
N LEU G 179 34.23 -53.00 -21.71
CA LEU G 179 35.08 -53.41 -20.58
C LEU G 179 35.87 -52.24 -19.99
N TYR G 180 36.38 -52.43 -18.78
CA TYR G 180 37.11 -51.43 -18.00
C TYR G 180 38.54 -51.90 -17.67
N SER G 181 39.46 -50.94 -17.50
CA SER G 181 40.89 -51.18 -17.22
C SER G 181 41.47 -50.21 -16.22
N LEU G 182 42.30 -50.66 -15.29
CA LEU G 182 42.80 -49.82 -14.19
C LEU G 182 44.32 -49.96 -13.99
N SER G 183 45.03 -48.84 -13.83
CA SER G 183 46.50 -48.82 -13.65
C SER G 183 46.84 -48.48 -12.21
N SER G 184 47.52 -49.36 -11.49
CA SER G 184 47.85 -49.17 -10.08
C SER G 184 49.34 -48.90 -9.91
N VAL G 185 49.73 -47.80 -9.25
CA VAL G 185 51.14 -47.39 -9.11
C VAL G 185 51.50 -47.08 -7.67
N VAL G 186 52.70 -47.44 -7.20
CA VAL G 186 53.31 -46.93 -5.96
C VAL G 186 54.59 -46.16 -6.22
N THR G 187 54.79 -45.02 -5.55
CA THR G 187 56.06 -44.28 -5.52
C THR G 187 56.84 -44.63 -4.25
N VAL G 188 58.00 -45.28 -4.34
CA VAL G 188 58.87 -45.60 -3.18
C VAL G 188 60.26 -46.09 -3.62
N PRO G 189 61.37 -45.55 -3.05
CA PRO G 189 62.70 -46.15 -3.14
C PRO G 189 62.76 -47.55 -2.46
N SER G 190 62.60 -48.62 -3.24
CA SER G 190 62.63 -50.02 -2.78
C SER G 190 64.00 -50.40 -2.25
N THR G 197 60.16 -57.87 -3.09
CA THR G 197 59.31 -58.50 -2.06
C THR G 197 57.81 -58.39 -2.38
N TYR G 198 57.44 -57.45 -3.25
CA TYR G 198 56.11 -56.85 -3.31
C TYR G 198 54.99 -57.73 -3.87
N ILE G 199 53.78 -57.55 -3.33
CA ILE G 199 52.52 -58.16 -3.80
C ILE G 199 51.57 -57.09 -4.35
N CYS G 200 51.05 -57.30 -5.55
CA CYS G 200 49.85 -56.64 -6.06
C CYS G 200 48.72 -57.66 -6.00
N ASN G 201 47.65 -57.41 -5.26
CA ASN G 201 46.48 -58.29 -5.28
C ASN G 201 45.15 -57.53 -5.29
N VAL G 202 44.10 -58.19 -5.79
CA VAL G 202 42.88 -57.54 -6.26
C VAL G 202 41.65 -58.33 -5.80
N ASN G 203 40.93 -57.81 -4.82
CA ASN G 203 39.71 -58.41 -4.29
C ASN G 203 38.47 -57.97 -5.07
N HIS G 204 38.47 -58.28 -6.37
CA HIS G 204 37.36 -58.01 -7.29
C HIS G 204 36.09 -58.77 -6.89
N LYS G 205 34.91 -58.14 -7.05
CA LYS G 205 33.71 -58.55 -6.29
C LYS G 205 32.82 -59.58 -7.00
N PRO G 206 32.21 -59.31 -8.19
CA PRO G 206 31.14 -60.18 -8.68
C PRO G 206 31.64 -61.44 -9.40
N SER G 207 32.87 -61.44 -9.92
CA SER G 207 33.62 -62.68 -10.21
C SER G 207 34.65 -62.88 -9.11
N ASN G 208 34.71 -64.05 -8.48
CA ASN G 208 35.57 -64.31 -7.32
C ASN G 208 37.05 -64.52 -7.69
N THR G 209 37.47 -63.95 -8.82
CA THR G 209 38.86 -63.86 -9.28
C THR G 209 39.62 -62.88 -8.39
N LYS G 210 40.07 -63.36 -7.22
CA LYS G 210 40.85 -62.68 -6.19
C LYS G 210 42.34 -62.63 -6.56
N VAL G 211 42.64 -62.02 -7.71
CA VAL G 211 43.93 -62.22 -8.40
C VAL G 211 45.12 -61.72 -7.57
N ASP G 212 46.23 -62.45 -7.63
CA ASP G 212 47.42 -62.28 -6.80
C ASP G 212 48.69 -62.34 -7.65
N LYS G 213 49.62 -61.40 -7.47
CA LYS G 213 50.91 -61.34 -8.20
C LYS G 213 52.07 -60.86 -7.32
N LYS G 214 53.28 -61.34 -7.63
CA LYS G 214 54.51 -61.25 -6.82
C LYS G 214 55.71 -60.72 -7.62
N VAL G 215 56.62 -60.00 -6.97
CA VAL G 215 57.98 -59.73 -7.46
C VAL G 215 59.03 -60.06 -6.38
N GLU G 216 60.23 -60.46 -6.77
CA GLU G 216 61.35 -60.72 -5.84
C GLU G 216 62.17 -59.43 -5.54
N PRO G 217 62.79 -59.29 -4.36
CA PRO G 217 63.60 -58.12 -4.03
C PRO G 217 64.81 -57.98 -4.97
N LYS H 105 50.99 -21.81 -14.52
CA LYS H 105 52.34 -22.13 -15.03
C LYS H 105 53.25 -22.60 -13.87
N ARG H 106 53.39 -23.93 -13.75
CA ARG H 106 54.59 -24.58 -13.20
C ARG H 106 55.68 -24.54 -14.29
N THR H 107 56.96 -24.68 -13.95
CA THR H 107 58.02 -24.52 -14.97
C THR H 107 57.93 -25.62 -16.04
N VAL H 108 58.00 -25.30 -17.33
CA VAL H 108 57.67 -26.28 -18.39
C VAL H 108 58.67 -27.45 -18.44
N ALA H 109 58.19 -28.66 -18.75
CA ALA H 109 59.00 -29.88 -18.75
C ALA H 109 58.52 -30.91 -19.78
N ALA H 110 59.29 -31.06 -20.86
CA ALA H 110 59.26 -32.25 -21.71
C ALA H 110 59.46 -33.56 -20.89
N PRO H 111 58.92 -34.71 -21.34
CA PRO H 111 58.75 -35.91 -20.51
C PRO H 111 60.05 -36.55 -20.03
N SER H 112 59.89 -37.52 -19.13
CA SER H 112 60.83 -38.62 -18.94
C SER H 112 60.10 -39.94 -19.18
N VAL H 113 60.79 -40.96 -19.70
CA VAL H 113 60.15 -42.21 -20.17
C VAL H 113 60.86 -43.43 -19.63
N PHE H 114 60.11 -44.38 -19.09
CA PHE H 114 60.64 -45.63 -18.55
C PHE H 114 59.84 -46.82 -19.09
N ILE H 115 60.53 -47.79 -19.69
CA ILE H 115 59.88 -49.01 -20.15
C ILE H 115 59.64 -49.94 -18.96
N PHE H 116 58.49 -50.60 -18.95
CA PHE H 116 58.08 -51.58 -17.95
C PHE H 116 57.94 -52.96 -18.64
N PRO H 117 59.05 -53.74 -18.74
CA PRO H 117 59.08 -55.04 -19.41
C PRO H 117 58.59 -56.18 -18.50
N PRO H 118 58.27 -57.36 -19.06
CA PRO H 118 57.81 -58.51 -18.28
C PRO H 118 58.87 -59.05 -17.33
N SER H 119 58.40 -59.68 -16.25
CA SER H 119 59.22 -60.38 -15.24
C SER H 119 59.80 -61.71 -15.79
N ASP H 120 60.68 -62.34 -15.01
CA ASP H 120 61.11 -63.73 -15.23
C ASP H 120 59.96 -64.76 -15.04
N GLU H 121 58.87 -64.36 -14.38
CA GLU H 121 57.70 -65.21 -14.05
C GLU H 121 56.60 -65.16 -15.13
N GLN H 122 56.32 -63.99 -15.71
CA GLN H 122 55.13 -63.73 -16.52
C GLN H 122 55.06 -64.55 -17.83
N LEU H 123 56.21 -64.71 -18.49
CA LEU H 123 56.33 -65.33 -19.82
C LEU H 123 55.96 -66.83 -19.86
N LYS H 124 55.80 -67.48 -18.71
CA LYS H 124 55.27 -68.85 -18.58
C LYS H 124 53.81 -68.99 -19.04
N SER H 125 53.06 -67.88 -19.11
CA SER H 125 51.62 -67.85 -19.42
C SER H 125 51.25 -67.79 -20.92
N GLY H 126 52.21 -67.68 -21.84
CA GLY H 126 51.98 -67.64 -23.29
C GLY H 126 51.64 -66.25 -23.88
N THR H 127 51.29 -65.28 -23.03
CA THR H 127 51.05 -63.87 -23.41
C THR H 127 51.70 -62.91 -22.40
N ALA H 128 51.88 -61.65 -22.79
CA ALA H 128 52.56 -60.65 -21.99
C ALA H 128 51.83 -59.30 -22.04
N SER H 129 51.91 -58.57 -20.94
CA SER H 129 51.49 -57.18 -20.81
C SER H 129 52.76 -56.33 -20.74
N VAL H 130 53.16 -55.71 -21.85
CA VAL H 130 54.36 -54.88 -21.92
C VAL H 130 53.97 -53.41 -21.93
N VAL H 131 54.68 -52.59 -21.17
CA VAL H 131 54.14 -51.35 -20.62
C VAL H 131 55.16 -50.22 -20.73
N CYS H 132 54.70 -48.98 -20.79
CA CYS H 132 55.54 -47.82 -20.97
C CYS H 132 54.98 -46.67 -20.13
N LEU H 133 55.75 -46.22 -19.14
CA LEU H 133 55.36 -45.23 -18.14
C LEU H 133 55.90 -43.85 -18.52
N LEU H 134 55.02 -42.85 -18.55
CA LEU H 134 55.35 -41.46 -18.85
C LEU H 134 55.27 -40.65 -17.57
N ASN H 135 56.35 -39.99 -17.19
CA ASN H 135 56.47 -39.40 -15.87
C ASN H 135 57.19 -38.05 -15.92
N ASN H 136 56.93 -37.18 -14.94
CA ASN H 136 57.49 -35.83 -14.83
C ASN H 136 57.07 -34.82 -15.91
N PHE H 137 56.25 -35.20 -16.92
CA PHE H 137 55.86 -34.33 -18.04
C PHE H 137 54.87 -33.20 -17.68
N TYR H 138 54.69 -32.26 -18.61
CA TYR H 138 53.80 -31.09 -18.46
C TYR H 138 53.56 -30.37 -19.82
N PRO H 139 52.51 -29.55 -19.98
CA PRO H 139 51.23 -29.57 -19.27
C PRO H 139 50.31 -30.60 -19.95
N ARG H 140 49.43 -31.25 -19.17
CA ARG H 140 48.83 -32.56 -19.54
C ARG H 140 48.27 -32.62 -20.96
N GLU H 141 48.74 -33.60 -21.74
CA GLU H 141 48.51 -33.71 -23.17
C GLU H 141 49.76 -34.18 -23.92
N ALA H 142 50.00 -35.49 -23.89
CA ALA H 142 50.99 -36.23 -24.69
C ALA H 142 50.33 -37.48 -25.31
N LYS H 143 51.01 -38.18 -26.22
CA LYS H 143 50.51 -39.44 -26.80
C LYS H 143 51.61 -40.48 -27.01
N VAL H 144 51.25 -41.76 -27.05
CA VAL H 144 52.18 -42.90 -27.15
C VAL H 144 51.81 -43.80 -28.32
N GLN H 145 52.79 -44.24 -29.10
CA GLN H 145 52.63 -45.14 -30.25
C GLN H 145 53.48 -46.40 -30.08
N TRP H 146 52.98 -47.56 -30.53
CA TRP H 146 53.62 -48.85 -30.29
C TRP H 146 54.16 -49.51 -31.56
N LYS H 147 55.40 -49.99 -31.49
CA LYS H 147 56.18 -50.59 -32.58
C LYS H 147 56.59 -52.03 -32.25
N VAL H 148 56.74 -52.86 -33.29
CA VAL H 148 56.97 -54.31 -33.25
C VAL H 148 56.08 -55.05 -32.24
N SER H 154 50.80 -51.96 -31.85
CA SER H 154 49.59 -51.14 -32.07
C SER H 154 48.31 -51.98 -32.14
N GLY H 155 47.14 -51.33 -31.97
CA GLY H 155 45.81 -51.95 -31.93
C GLY H 155 45.46 -52.65 -30.60
N ASN H 156 46.38 -53.45 -30.07
CA ASN H 156 46.27 -54.14 -28.78
C ASN H 156 46.61 -53.24 -27.56
N SER H 157 46.27 -51.94 -27.58
CA SER H 157 46.79 -50.94 -26.65
C SER H 157 45.71 -50.22 -25.81
N GLN H 158 46.06 -49.91 -24.57
CA GLN H 158 45.24 -49.16 -23.60
C GLN H 158 46.13 -48.19 -22.81
N GLU H 159 45.62 -47.02 -22.42
CA GLU H 159 46.40 -45.99 -21.70
C GLU H 159 45.54 -45.03 -20.87
N SER H 160 46.14 -44.37 -19.88
CA SER H 160 45.49 -43.40 -18.99
C SER H 160 46.45 -42.31 -18.51
N VAL H 161 45.95 -41.09 -18.29
CA VAL H 161 46.65 -39.99 -17.62
C VAL H 161 46.04 -39.79 -16.23
N THR H 162 46.87 -39.69 -15.19
CA THR H 162 46.40 -39.34 -13.84
C THR H 162 46.72 -37.90 -13.48
N GLU H 163 46.24 -37.48 -12.32
CA GLU H 163 46.38 -36.14 -11.78
C GLU H 163 47.83 -35.72 -11.48
N GLN H 164 47.96 -34.45 -11.14
CA GLN H 164 49.20 -33.76 -10.84
C GLN H 164 50.01 -34.44 -9.72
N ASP H 165 51.35 -34.45 -9.79
CA ASP H 165 52.21 -35.03 -8.73
C ASP H 165 52.25 -34.17 -7.45
N SER H 166 52.28 -34.82 -6.29
CA SER H 166 52.06 -34.20 -4.98
C SER H 166 53.22 -33.38 -4.39
N LYS H 167 54.40 -33.32 -5.03
CA LYS H 167 55.59 -32.64 -4.48
C LYS H 167 56.36 -31.74 -5.46
N ASP H 168 56.21 -31.96 -6.76
CA ASP H 168 56.80 -31.15 -7.84
C ASP H 168 55.74 -30.70 -8.88
N SER H 169 54.50 -31.19 -8.77
CA SER H 169 53.33 -30.77 -9.54
C SER H 169 53.44 -30.90 -11.07
N THR H 170 54.22 -31.87 -11.53
CA THR H 170 54.20 -32.41 -12.90
C THR H 170 53.02 -33.38 -13.11
N TYR H 171 53.05 -34.28 -14.10
CA TYR H 171 52.02 -35.31 -14.32
C TYR H 171 52.60 -36.73 -14.47
N SER H 172 51.74 -37.75 -14.36
CA SER H 172 52.04 -39.14 -14.70
C SER H 172 50.99 -39.72 -15.66
N LEU H 173 51.43 -40.65 -16.51
CA LEU H 173 50.64 -41.33 -17.53
C LEU H 173 51.18 -42.75 -17.66
N SER H 174 50.36 -43.73 -18.00
CA SER H 174 50.85 -45.09 -18.25
C SER H 174 50.12 -45.72 -19.43
N SER H 175 50.80 -46.59 -20.16
CA SER H 175 50.32 -47.12 -21.43
C SER H 175 50.80 -48.55 -21.66
N THR H 176 50.10 -49.30 -22.51
CA THR H 176 50.26 -50.75 -22.64
C THR H 176 50.21 -51.25 -24.07
N LEU H 177 50.78 -52.43 -24.27
CA LEU H 177 50.53 -53.32 -25.39
C LEU H 177 50.33 -54.74 -24.84
N THR H 178 49.32 -55.47 -25.31
CA THR H 178 49.13 -56.88 -24.96
C THR H 178 49.57 -57.77 -26.12
N LEU H 179 50.43 -58.75 -25.82
CA LEU H 179 51.36 -59.32 -26.79
C LEU H 179 51.55 -60.83 -26.54
N SER H 180 52.11 -61.58 -27.49
CA SER H 180 52.19 -63.05 -27.40
C SER H 180 53.63 -63.57 -27.34
N LYS H 181 53.84 -64.79 -26.84
CA LYS H 181 55.15 -65.46 -26.90
C LYS H 181 55.67 -65.66 -28.34
N ALA H 182 54.80 -65.59 -29.35
CA ALA H 182 55.17 -65.62 -30.75
C ALA H 182 55.72 -64.28 -31.30
N ASP H 183 55.53 -63.15 -30.61
CA ASP H 183 55.93 -61.83 -31.13
C ASP H 183 56.57 -60.84 -30.12
N TYR H 184 56.63 -61.15 -28.82
CA TYR H 184 57.36 -60.31 -27.85
C TYR H 184 58.88 -60.23 -28.12
N GLU H 185 59.52 -61.37 -28.39
CA GLU H 185 60.99 -61.47 -28.47
C GLU H 185 61.58 -61.06 -29.83
N LYS H 186 60.76 -60.54 -30.76
CA LYS H 186 61.18 -60.09 -32.09
C LYS H 186 62.16 -58.90 -32.00
N ALA H 191 59.08 -51.35 -29.46
CA ALA H 191 59.36 -50.17 -28.64
C ALA H 191 58.14 -49.22 -28.52
N CYS H 192 58.10 -48.41 -27.46
CA CYS H 192 57.15 -47.32 -27.33
C CYS H 192 57.81 -45.99 -27.70
N GLU H 193 57.18 -45.21 -28.58
CA GLU H 193 57.59 -43.84 -28.90
C GLU H 193 56.55 -42.85 -28.38
N VAL H 194 57.01 -41.77 -27.75
CA VAL H 194 56.14 -40.76 -27.14
C VAL H 194 56.22 -39.48 -27.94
N THR H 195 55.08 -38.96 -28.37
CA THR H 195 55.03 -37.63 -29.00
C THR H 195 54.55 -36.64 -27.96
N HIS H 196 55.36 -35.61 -27.73
CA HIS H 196 54.99 -34.46 -26.94
C HIS H 196 55.49 -33.18 -27.60
N GLN H 197 54.65 -32.14 -27.65
CA GLN H 197 54.96 -30.82 -28.22
C GLN H 197 55.92 -29.95 -27.39
N GLY H 198 56.22 -30.31 -26.13
CA GLY H 198 57.08 -29.51 -25.23
C GLY H 198 58.56 -29.53 -25.59
N LEU H 199 58.98 -30.44 -26.48
CA LEU H 199 60.29 -30.43 -27.15
C LEU H 199 60.13 -30.71 -28.65
N SER H 200 61.16 -30.43 -29.44
CA SER H 200 61.11 -30.46 -30.91
C SER H 200 60.96 -31.85 -31.55
N SER H 201 61.01 -32.94 -30.77
CA SER H 201 61.02 -34.32 -31.27
C SER H 201 60.42 -35.32 -30.26
N PRO H 202 59.89 -36.48 -30.69
CA PRO H 202 59.61 -37.62 -29.82
C PRO H 202 60.80 -38.11 -28.97
N VAL H 203 60.53 -39.02 -28.03
CA VAL H 203 61.56 -39.93 -27.46
C VAL H 203 61.06 -41.36 -27.37
N THR H 204 61.97 -42.33 -27.43
CA THR H 204 61.67 -43.75 -27.63
C THR H 204 62.56 -44.63 -26.76
N LYS H 205 62.05 -45.75 -26.22
CA LYS H 205 62.89 -46.87 -25.76
C LYS H 205 62.20 -48.23 -25.90
N SER H 206 63.03 -49.27 -25.99
CA SER H 206 62.63 -50.64 -26.34
C SER H 206 62.60 -51.59 -25.13
N PHE H 207 61.57 -52.43 -25.06
CA PHE H 207 61.48 -53.52 -24.09
C PHE H 207 62.50 -54.62 -24.37
N SER I 116 -11.16 -1.43 -62.98
CA SER I 116 -10.98 -1.73 -64.43
C SER I 116 -9.57 -2.25 -64.70
N SER I 117 -9.32 -3.06 -65.71
CA SER I 117 -7.95 -3.28 -66.20
C SER I 117 -7.28 -1.96 -66.67
N ALA I 118 -8.06 -0.95 -67.05
CA ALA I 118 -7.59 0.22 -67.78
C ALA I 118 -8.40 1.51 -67.51
N SER I 119 -7.87 2.63 -67.99
CA SER I 119 -8.45 3.98 -67.89
C SER I 119 -9.77 4.20 -68.66
N THR I 120 -10.17 5.47 -68.66
CA THR I 120 -11.53 6.01 -68.73
C THR I 120 -12.40 5.57 -69.90
N LYS I 121 -13.62 5.09 -69.64
CA LYS I 121 -14.70 4.97 -70.65
C LYS I 121 -16.10 5.17 -70.07
N GLY I 122 -16.99 5.78 -70.85
CA GLY I 122 -18.30 6.27 -70.41
C GLY I 122 -19.42 5.24 -70.50
N PRO I 123 -20.48 5.37 -69.68
CA PRO I 123 -21.58 4.41 -69.65
C PRO I 123 -22.46 4.41 -70.90
N SER I 124 -22.95 3.23 -71.26
CA SER I 124 -24.16 3.06 -72.10
C SER I 124 -25.40 3.16 -71.22
N VAL I 125 -26.50 3.74 -71.69
CA VAL I 125 -27.74 3.94 -70.91
C VAL I 125 -28.98 3.55 -71.70
N PHE I 126 -29.92 2.83 -71.09
CA PHE I 126 -31.19 2.41 -71.70
C PHE I 126 -32.33 2.33 -70.66
N PRO I 127 -33.41 3.14 -70.74
CA PRO I 127 -34.64 2.97 -69.96
C PRO I 127 -35.61 2.01 -70.67
N LEU I 128 -36.23 1.11 -69.92
CA LEU I 128 -37.22 0.16 -70.45
C LEU I 128 -38.62 0.50 -69.89
N ALA I 129 -39.63 0.58 -70.77
CA ALA I 129 -41.02 0.80 -70.36
C ALA I 129 -41.65 -0.46 -69.71
N PRO I 130 -42.53 -0.33 -68.70
CA PRO I 130 -43.10 -1.46 -67.95
C PRO I 130 -44.15 -2.29 -68.72
N SER I 131 -44.49 -3.46 -68.17
CA SER I 131 -45.51 -4.40 -68.68
C SER I 131 -46.91 -3.80 -68.88
N SER I 132 -47.39 -3.03 -67.90
CA SER I 132 -48.82 -2.72 -67.72
C SER I 132 -49.04 -1.32 -67.13
N ALA I 140 -46.78 -0.17 -61.45
CA ALA I 140 -45.78 0.08 -62.48
C ALA I 140 -44.48 0.69 -61.93
N ALA I 141 -43.36 0.44 -62.62
CA ALA I 141 -42.03 0.95 -62.27
C ALA I 141 -41.18 1.16 -63.52
N LEU I 142 -40.27 2.13 -63.54
CA LEU I 142 -39.37 2.39 -64.68
C LEU I 142 -37.93 2.05 -64.29
N GLY I 143 -37.24 1.27 -65.11
CA GLY I 143 -35.85 0.88 -64.87
C GLY I 143 -34.93 1.34 -66.00
N CYS I 144 -33.86 2.09 -65.71
CA CYS I 144 -32.80 2.35 -66.67
C CYS I 144 -31.45 1.81 -66.19
N LEU I 145 -30.74 1.13 -67.08
CA LEU I 145 -29.49 0.47 -66.75
C LEU I 145 -28.31 1.24 -67.35
N VAL I 146 -27.31 1.53 -66.53
CA VAL I 146 -26.11 2.31 -66.85
C VAL I 146 -24.95 1.30 -66.90
N LYS I 147 -24.65 0.76 -68.09
CA LYS I 147 -24.06 -0.58 -68.25
C LYS I 147 -22.58 -0.79 -67.92
N ASP I 148 -21.62 -0.05 -68.48
CA ASP I 148 -20.18 -0.32 -68.31
C ASP I 148 -19.39 1.00 -68.26
N TYR I 149 -18.83 1.40 -67.11
CA TYR I 149 -18.11 2.68 -66.98
C TYR I 149 -16.99 2.73 -65.94
N PHE I 150 -16.03 3.66 -66.10
CA PHE I 150 -14.90 3.90 -65.19
C PHE I 150 -14.13 5.20 -65.53
N PRO I 151 -13.51 5.94 -64.59
CA PRO I 151 -13.57 5.84 -63.12
C PRO I 151 -14.99 5.90 -62.53
N GLU I 152 -15.16 5.32 -61.34
CA GLU I 152 -16.46 5.12 -60.69
C GLU I 152 -16.77 6.19 -59.61
N PRO I 153 -17.48 7.27 -60.00
CA PRO I 153 -18.35 7.99 -59.09
C PRO I 153 -19.62 8.49 -59.83
N VAL I 154 -20.38 7.59 -60.46
CA VAL I 154 -21.58 7.96 -61.24
C VAL I 154 -22.73 8.50 -60.37
N THR I 155 -23.51 9.44 -60.91
CA THR I 155 -24.76 9.96 -60.34
C THR I 155 -25.86 9.98 -61.39
N VAL I 156 -27.09 9.60 -61.02
CA VAL I 156 -28.22 9.38 -61.95
C VAL I 156 -29.40 10.27 -61.58
N SER I 157 -30.13 10.78 -62.58
CA SER I 157 -31.19 11.75 -62.41
C SER I 157 -32.47 11.35 -63.15
N TRP I 158 -33.63 11.45 -62.49
CA TRP I 158 -34.94 11.17 -63.07
C TRP I 158 -35.72 12.47 -63.33
N ASN I 159 -36.22 12.66 -64.56
CA ASN I 159 -36.80 13.92 -65.03
C ASN I 159 -35.91 15.14 -64.75
N SER I 160 -34.59 14.97 -64.89
CA SER I 160 -33.56 15.96 -64.57
C SER I 160 -33.64 16.55 -63.14
N GLY I 161 -34.12 15.76 -62.17
CA GLY I 161 -34.31 16.14 -60.77
C GLY I 161 -35.75 16.54 -60.41
N ALA I 162 -36.66 16.62 -61.38
CA ALA I 162 -38.06 16.95 -61.12
C ALA I 162 -38.84 15.84 -60.37
N LEU I 163 -38.28 14.63 -60.21
CA LEU I 163 -38.86 13.56 -59.39
C LEU I 163 -37.77 12.73 -58.69
N THR I 164 -37.40 13.12 -57.47
CA THR I 164 -36.43 12.41 -56.61
C THR I 164 -37.07 11.37 -55.67
N SER I 165 -38.40 11.39 -55.52
CA SER I 165 -39.14 10.44 -54.67
C SER I 165 -39.23 9.05 -55.30
N GLY I 166 -39.09 7.99 -54.50
CA GLY I 166 -39.34 6.60 -54.94
C GLY I 166 -38.25 5.99 -55.83
N VAL I 167 -37.05 6.57 -55.85
CA VAL I 167 -35.87 6.04 -56.54
C VAL I 167 -35.17 4.96 -55.73
N HIS I 168 -34.66 3.92 -56.39
CA HIS I 168 -33.67 2.96 -55.88
C HIS I 168 -32.66 2.63 -56.96
N THR I 169 -31.47 3.21 -56.88
CA THR I 169 -30.29 2.73 -57.61
C THR I 169 -29.71 1.55 -56.86
N PHE I 170 -29.63 0.38 -57.50
CA PHE I 170 -29.08 -0.82 -56.88
C PHE I 170 -27.55 -0.72 -56.86
N PRO I 171 -26.87 -1.21 -55.80
CA PRO I 171 -25.41 -1.20 -55.72
C PRO I 171 -24.76 -1.77 -56.99
N ALA I 172 -23.71 -1.11 -57.46
CA ALA I 172 -23.15 -1.43 -58.76
C ALA I 172 -22.47 -2.81 -58.79
N VAL I 173 -22.46 -3.44 -59.96
CA VAL I 173 -21.71 -4.68 -60.26
C VAL I 173 -20.22 -4.37 -60.46
N LEU I 174 -19.33 -5.38 -60.40
CA LEU I 174 -18.03 -5.32 -61.09
C LEU I 174 -17.78 -6.53 -62.01
N GLN I 175 -17.31 -6.26 -63.23
CA GLN I 175 -17.10 -7.21 -64.32
C GLN I 175 -15.72 -7.88 -64.28
N SER I 176 -15.49 -8.92 -65.09
CA SER I 176 -14.16 -9.58 -65.24
C SER I 176 -13.11 -8.73 -65.96
N SER I 177 -13.53 -7.74 -66.76
CA SER I 177 -12.69 -6.64 -67.27
C SER I 177 -12.42 -5.55 -66.22
N GLY I 178 -13.18 -5.57 -65.12
CA GLY I 178 -13.12 -4.59 -64.04
C GLY I 178 -13.95 -3.33 -64.26
N LEU I 179 -14.86 -3.29 -65.23
CA LEU I 179 -15.84 -2.21 -65.36
C LEU I 179 -16.94 -2.31 -64.31
N TYR I 180 -17.78 -1.28 -64.21
CA TYR I 180 -18.90 -1.19 -63.28
C TYR I 180 -20.23 -0.98 -64.01
N SER I 181 -21.32 -1.46 -63.42
CA SER I 181 -22.69 -1.36 -63.94
C SER I 181 -23.69 -0.97 -62.87
N LEU I 182 -24.63 -0.08 -63.15
CA LEU I 182 -25.58 0.42 -62.15
C LEU I 182 -27.03 0.36 -62.64
N SER I 183 -27.94 -0.17 -61.82
CA SER I 183 -29.35 -0.37 -62.17
C SER I 183 -30.21 0.68 -61.46
N SER I 184 -30.89 1.56 -62.20
CA SER I 184 -31.65 2.66 -61.64
C SER I 184 -33.14 2.41 -61.79
N VAL I 185 -33.92 2.45 -60.71
CA VAL I 185 -35.36 2.11 -60.72
C VAL I 185 -36.19 3.20 -60.04
N VAL I 186 -37.39 3.50 -60.55
CA VAL I 186 -38.43 4.27 -59.82
C VAL I 186 -39.72 3.46 -59.65
N THR I 187 -40.36 3.57 -58.49
CA THR I 187 -41.71 3.03 -58.24
C THR I 187 -42.75 4.15 -58.32
N VAL I 188 -43.67 4.11 -59.28
CA VAL I 188 -44.77 5.10 -59.42
C VAL I 188 -45.83 4.66 -60.45
N PRO I 189 -47.13 4.70 -60.12
CA PRO I 189 -48.22 4.64 -61.11
C PRO I 189 -48.21 5.82 -62.11
N SER I 190 -47.63 5.63 -63.29
CA SER I 190 -47.56 6.63 -64.37
C SER I 190 -48.94 6.92 -64.95
N THR I 197 -43.52 10.25 -70.51
CA THR I 197 -42.89 11.58 -70.46
C THR I 197 -41.42 11.51 -70.02
N TYR I 198 -41.02 10.41 -69.37
CA TYR I 198 -39.88 10.35 -68.47
C TYR I 198 -38.48 10.44 -69.12
N ILE I 199 -37.56 11.05 -68.39
CA ILE I 199 -36.13 11.15 -68.70
C ILE I 199 -35.29 10.39 -67.67
N CYS I 200 -34.41 9.51 -68.14
CA CYS I 200 -33.27 9.00 -67.37
C CYS I 200 -32.03 9.71 -67.91
N ASN I 201 -31.29 10.45 -67.08
CA ASN I 201 -30.03 11.05 -67.52
C ASN I 201 -28.94 10.96 -66.46
N VAL I 202 -27.68 10.99 -66.91
CA VAL I 202 -26.51 10.57 -66.13
C VAL I 202 -25.36 11.54 -66.36
N ASN I 203 -25.09 12.40 -65.39
CA ASN I 203 -23.97 13.35 -65.41
C ASN I 203 -22.66 12.65 -64.98
N HIS I 204 -22.23 11.66 -65.77
CA HIS I 204 -21.03 10.89 -65.48
C HIS I 204 -19.76 11.74 -65.51
N LYS I 205 -18.76 11.36 -64.71
CA LYS I 205 -17.71 12.26 -64.21
C LYS I 205 -16.49 12.38 -65.13
N PRO I 206 -15.31 11.74 -64.96
CA PRO I 206 -14.17 12.00 -65.83
C PRO I 206 -14.39 11.82 -67.36
N SER I 207 -15.35 11.02 -67.82
CA SER I 207 -15.60 10.87 -69.27
C SER I 207 -16.41 12.01 -69.90
N ASN I 208 -17.05 12.87 -69.10
CA ASN I 208 -18.01 13.92 -69.51
C ASN I 208 -19.17 13.45 -70.43
N THR I 209 -19.39 12.14 -70.55
CA THR I 209 -20.55 11.57 -71.28
C THR I 209 -21.81 11.76 -70.44
N LYS I 210 -22.47 12.91 -70.64
CA LYS I 210 -23.71 13.36 -69.99
C LYS I 210 -24.94 12.68 -70.60
N VAL I 211 -25.00 11.35 -70.52
CA VAL I 211 -25.94 10.55 -71.33
C VAL I 211 -27.39 10.82 -70.96
N ASP I 212 -28.26 10.84 -71.96
CA ASP I 212 -29.66 11.28 -71.88
C ASP I 212 -30.57 10.29 -72.64
N LYS I 213 -31.70 9.88 -72.03
CA LYS I 213 -32.68 8.95 -72.62
C LYS I 213 -34.13 9.29 -72.22
N LYS I 214 -35.09 8.92 -73.09
CA LYS I 214 -36.49 9.38 -73.11
C LYS I 214 -37.50 8.23 -73.30
N VAL I 215 -38.72 8.39 -72.81
CA VAL I 215 -39.89 7.54 -73.13
C VAL I 215 -41.16 8.40 -73.32
N GLU I 216 -42.16 7.88 -74.02
CA GLU I 216 -43.47 8.54 -74.20
C GLU I 216 -44.45 8.33 -73.02
N PRO I 217 -45.46 9.19 -72.83
CA PRO I 217 -46.53 8.96 -71.86
C PRO I 217 -47.34 7.71 -72.24
N LYS J 105 -38.84 -13.41 -40.08
CA LYS J 105 -39.73 -13.93 -41.15
C LYS J 105 -40.89 -12.95 -41.39
N ARG J 106 -40.87 -12.26 -42.54
CA ARG J 106 -42.10 -11.80 -43.22
C ARG J 106 -42.71 -13.01 -43.93
N THR J 107 -43.96 -12.96 -44.37
CA THR J 107 -44.64 -14.18 -44.87
C THR J 107 -43.98 -14.72 -46.15
N VAL J 108 -43.67 -16.02 -46.23
CA VAL J 108 -42.84 -16.56 -47.33
C VAL J 108 -43.48 -16.39 -48.73
N ALA J 109 -42.66 -16.35 -49.79
CA ALA J 109 -43.13 -16.13 -51.16
C ALA J 109 -42.28 -16.86 -52.22
N ALA J 110 -42.88 -17.10 -53.37
CA ALA J 110 -42.23 -17.21 -54.67
C ALA J 110 -41.72 -15.82 -55.17
N PRO J 111 -41.09 -15.69 -56.35
CA PRO J 111 -40.94 -14.40 -57.01
C PRO J 111 -42.23 -13.91 -57.68
N SER J 112 -42.16 -12.72 -58.28
CA SER J 112 -42.97 -12.32 -59.44
C SER J 112 -42.02 -11.78 -60.51
N VAL J 113 -42.32 -11.94 -61.79
CA VAL J 113 -41.36 -11.67 -62.89
C VAL J 113 -41.97 -10.81 -63.98
N PHE J 114 -41.24 -9.77 -64.40
CA PHE J 114 -41.64 -8.87 -65.48
C PHE J 114 -40.50 -8.68 -66.48
N ILE J 115 -40.75 -8.95 -67.76
CA ILE J 115 -39.76 -8.70 -68.80
C ILE J 115 -39.75 -7.20 -69.15
N PHE J 116 -38.57 -6.65 -69.39
CA PHE J 116 -38.31 -5.27 -69.77
C PHE J 116 -37.71 -5.24 -71.20
N PRO J 117 -38.55 -5.19 -72.24
CA PRO J 117 -38.14 -5.20 -73.64
C PRO J 117 -37.73 -3.81 -74.15
N PRO J 118 -37.03 -3.72 -75.30
CA PRO J 118 -36.59 -2.45 -75.88
C PRO J 118 -37.75 -1.57 -76.36
N SER J 119 -37.52 -0.26 -76.39
CA SER J 119 -38.40 0.75 -76.99
C SER J 119 -38.38 0.68 -78.53
N ASP J 120 -39.31 1.39 -79.19
CA ASP J 120 -39.26 1.62 -80.64
C ASP J 120 -38.06 2.51 -81.06
N GLU J 121 -37.50 3.29 -80.13
CA GLU J 121 -36.33 4.17 -80.32
C GLU J 121 -34.98 3.42 -80.26
N GLN J 122 -34.82 2.46 -79.35
CA GLN J 122 -33.53 1.84 -79.04
C GLN J 122 -32.92 1.05 -80.20
N LEU J 123 -33.75 0.32 -80.95
CA LEU J 123 -33.34 -0.62 -82.01
C LEU J 123 -32.64 0.05 -83.21
N LYS J 124 -32.72 1.39 -83.33
CA LYS J 124 -31.99 2.19 -84.32
C LYS J 124 -30.46 2.14 -84.15
N SER J 125 -29.97 1.75 -82.97
CA SER J 125 -28.54 1.80 -82.60
C SER J 125 -27.71 0.54 -82.95
N GLY J 126 -28.30 -0.50 -83.52
CA GLY J 126 -27.60 -1.74 -83.92
C GLY J 126 -27.42 -2.79 -82.82
N THR J 127 -27.61 -2.42 -81.55
CA THR J 127 -27.62 -3.33 -80.38
C THR J 127 -28.75 -2.96 -79.42
N ALA J 128 -29.10 -3.88 -78.52
CA ALA J 128 -30.19 -3.74 -77.58
C ALA J 128 -29.80 -4.26 -76.19
N SER J 129 -30.51 -3.80 -75.17
CA SER J 129 -30.31 -4.13 -73.76
C SER J 129 -31.65 -4.64 -73.21
N VAL J 130 -31.98 -5.90 -73.49
CA VAL J 130 -33.21 -6.53 -72.98
C VAL J 130 -33.00 -7.01 -71.53
N VAL J 131 -34.02 -6.86 -70.70
CA VAL J 131 -33.87 -6.86 -69.26
C VAL J 131 -34.98 -7.68 -68.62
N CYS J 132 -34.76 -8.18 -67.42
CA CYS J 132 -35.74 -8.97 -66.70
C CYS J 132 -35.70 -8.59 -65.21
N LEU J 133 -36.81 -8.06 -64.72
CA LEU J 133 -36.95 -7.51 -63.37
C LEU J 133 -37.63 -8.54 -62.46
N LEU J 134 -37.00 -8.83 -61.31
CA LEU J 134 -37.49 -9.78 -60.32
C LEU J 134 -37.94 -9.01 -59.09
N ASN J 135 -39.20 -9.15 -58.72
CA ASN J 135 -39.82 -8.25 -57.75
C ASN J 135 -40.73 -9.02 -56.79
N ASN J 136 -40.97 -8.48 -55.60
CA ASN J 136 -41.79 -9.07 -54.54
C ASN J 136 -41.23 -10.38 -53.90
N PHE J 137 -40.09 -10.89 -54.34
CA PHE J 137 -39.54 -12.19 -53.90
C PHE J 137 -38.97 -12.20 -52.47
N TYR J 138 -38.70 -13.40 -51.95
CA TYR J 138 -38.19 -13.63 -50.59
C TYR J 138 -37.67 -15.08 -50.40
N PRO J 139 -36.83 -15.40 -49.40
CA PRO J 139 -35.86 -14.52 -48.74
C PRO J 139 -34.57 -14.50 -49.60
N ARG J 140 -33.86 -13.37 -49.62
CA ARG J 140 -32.92 -13.01 -50.71
C ARG J 140 -31.93 -14.13 -51.07
N GLU J 141 -31.97 -14.55 -52.33
CA GLU J 141 -31.25 -15.75 -52.81
C GLU J 141 -31.94 -16.46 -53.98
N ALA J 142 -32.40 -15.72 -54.99
CA ALA J 142 -32.78 -16.28 -56.30
C ALA J 142 -31.56 -16.41 -57.23
N LYS J 143 -31.77 -16.91 -58.45
CA LYS J 143 -30.84 -16.76 -59.59
C LYS J 143 -31.61 -16.65 -60.91
N VAL J 144 -31.03 -15.99 -61.90
CA VAL J 144 -31.60 -15.81 -63.25
C VAL J 144 -30.75 -16.51 -64.29
N GLN J 145 -31.37 -17.15 -65.27
CA GLN J 145 -30.71 -17.78 -66.43
C GLN J 145 -31.34 -17.30 -67.74
N TRP J 146 -30.52 -17.01 -68.76
CA TRP J 146 -30.97 -16.43 -70.03
C TRP J 146 -30.95 -17.43 -71.18
N LYS J 147 -32.01 -17.39 -72.00
CA LYS J 147 -32.24 -18.21 -73.20
C LYS J 147 -32.48 -17.32 -74.42
N VAL J 148 -32.24 -17.86 -75.62
CA VAL J 148 -32.30 -17.16 -76.92
C VAL J 148 -31.60 -15.80 -76.89
N SER J 154 -26.10 -16.50 -74.06
CA SER J 154 -25.60 -16.87 -72.73
C SER J 154 -24.43 -16.00 -72.25
N GLY J 155 -23.78 -15.27 -73.16
CA GLY J 155 -22.71 -14.32 -72.88
C GLY J 155 -23.21 -12.90 -72.59
N ASN J 156 -22.35 -12.07 -71.98
CA ASN J 156 -22.64 -10.67 -71.61
C ASN J 156 -23.87 -10.50 -70.69
N SER J 157 -24.13 -11.47 -69.83
CA SER J 157 -25.13 -11.39 -68.75
C SER J 157 -24.62 -10.52 -67.58
N GLN J 158 -25.48 -9.69 -67.01
CA GLN J 158 -25.20 -8.90 -65.79
C GLN J 158 -26.42 -8.90 -64.87
N GLU J 159 -26.23 -8.92 -63.55
CA GLU J 159 -27.34 -8.87 -62.58
C GLU J 159 -26.96 -8.25 -61.24
N SER J 160 -27.95 -7.72 -60.53
CA SER J 160 -27.79 -6.93 -59.31
C SER J 160 -29.03 -7.03 -58.41
N VAL J 161 -28.87 -6.80 -57.11
CA VAL J 161 -29.89 -7.05 -56.08
C VAL J 161 -29.93 -5.91 -55.07
N THR J 162 -31.11 -5.56 -54.56
CA THR J 162 -31.29 -4.44 -53.62
C THR J 162 -32.24 -4.80 -52.48
N GLU J 163 -32.22 -3.93 -51.47
CA GLU J 163 -32.82 -4.11 -50.16
C GLU J 163 -34.35 -4.26 -50.15
N GLN J 164 -34.87 -4.50 -48.95
CA GLN J 164 -36.28 -4.63 -48.62
C GLN J 164 -37.15 -3.48 -49.20
N ASP J 165 -38.38 -3.78 -49.60
CA ASP J 165 -39.40 -2.77 -49.92
C ASP J 165 -40.00 -2.10 -48.67
N SER J 166 -40.44 -0.84 -48.80
CA SER J 166 -40.85 0.04 -47.70
C SER J 166 -42.22 -0.24 -47.05
N LYS J 167 -43.03 -1.19 -47.54
CA LYS J 167 -44.39 -1.47 -47.02
C LYS J 167 -44.69 -2.95 -46.73
N ASP J 168 -43.97 -3.88 -47.34
CA ASP J 168 -44.08 -5.33 -47.14
C ASP J 168 -42.70 -6.00 -46.88
N SER J 169 -41.58 -5.28 -47.05
CA SER J 169 -40.21 -5.79 -46.82
C SER J 169 -39.77 -6.97 -47.70
N THR J 170 -40.45 -7.24 -48.82
CA THR J 170 -39.97 -8.13 -49.89
C THR J 170 -38.69 -7.58 -50.56
N TYR J 171 -37.99 -8.35 -51.41
CA TYR J 171 -36.81 -7.86 -52.13
C TYR J 171 -37.07 -7.47 -53.60
N SER J 172 -36.12 -6.80 -54.24
CA SER J 172 -36.06 -6.56 -55.69
C SER J 172 -34.68 -6.96 -56.25
N LEU J 173 -34.68 -7.46 -57.48
CA LEU J 173 -33.53 -7.94 -58.23
C LEU J 173 -33.69 -7.52 -59.69
N SER J 174 -32.62 -7.39 -60.45
CA SER J 174 -32.70 -7.06 -61.86
C SER J 174 -31.57 -7.70 -62.65
N SER J 175 -31.77 -7.93 -63.94
CA SER J 175 -30.82 -8.64 -64.78
C SER J 175 -30.89 -8.20 -66.23
N THR J 176 -29.80 -8.37 -66.97
CA THR J 176 -29.57 -7.81 -68.30
C THR J 176 -29.02 -8.85 -69.25
N LEU J 177 -29.52 -8.84 -70.48
CA LEU J 177 -28.86 -9.43 -71.64
C LEU J 177 -28.63 -8.33 -72.68
N THR J 178 -27.38 -8.16 -73.11
CA THR J 178 -27.02 -7.20 -74.17
C THR J 178 -26.79 -7.96 -75.47
N LEU J 179 -27.43 -7.49 -76.55
CA LEU J 179 -27.80 -8.33 -77.69
C LEU J 179 -27.76 -7.53 -79.00
N SER J 180 -27.66 -8.18 -80.17
CA SER J 180 -27.48 -7.48 -81.44
C SER J 180 -28.77 -7.40 -82.28
N LYS J 181 -28.83 -6.47 -83.25
CA LYS J 181 -29.91 -6.47 -84.26
C LYS J 181 -29.94 -7.74 -85.13
N ALA J 182 -28.84 -8.50 -85.18
CA ALA J 182 -28.78 -9.78 -85.87
C ALA J 182 -29.40 -10.96 -85.09
N ASP J 183 -29.65 -10.83 -83.78
CA ASP J 183 -30.18 -11.93 -82.96
C ASP J 183 -31.29 -11.59 -81.95
N TYR J 184 -31.66 -10.32 -81.76
CA TYR J 184 -32.83 -9.96 -80.94
C TYR J 184 -34.17 -10.48 -81.49
N GLU J 185 -34.40 -10.35 -82.79
CA GLU J 185 -35.71 -10.64 -83.41
C GLU J 185 -35.97 -12.14 -83.69
N LYS J 186 -35.09 -13.04 -83.23
CA LYS J 186 -35.22 -14.50 -83.40
C LYS J 186 -36.46 -15.05 -82.69
N ALA J 191 -35.62 -15.25 -73.56
CA ALA J 191 -36.40 -15.42 -72.35
C ALA J 191 -35.53 -15.57 -71.09
N CYS J 192 -36.02 -15.06 -69.96
CA CYS J 192 -35.40 -15.22 -68.63
C CYS J 192 -36.17 -16.24 -67.80
N GLU J 193 -35.47 -17.16 -67.14
CA GLU J 193 -36.02 -18.13 -66.19
C GLU J 193 -35.36 -18.02 -64.82
N VAL J 194 -36.10 -18.30 -63.74
CA VAL J 194 -35.59 -18.13 -62.37
C VAL J 194 -35.66 -19.40 -61.52
N THR J 195 -34.50 -19.89 -61.09
CA THR J 195 -34.42 -21.04 -60.16
C THR J 195 -34.52 -20.55 -58.72
N HIS J 196 -35.64 -19.93 -58.37
CA HIS J 196 -35.98 -19.70 -56.97
C HIS J 196 -36.51 -20.99 -56.33
N GLN J 197 -35.87 -21.47 -55.27
CA GLN J 197 -36.23 -22.73 -54.60
C GLN J 197 -37.50 -22.70 -53.72
N GLY J 198 -38.08 -21.52 -53.45
CA GLY J 198 -39.30 -21.35 -52.65
C GLY J 198 -40.60 -21.54 -53.44
N LEU J 199 -40.53 -21.62 -54.76
CA LEU J 199 -41.60 -22.09 -55.64
C LEU J 199 -41.92 -23.58 -55.44
N SER J 200 -42.99 -24.06 -56.08
CA SER J 200 -43.15 -25.48 -56.43
C SER J 200 -42.24 -25.88 -57.61
N SER J 201 -42.19 -25.08 -58.67
CA SER J 201 -41.21 -25.14 -59.77
C SER J 201 -41.01 -23.75 -60.42
N PRO J 202 -39.86 -23.47 -61.07
CA PRO J 202 -39.51 -22.18 -61.70
C PRO J 202 -40.57 -21.50 -62.59
N VAL J 203 -40.38 -20.20 -62.84
CA VAL J 203 -41.18 -19.41 -63.81
C VAL J 203 -40.31 -18.74 -64.87
N THR J 204 -40.88 -18.54 -66.05
CA THR J 204 -40.20 -18.03 -67.26
C THR J 204 -41.10 -17.05 -68.01
N LYS J 205 -40.55 -15.99 -68.62
CA LYS J 205 -41.23 -15.28 -69.72
C LYS J 205 -40.27 -14.68 -70.75
N SER J 206 -40.81 -14.51 -71.96
CA SER J 206 -40.10 -14.11 -73.18
C SER J 206 -40.38 -12.66 -73.58
N PHE J 207 -39.35 -11.95 -74.03
CA PHE J 207 -39.47 -10.59 -74.58
C PHE J 207 -40.27 -10.57 -75.88
#